data_4L23
#
_entry.id   4L23
#
_cell.length_a   71.628
_cell.length_b   136.377
_cell.length_c   151.487
_cell.angle_alpha   90.000
_cell.angle_beta   90.000
_cell.angle_gamma   90.000
#
_symmetry.space_group_name_H-M   'P 21 21 21'
#
loop_
_entity.id
_entity.type
_entity.pdbx_description
1 polymer 'Phosphatidylinositol 4,5-bisphosphate 3-kinase catalytic subunit alpha isoform'
2 polymer 'Phosphatidylinositol 3-kinase regulatory subunit alpha'
3 non-polymer "3-(4-MORPHOLIN-4-YLPYRIDO[3',2':4,5]FURO[3,2-D]PYRIMIDIN-2-YL)PHENOL"
4 non-polymer 'SULFATE ION'
5 non-polymer GLYCEROL
6 water water
#
loop_
_entity_poly.entity_id
_entity_poly.type
_entity_poly.pdbx_seq_one_letter_code
_entity_poly.pdbx_strand_id
1 'polypeptide(L)'
;MPPRPSSGELWGIHLMPPRILVECLLPNGMIVTLECLREATLITIKHELFKEARKYPLHQLLQDESSYIFVSVTQEAERE
EFFDETRRLCDLRLFQPFLKVIEPVGNREEKILNREIGFAIGMPVCEFDMVKDPEVQDFRRNILNVCKEAVDLRDLNSPH
SRAMYVYPPNVESSPELPKHIYNKLDKGQIIVVIWVIVSPNNDKQKYTLKINHDCVPEQVIAEAIRKKTRSMLLSSEQLK
LCVLEYQGKYILKVCGCDEYFLEKYPLSQYKYIRSCIMLGRMPNLMLMAKESLYSQLPMDCFTMPSYSRRISTATPYMNG
ETSTKSLWVINSALRIKILCATYVNVNIRDIDKIYVRTGIYHGGEPLCDNVNTQRVPCSNPRWNEWLNYDIYIPDLPRAA
RLCLSICSVKGRKGAKEEHCPLAWGNINLFDYTDTLVSGKMALNLWPVPHGLEDLLNPIGVTGSNPNKETPCLELEFDWF
SSVVKFPDMSVIEEHANWSVSREAGFSYSHAGLSNRLARDNELRENDKEQLKAISTRDPLSEITEQEKDFLWSHRHYCVT
IPEILPKLLLSVKWNSRDEVAQMYCLVKDWPPIKPEQAMELLDCNYPDPMVRGFAVRCLEKYLTDDKLSQYLIQLVQVLK
YEQYLDNLLVRFLLKKALTNQRIGHFFFWHLKSEMHNKTVSQRFGLLLESYCRACGMYLKHLNRQVEAMEKLINLTDILK
QEKKDETQKVQMKFLVEQMRRPDFMDALQGFLSPLNPAHQLGNLRLEECRIMSSAKRPLWLNWENPDIMSELLFQNNEII
FKNGDDLRQDMLTLQIIRIMENIWQNQGLDLRMLPYGCLSIGDCVGLIEVVRNSHTIMQIQCKGGLKGALQFNSHTLHQW
LKDKNKGEIYDAAIDLFTRSCAGYCVATFILGIGDRHNSNIMVKDDGQLFHIDFGHFLDHKKKKFGYKRERVPFVLTQDF
LIVISKGAQECTKTREFERFQEMCYKAYLAIRQHANLFINLFSMMLGSGMPELQSFDDIAYIRKTLALDKTEQEALEYFM
KQMNDAHHGGWTTKMDWIFHTIKQHALN
;
A
2 'polypeptide(L)'
;MSYYHHHHHHDYDIPTTENLYFQSIAANNGMNNNMSLQDAEWYWGDISREEVNEKLRDTADGTFLVRDASTKMHGDYTLT
LRKGGNNKLIKIFHRDGKYGFSDPLTFSSVVELINHYRNESLAQYNPKLDVKLLYPVSKYQQDQVVKEDNIEAVGKKLHE
YNTQFQEKSREYDRLYEEYTRTSQEIQMKRTAIEAFNETIKIFEEQCQTQERYSKEYIEKFKREGNEKEIQRIMHNYDKL
KSRISEIIDSRRRLEEDLKKQAAEYREIDKRMNSIKPDLIQLRKTRDQYLMWLTQKGVRQKKLNEWLGNENTEDQYSLVE
DDED
;
B
#
# COMPACT_ATOMS: atom_id res chain seq x y z
N GLY A 8 -15.80 9.08 -20.28
CA GLY A 8 -15.52 9.34 -21.67
C GLY A 8 -15.43 10.82 -21.97
N GLU A 9 -15.38 11.17 -23.25
CA GLU A 9 -15.20 12.56 -23.68
C GLU A 9 -16.47 13.40 -23.51
N LEU A 10 -17.59 12.72 -23.31
CA LEU A 10 -18.83 13.36 -22.91
C LEU A 10 -19.53 12.36 -21.99
N TRP A 11 -20.53 12.82 -21.25
CA TRP A 11 -21.15 11.95 -20.24
C TRP A 11 -21.97 10.82 -20.86
N GLY A 12 -21.71 9.60 -20.39
CA GLY A 12 -22.36 8.42 -20.91
C GLY A 12 -21.65 7.92 -22.15
N ILE A 13 -20.86 8.80 -22.76
CA ILE A 13 -20.11 8.46 -23.95
C ILE A 13 -18.82 7.73 -23.55
N HIS A 14 -18.38 6.83 -24.42
CA HIS A 14 -17.02 6.33 -24.34
C HIS A 14 -16.22 7.18 -25.31
N LEU A 15 -16.83 7.45 -26.46
CA LEU A 15 -16.21 8.27 -27.51
C LEU A 15 -17.28 9.14 -28.16
N MET A 16 -16.95 10.42 -28.37
CA MET A 16 -17.88 11.34 -29.02
C MET A 16 -17.80 11.22 -30.54
N PRO A 17 -18.97 11.15 -31.20
CA PRO A 17 -19.10 11.13 -32.66
C PRO A 17 -18.47 12.37 -33.31
N PRO A 18 -17.94 12.23 -34.53
CA PRO A 18 -17.09 13.23 -35.19
C PRO A 18 -17.67 14.64 -35.20
N ARG A 19 -18.98 14.75 -35.39
CA ARG A 19 -19.66 16.04 -35.40
C ARG A 19 -20.73 16.09 -34.31
N ILE A 20 -20.85 17.22 -33.64
CA ILE A 20 -21.76 17.35 -32.51
C ILE A 20 -22.25 18.78 -32.32
N LEU A 21 -23.39 18.94 -31.67
CA LEU A 21 -24.00 20.24 -31.46
C LEU A 21 -23.71 20.82 -30.08
N VAL A 22 -23.36 22.10 -30.04
CA VAL A 22 -23.02 22.76 -28.80
C VAL A 22 -23.91 23.97 -28.52
N GLU A 23 -24.68 23.87 -27.44
CA GLU A 23 -25.47 25.00 -26.96
C GLU A 23 -24.53 26.06 -26.41
N CYS A 24 -24.68 27.29 -26.87
CA CYS A 24 -23.78 28.35 -26.45
C CYS A 24 -24.54 29.47 -25.77
N LEU A 25 -24.13 29.79 -24.55
CA LEU A 25 -24.87 30.73 -23.73
C LEU A 25 -24.18 32.09 -23.69
N LEU A 26 -24.73 33.04 -24.44
CA LEU A 26 -24.14 34.35 -24.61
C LEU A 26 -24.49 35.27 -23.46
N PRO A 27 -23.60 36.22 -23.14
CA PRO A 27 -23.84 37.18 -22.06
C PRO A 27 -24.96 38.17 -22.37
N ASN A 28 -25.44 38.21 -23.61
CA ASN A 28 -26.57 39.05 -23.93
C ASN A 28 -27.88 38.37 -23.52
N GLY A 29 -27.78 37.09 -23.18
CA GLY A 29 -28.92 36.32 -22.73
C GLY A 29 -29.46 35.37 -23.78
N MET A 30 -28.77 35.29 -24.91
CA MET A 30 -29.21 34.45 -26.01
C MET A 30 -28.56 33.08 -25.97
N ILE A 31 -29.01 32.20 -26.85
CA ILE A 31 -28.50 30.83 -26.88
C ILE A 31 -28.44 30.31 -28.31
N VAL A 32 -27.25 29.83 -28.70
CA VAL A 32 -26.97 29.49 -30.09
C VAL A 32 -26.38 28.09 -30.25
N THR A 33 -27.12 27.21 -30.92
CA THR A 33 -26.61 25.87 -31.23
C THR A 33 -25.58 25.98 -32.35
N LEU A 34 -24.61 25.08 -32.36
CA LEU A 34 -23.55 25.15 -33.37
C LEU A 34 -23.02 23.79 -33.80
N GLU A 35 -22.69 23.68 -35.07
CA GLU A 35 -22.01 22.53 -35.62
C GLU A 35 -20.55 22.57 -35.19
N CYS A 36 -20.03 21.44 -34.72
CA CYS A 36 -18.65 21.36 -34.25
C CYS A 36 -18.05 19.98 -34.48
N LEU A 37 -16.80 19.94 -34.91
CA LEU A 37 -16.08 18.68 -35.04
C LEU A 37 -15.44 18.30 -33.73
N ARG A 38 -15.43 17.00 -33.41
CA ARG A 38 -14.85 16.53 -32.16
C ARG A 38 -13.36 16.81 -32.07
N GLU A 39 -12.76 17.23 -33.19
CA GLU A 39 -11.36 17.60 -33.25
C GLU A 39 -11.14 19.07 -32.88
N ALA A 40 -12.16 19.88 -33.12
CA ALA A 40 -12.05 21.34 -33.06
C ALA A 40 -11.47 21.88 -31.76
N THR A 41 -10.82 23.04 -31.88
CA THR A 41 -10.28 23.75 -30.73
C THR A 41 -11.19 24.92 -30.38
N LEU A 42 -11.13 25.36 -29.13
CA LEU A 42 -12.03 26.39 -28.65
C LEU A 42 -11.86 27.72 -29.37
N ILE A 43 -10.62 28.01 -29.76
CA ILE A 43 -10.29 29.26 -30.45
C ILE A 43 -11.15 29.46 -31.70
N THR A 44 -11.17 28.48 -32.60
CA THR A 44 -11.95 28.60 -33.83
C THR A 44 -13.44 28.46 -33.54
N ILE A 45 -13.77 27.68 -32.50
CA ILE A 45 -15.15 27.52 -32.08
C ILE A 45 -15.76 28.87 -31.74
N LYS A 46 -14.99 29.66 -30.99
CA LYS A 46 -15.37 31.03 -30.67
C LYS A 46 -15.52 31.82 -31.96
N HIS A 47 -14.64 31.56 -32.91
CA HIS A 47 -14.61 32.25 -34.19
C HIS A 47 -15.77 31.82 -35.09
N GLU A 48 -16.07 30.53 -35.08
CA GLU A 48 -17.23 30.01 -35.79
C GLU A 48 -18.53 30.41 -35.10
N LEU A 49 -18.42 30.99 -33.91
CA LEU A 49 -19.58 31.30 -33.08
C LEU A 49 -20.09 32.72 -33.27
N PHE A 50 -19.25 33.70 -32.90
CA PHE A 50 -19.59 35.11 -33.06
C PHE A 50 -19.89 35.44 -34.51
N LYS A 51 -19.47 34.54 -35.40
CA LYS A 51 -19.86 34.59 -36.79
C LYS A 51 -21.37 34.39 -36.89
N GLU A 52 -21.88 33.38 -36.19
CA GLU A 52 -23.29 33.04 -36.23
C GLU A 52 -24.09 33.82 -35.19
N ALA A 53 -23.38 34.42 -34.24
CA ALA A 53 -24.04 35.15 -33.16
C ALA A 53 -24.79 36.38 -33.66
N ARG A 54 -24.31 36.96 -34.77
CA ARG A 54 -24.92 38.17 -35.33
C ARG A 54 -26.32 37.92 -35.89
N LYS A 55 -26.53 36.71 -36.42
CA LYS A 55 -27.84 36.34 -36.96
C LYS A 55 -28.91 36.44 -35.88
N TYR A 56 -28.58 35.93 -34.71
CA TYR A 56 -29.46 35.95 -33.54
C TYR A 56 -29.58 37.35 -32.97
N PRO A 57 -30.65 37.62 -32.20
CA PRO A 57 -30.89 38.96 -31.67
C PRO A 57 -29.82 39.51 -30.73
N LEU A 58 -29.90 40.80 -30.45
CA LEU A 58 -29.09 41.47 -29.44
C LEU A 58 -27.57 41.41 -29.64
N HIS A 59 -27.15 40.81 -30.75
CA HIS A 59 -25.73 40.64 -31.06
C HIS A 59 -24.99 41.98 -31.20
N GLN A 60 -25.75 43.07 -31.19
CA GLN A 60 -25.18 44.40 -31.11
C GLN A 60 -24.36 44.52 -29.83
N LEU A 61 -24.88 43.95 -28.75
CA LEU A 61 -24.26 44.09 -27.43
C LEU A 61 -23.11 43.13 -27.21
N LEU A 62 -22.92 42.18 -28.12
CA LEU A 62 -21.79 41.27 -28.03
C LEU A 62 -20.52 41.99 -28.44
N GLN A 63 -19.50 41.92 -27.59
CA GLN A 63 -18.20 42.49 -27.92
C GLN A 63 -17.46 41.52 -28.83
N ASP A 64 -16.21 41.83 -29.14
CA ASP A 64 -15.38 40.95 -29.95
C ASP A 64 -15.11 39.66 -29.19
N GLU A 65 -14.68 38.63 -29.92
CA GLU A 65 -14.32 37.34 -29.32
C GLU A 65 -13.13 37.49 -28.37
N SER A 66 -12.49 38.66 -28.40
CA SER A 66 -11.31 38.94 -27.60
C SER A 66 -11.56 38.83 -26.09
N SER A 67 -12.51 39.60 -25.58
CA SER A 67 -12.69 39.72 -24.14
C SER A 67 -13.57 38.65 -23.49
N TYR A 68 -13.97 37.62 -24.25
CA TYR A 68 -14.85 36.58 -23.72
C TYR A 68 -14.16 35.21 -23.59
N ILE A 69 -14.46 34.50 -22.50
CA ILE A 69 -13.88 33.18 -22.26
C ILE A 69 -14.98 32.11 -22.15
N PHE A 70 -14.65 30.86 -22.46
CA PHE A 70 -15.60 29.77 -22.37
C PHE A 70 -15.59 29.09 -21.00
N VAL A 71 -16.77 28.73 -20.53
CA VAL A 71 -16.93 28.09 -19.22
C VAL A 71 -17.97 26.98 -19.34
N SER A 72 -17.73 25.84 -18.70
CA SER A 72 -18.71 24.76 -18.72
C SER A 72 -18.65 23.93 -17.44
N VAL A 73 -19.29 22.77 -17.47
CA VAL A 73 -19.25 21.83 -16.36
C VAL A 73 -18.55 20.54 -16.78
N THR A 74 -17.67 20.03 -15.91
CA THR A 74 -16.92 18.81 -16.23
C THR A 74 -17.61 17.54 -15.78
N GLN A 75 -16.97 16.40 -16.06
CA GLN A 75 -17.47 15.10 -15.61
C GLN A 75 -17.48 15.07 -14.09
N GLU A 76 -16.60 15.87 -13.50
CA GLU A 76 -16.44 15.90 -12.06
C GLU A 76 -17.33 16.93 -11.38
N ALA A 77 -18.29 17.45 -12.13
CA ALA A 77 -19.26 18.42 -11.64
C ALA A 77 -18.65 19.77 -11.26
N GLU A 78 -17.50 20.10 -11.85
CA GLU A 78 -16.86 21.39 -11.58
C GLU A 78 -17.16 22.41 -12.68
N ARG A 79 -17.34 23.66 -12.27
CA ARG A 79 -17.51 24.75 -13.22
C ARG A 79 -16.12 25.21 -13.66
N GLU A 80 -15.74 24.86 -14.89
CA GLU A 80 -14.36 25.09 -15.32
C GLU A 80 -14.22 26.09 -16.48
N GLU A 81 -13.52 27.18 -16.21
CA GLU A 81 -13.19 28.15 -17.25
C GLU A 81 -11.94 27.69 -18.03
N PHE A 82 -12.06 27.69 -19.36
CA PHE A 82 -10.97 27.26 -20.22
C PHE A 82 -10.17 28.45 -20.71
N PHE A 83 -9.01 28.69 -20.10
CA PHE A 83 -8.15 29.81 -20.48
C PHE A 83 -7.26 29.47 -21.67
N ASP A 84 -6.75 28.25 -21.72
CA ASP A 84 -5.98 27.76 -22.86
C ASP A 84 -6.96 27.29 -23.94
N GLU A 85 -7.06 28.06 -25.02
CA GLU A 85 -8.09 27.79 -26.02
C GLU A 85 -7.57 26.94 -27.18
N THR A 86 -6.37 26.39 -27.02
CA THR A 86 -5.78 25.51 -28.02
C THR A 86 -6.18 24.06 -27.79
N ARG A 87 -7.07 23.84 -26.83
CA ARG A 87 -7.46 22.51 -26.44
C ARG A 87 -8.45 21.88 -27.42
N ARG A 88 -8.24 20.61 -27.73
CA ARG A 88 -9.20 19.87 -28.53
C ARG A 88 -10.51 19.73 -27.75
N LEU A 89 -11.63 19.95 -28.43
CA LEU A 89 -12.95 19.84 -27.82
C LEU A 89 -13.15 18.49 -27.13
N CYS A 90 -12.61 17.44 -27.74
CA CYS A 90 -12.74 16.09 -27.20
C CYS A 90 -11.97 15.93 -25.89
N ASP A 91 -11.05 16.85 -25.62
CA ASP A 91 -10.16 16.74 -24.47
C ASP A 91 -10.61 17.55 -23.25
N LEU A 92 -11.70 18.30 -23.37
CA LEU A 92 -12.15 19.17 -22.30
C LEU A 92 -12.85 18.40 -21.18
N ARG A 93 -13.28 17.19 -21.50
CA ARG A 93 -14.06 16.36 -20.57
C ARG A 93 -15.33 17.04 -20.07
N LEU A 94 -16.09 17.63 -21.00
CA LEU A 94 -17.34 18.28 -20.65
C LEU A 94 -18.36 17.27 -20.16
N PHE A 95 -19.24 17.69 -19.27
CA PHE A 95 -20.35 16.83 -18.84
C PHE A 95 -21.35 16.77 -19.99
N GLN A 96 -21.75 17.95 -20.48
CA GLN A 96 -22.67 18.04 -21.60
C GLN A 96 -22.21 19.12 -22.58
N PRO A 97 -22.56 18.96 -23.86
CA PRO A 97 -22.07 19.90 -24.87
C PRO A 97 -22.69 21.28 -24.78
N PHE A 98 -22.31 22.06 -23.77
CA PHE A 98 -22.65 23.48 -23.74
C PHE A 98 -21.46 24.29 -23.26
N LEU A 99 -21.35 25.52 -23.78
CA LEU A 99 -20.32 26.45 -23.31
C LEU A 99 -20.97 27.77 -22.96
N LYS A 100 -20.59 28.31 -21.81
CA LYS A 100 -21.02 29.66 -21.46
C LYS A 100 -19.87 30.63 -21.71
N VAL A 101 -20.17 31.70 -22.43
CA VAL A 101 -19.16 32.72 -22.69
C VAL A 101 -19.29 33.88 -21.69
N ILE A 102 -18.17 34.21 -21.06
CA ILE A 102 -18.11 35.30 -20.09
C ILE A 102 -16.76 36.01 -20.23
N GLU A 103 -16.68 37.22 -19.66
CA GLU A 103 -15.39 37.89 -19.53
C GLU A 103 -14.76 37.41 -18.22
N PRO A 104 -13.59 36.78 -18.30
CA PRO A 104 -12.99 36.14 -17.13
C PRO A 104 -12.59 37.15 -16.05
N VAL A 105 -12.78 36.76 -14.78
CA VAL A 105 -12.42 37.61 -13.66
C VAL A 105 -11.60 36.83 -12.63
N GLY A 106 -10.78 37.52 -11.84
CA GLY A 106 -9.95 36.89 -10.84
C GLY A 106 -8.52 36.61 -11.28
N ASN A 107 -7.78 35.91 -10.43
CA ASN A 107 -6.38 35.56 -10.67
C ASN A 107 -6.22 34.41 -11.66
N ARG A 108 -5.99 34.75 -12.93
CA ARG A 108 -5.89 33.73 -13.99
C ARG A 108 -4.82 32.65 -13.78
N GLU A 109 -3.58 33.05 -13.52
CA GLU A 109 -2.49 32.07 -13.37
C GLU A 109 -2.74 31.06 -12.26
N GLU A 110 -3.28 31.51 -11.14
CA GLU A 110 -3.57 30.60 -10.03
C GLU A 110 -4.72 29.65 -10.35
N LYS A 111 -5.65 30.11 -11.19
CA LYS A 111 -6.78 29.26 -11.58
C LYS A 111 -6.31 28.16 -12.51
N ILE A 112 -5.31 28.49 -13.33
CA ILE A 112 -4.70 27.52 -14.23
C ILE A 112 -4.01 26.44 -13.44
N LEU A 113 -3.23 26.85 -12.45
CA LEU A 113 -2.50 25.92 -11.60
C LEU A 113 -3.48 25.01 -10.88
N ASN A 114 -4.53 25.60 -10.32
CA ASN A 114 -5.55 24.86 -9.57
C ASN A 114 -6.22 23.77 -10.40
N ARG A 115 -6.52 24.07 -11.66
CA ARG A 115 -7.09 23.09 -12.56
C ARG A 115 -6.07 22.01 -12.93
N GLU A 116 -4.81 22.41 -13.04
CA GLU A 116 -3.74 21.46 -13.37
C GLU A 116 -3.47 20.51 -12.21
N ILE A 117 -3.61 21.01 -10.99
CA ILE A 117 -3.42 20.18 -9.81
C ILE A 117 -4.57 19.19 -9.70
N GLY A 118 -5.79 19.68 -9.90
CA GLY A 118 -6.97 18.83 -9.87
C GLY A 118 -6.90 17.68 -10.85
N PHE A 119 -6.41 17.95 -12.06
CA PHE A 119 -6.26 16.91 -13.07
C PHE A 119 -5.23 15.88 -12.63
N ALA A 120 -4.15 16.35 -12.01
CA ALA A 120 -3.13 15.46 -11.49
C ALA A 120 -3.72 14.65 -10.36
N ILE A 121 -4.51 15.32 -9.53
CA ILE A 121 -4.97 14.74 -8.28
C ILE A 121 -6.10 13.73 -8.54
N GLY A 122 -6.93 14.02 -9.53
CA GLY A 122 -8.06 13.16 -9.83
C GLY A 122 -9.32 13.67 -9.18
N MET A 123 -9.18 14.77 -8.47
CA MET A 123 -10.33 15.46 -7.89
C MET A 123 -10.12 16.97 -7.92
N PRO A 124 -11.20 17.73 -8.17
CA PRO A 124 -11.20 19.19 -8.22
C PRO A 124 -10.80 19.78 -6.87
N VAL A 125 -9.79 20.65 -6.87
CA VAL A 125 -9.21 21.18 -5.64
C VAL A 125 -10.19 22.00 -4.81
N CYS A 126 -11.25 22.51 -5.43
CA CYS A 126 -12.21 23.36 -4.75
C CYS A 126 -13.05 22.59 -3.73
N GLU A 127 -13.06 21.27 -3.86
CA GLU A 127 -13.82 20.41 -2.97
C GLU A 127 -13.27 20.48 -1.54
N PHE A 128 -11.98 20.78 -1.44
CA PHE A 128 -11.32 20.98 -0.16
C PHE A 128 -11.82 22.26 0.52
N ASP A 129 -12.10 23.28 -0.29
CA ASP A 129 -12.54 24.58 0.21
C ASP A 129 -13.80 24.46 1.04
N MET A 130 -14.67 23.53 0.65
CA MET A 130 -15.95 23.34 1.31
C MET A 130 -15.81 22.73 2.70
N VAL A 131 -14.82 21.87 2.86
CA VAL A 131 -14.65 21.06 4.06
C VAL A 131 -14.72 21.83 5.37
N LYS A 132 -15.69 21.46 6.20
CA LYS A 132 -15.93 22.10 7.49
C LYS A 132 -14.88 21.75 8.53
N ASP A 133 -14.40 20.51 8.47
CA ASP A 133 -13.43 20.00 9.45
C ASP A 133 -12.20 20.91 9.55
N PRO A 134 -12.01 21.54 10.73
CA PRO A 134 -10.90 22.45 10.97
C PRO A 134 -9.52 21.80 10.88
N GLU A 135 -9.44 20.48 11.10
CA GLU A 135 -8.18 19.78 10.95
C GLU A 135 -7.74 19.80 9.49
N VAL A 136 -8.71 19.72 8.59
CA VAL A 136 -8.43 19.73 7.16
C VAL A 136 -7.89 21.07 6.70
N GLN A 137 -8.61 22.14 7.04
CA GLN A 137 -8.21 23.49 6.69
C GLN A 137 -6.87 23.86 7.33
N ASP A 138 -6.64 23.34 8.54
CA ASP A 138 -5.36 23.55 9.21
C ASP A 138 -4.23 22.84 8.47
N PHE A 139 -4.49 21.62 8.01
CA PHE A 139 -3.49 20.90 7.22
C PHE A 139 -3.21 21.70 5.97
N ARG A 140 -4.27 22.01 5.22
CA ARG A 140 -4.21 22.86 4.04
C ARG A 140 -3.24 24.03 4.21
N ARG A 141 -3.35 24.73 5.34
CA ARG A 141 -2.52 25.89 5.59
C ARG A 141 -1.10 25.57 6.09
N ASN A 142 -1.03 24.89 7.23
CA ASN A 142 0.25 24.64 7.92
C ASN A 142 1.27 23.83 7.11
N ILE A 143 0.78 22.94 6.25
CA ILE A 143 1.66 22.10 5.45
C ILE A 143 2.53 22.93 4.50
N LEU A 144 2.08 24.14 4.19
CA LEU A 144 2.74 24.98 3.21
C LEU A 144 4.14 25.36 3.66
N ASN A 145 4.33 25.45 4.97
CA ASN A 145 5.63 25.73 5.56
C ASN A 145 6.67 24.73 5.10
N VAL A 146 6.25 23.48 4.94
CA VAL A 146 7.12 22.41 4.46
C VAL A 146 7.49 22.67 3.00
N CYS A 147 6.50 23.09 2.22
CA CYS A 147 6.68 23.39 0.81
C CYS A 147 7.76 24.44 0.59
N LYS A 148 7.59 25.60 1.21
CA LYS A 148 8.53 26.70 1.08
C LYS A 148 9.89 26.36 1.69
N GLU A 149 9.88 25.62 2.78
CA GLU A 149 11.09 25.11 3.41
C GLU A 149 11.84 24.27 2.39
N ALA A 150 11.07 23.47 1.65
CA ALA A 150 11.65 22.58 0.65
C ALA A 150 12.11 23.31 -0.60
N VAL A 151 11.34 24.30 -1.08
CA VAL A 151 11.75 25.04 -2.27
C VAL A 151 12.97 25.92 -2.02
N ASP A 152 13.16 26.35 -0.78
CA ASP A 152 14.32 27.13 -0.40
C ASP A 152 15.57 26.26 -0.48
N LEU A 153 15.42 25.00 -0.07
CA LEU A 153 16.53 24.06 -0.06
C LEU A 153 17.11 23.81 -1.45
N ARG A 154 16.27 23.93 -2.48
CA ARG A 154 16.71 23.67 -3.84
C ARG A 154 17.19 24.93 -4.56
N ASP A 155 17.01 26.10 -3.94
CA ASP A 155 17.51 27.35 -4.50
C ASP A 155 18.74 27.86 -3.77
N LEU A 156 19.16 27.15 -2.73
CA LEU A 156 20.27 27.56 -1.90
C LEU A 156 21.60 27.56 -2.64
N ASN A 157 21.97 26.38 -3.17
CA ASN A 157 23.28 26.17 -3.77
C ASN A 157 23.25 26.30 -5.29
N SER A 158 22.17 26.89 -5.79
CA SER A 158 21.84 26.96 -7.22
C SER A 158 22.98 27.39 -8.15
N PRO A 159 22.98 26.87 -9.39
CA PRO A 159 22.05 25.85 -9.89
C PRO A 159 22.59 24.42 -9.83
N HIS A 160 23.42 24.14 -8.82
CA HIS A 160 23.76 22.75 -8.51
C HIS A 160 22.63 22.20 -7.68
N SER A 161 22.19 22.98 -6.70
CA SER A 161 21.03 22.67 -5.89
C SER A 161 19.82 22.36 -6.75
N ARG A 162 19.68 23.09 -7.86
CA ARG A 162 18.54 22.97 -8.76
C ARG A 162 18.55 21.67 -9.55
N ALA A 163 19.71 21.34 -10.12
CA ALA A 163 19.86 20.16 -10.96
C ALA A 163 19.93 18.88 -10.15
N MET A 164 20.27 19.01 -8.87
CA MET A 164 20.33 17.86 -7.99
C MET A 164 18.93 17.46 -7.53
N TYR A 165 17.99 18.39 -7.67
CA TYR A 165 16.60 18.12 -7.38
C TYR A 165 15.95 17.39 -8.55
N VAL A 166 16.19 17.89 -9.76
CA VAL A 166 15.61 17.31 -10.96
C VAL A 166 16.33 16.03 -11.36
N TYR A 167 17.65 16.00 -11.17
CA TYR A 167 18.45 14.83 -11.53
C TYR A 167 19.30 14.30 -10.38
N PRO A 168 18.65 13.70 -9.37
CA PRO A 168 19.37 13.21 -8.20
C PRO A 168 20.31 12.07 -8.57
N PRO A 169 21.49 12.01 -7.94
CA PRO A 169 22.38 10.88 -8.21
C PRO A 169 21.76 9.57 -7.74
N ASN A 170 21.74 8.56 -8.60
CA ASN A 170 21.23 7.25 -8.23
C ASN A 170 22.37 6.37 -7.69
N VAL A 171 22.54 6.40 -6.38
CA VAL A 171 23.68 5.73 -5.76
C VAL A 171 23.28 4.68 -4.73
N GLU A 172 24.12 3.67 -4.57
CA GLU A 172 23.96 2.69 -3.50
C GLU A 172 24.18 3.43 -2.18
N SER A 173 23.78 2.81 -1.08
CA SER A 173 23.93 3.44 0.22
C SER A 173 25.39 3.52 0.65
N SER A 174 26.24 2.68 0.06
CA SER A 174 27.64 2.62 0.47
C SER A 174 28.61 2.44 -0.69
N PRO A 175 29.75 3.15 -0.62
CA PRO A 175 30.86 3.05 -1.59
C PRO A 175 31.64 1.74 -1.39
N GLU A 176 31.55 1.16 -0.20
CA GLU A 176 32.16 -0.12 0.12
C GLU A 176 31.65 -1.21 -0.82
N LEU A 177 32.58 -1.90 -1.48
CA LEU A 177 32.23 -2.91 -2.47
C LEU A 177 32.36 -4.34 -1.93
N PRO A 178 31.29 -5.14 -2.08
CA PRO A 178 31.34 -6.56 -1.73
C PRO A 178 32.45 -7.28 -2.49
N LYS A 179 33.13 -8.21 -1.83
CA LYS A 179 34.29 -8.91 -2.37
C LYS A 179 34.13 -9.39 -3.82
N HIS A 180 33.12 -10.21 -4.06
CA HIS A 180 32.89 -10.82 -5.37
C HIS A 180 32.62 -9.78 -6.45
N ILE A 181 32.14 -8.60 -6.04
CA ILE A 181 31.92 -7.50 -6.96
C ILE A 181 33.25 -6.86 -7.33
N TYR A 182 34.07 -6.60 -6.31
CA TYR A 182 35.37 -6.00 -6.53
C TYR A 182 36.26 -6.92 -7.36
N ASN A 183 36.21 -8.21 -7.05
CA ASN A 183 37.05 -9.18 -7.73
C ASN A 183 36.66 -9.42 -9.19
N LYS A 184 35.53 -8.85 -9.60
CA LYS A 184 35.15 -8.85 -11.01
C LYS A 184 35.95 -7.80 -11.76
N LEU A 185 36.40 -6.79 -11.03
CA LEU A 185 37.20 -5.72 -11.62
C LEU A 185 38.61 -6.19 -11.91
N ASP A 186 39.25 -5.52 -12.85
CA ASP A 186 40.66 -5.75 -13.13
C ASP A 186 41.51 -4.82 -12.28
N LYS A 187 42.40 -5.41 -11.47
CA LYS A 187 43.24 -4.69 -10.51
C LYS A 187 42.55 -3.50 -9.82
N GLY A 188 41.25 -3.64 -9.58
CA GLY A 188 40.46 -2.59 -8.98
C GLY A 188 40.08 -1.51 -9.96
N GLN A 189 40.15 -1.82 -11.26
CA GLN A 189 39.87 -0.84 -12.30
C GLN A 189 38.72 -1.24 -13.21
N ILE A 190 38.22 -0.28 -13.98
CA ILE A 190 37.10 -0.50 -14.88
C ILE A 190 37.26 0.22 -16.21
N ILE A 191 36.78 -0.42 -17.28
CA ILE A 191 36.76 0.19 -18.61
C ILE A 191 35.42 0.87 -18.83
N VAL A 192 35.46 2.14 -19.22
CA VAL A 192 34.23 2.90 -19.47
C VAL A 192 34.36 3.77 -20.71
N VAL A 193 33.47 3.58 -21.67
CA VAL A 193 33.47 4.37 -22.90
C VAL A 193 32.73 5.69 -22.72
N ILE A 194 33.43 6.78 -23.01
CA ILE A 194 32.82 8.10 -23.04
C ILE A 194 32.54 8.49 -24.49
N TRP A 195 31.43 9.16 -24.72
CA TRP A 195 31.05 9.60 -26.07
C TRP A 195 30.91 11.11 -26.11
N VAL A 196 30.98 11.67 -27.31
CA VAL A 196 30.64 13.08 -27.54
C VAL A 196 29.96 13.23 -28.89
N ILE A 197 29.22 14.32 -29.05
CA ILE A 197 28.70 14.70 -30.36
C ILE A 197 29.61 15.76 -30.96
N VAL A 198 30.25 15.41 -32.07
CA VAL A 198 31.19 16.34 -32.70
C VAL A 198 30.51 17.61 -33.19
N SER A 199 29.48 17.46 -34.01
CA SER A 199 28.92 18.58 -34.75
C SER A 199 27.41 18.41 -34.96
N PRO A 200 26.76 19.39 -35.60
CA PRO A 200 25.38 19.19 -36.06
C PRO A 200 25.20 17.94 -36.91
N ASN A 201 26.28 17.42 -37.48
CA ASN A 201 26.24 16.14 -38.17
C ASN A 201 25.83 15.04 -37.19
N ASN A 202 26.11 15.27 -35.91
CA ASN A 202 25.69 14.39 -34.83
C ASN A 202 26.12 12.93 -34.96
N ASP A 203 27.23 12.73 -35.65
CA ASP A 203 28.00 11.50 -35.52
C ASP A 203 28.63 11.58 -34.14
N LYS A 204 28.89 10.43 -33.51
CA LYS A 204 29.42 10.43 -32.16
C LYS A 204 30.86 9.95 -32.14
N GLN A 205 31.65 10.47 -31.20
CA GLN A 205 33.07 10.17 -31.16
C GLN A 205 33.48 9.68 -29.77
N LYS A 206 33.95 8.44 -29.71
CA LYS A 206 34.16 7.77 -28.43
C LYS A 206 35.59 7.86 -27.90
N TYR A 207 35.71 8.15 -26.61
CA TYR A 207 36.98 8.13 -25.92
C TYR A 207 36.94 7.00 -24.88
N THR A 208 37.54 5.86 -25.21
CA THR A 208 37.57 4.72 -24.28
C THR A 208 38.51 5.01 -23.11
N LEU A 209 38.18 4.49 -21.93
CA LEU A 209 38.92 4.81 -20.71
C LEU A 209 39.16 3.57 -19.86
N LYS A 210 40.27 3.59 -19.11
CA LYS A 210 40.51 2.60 -18.06
C LYS A 210 40.96 3.32 -16.79
N ILE A 211 40.09 3.34 -15.79
CA ILE A 211 40.34 4.10 -14.56
C ILE A 211 40.03 3.25 -13.34
N ASN A 212 40.30 3.81 -12.17
CA ASN A 212 39.94 3.16 -10.92
C ASN A 212 38.43 3.25 -10.69
N HIS A 213 37.83 2.19 -10.15
CA HIS A 213 36.39 2.16 -9.96
C HIS A 213 35.91 3.22 -8.98
N ASP A 214 36.81 3.68 -8.11
CA ASP A 214 36.44 4.63 -7.08
C ASP A 214 36.70 6.07 -7.51
N CYS A 215 37.03 6.24 -8.79
CA CYS A 215 37.26 7.57 -9.34
C CYS A 215 35.99 8.42 -9.25
N VAL A 216 36.17 9.71 -8.99
CA VAL A 216 35.07 10.65 -8.98
C VAL A 216 34.87 11.13 -10.43
N PRO A 217 33.63 11.45 -10.82
CA PRO A 217 33.32 11.84 -12.20
C PRO A 217 34.33 12.80 -12.84
N GLU A 218 34.78 13.81 -12.10
CA GLU A 218 35.78 14.76 -12.58
C GLU A 218 36.99 14.03 -13.15
N GLN A 219 37.50 13.07 -12.39
CA GLN A 219 38.68 12.32 -12.78
C GLN A 219 38.41 11.50 -14.03
N VAL A 220 37.17 11.05 -14.17
CA VAL A 220 36.75 10.34 -15.37
C VAL A 220 36.68 11.32 -16.54
N ILE A 221 36.23 12.55 -16.24
CA ILE A 221 36.18 13.60 -17.25
C ILE A 221 37.59 14.02 -17.63
N ALA A 222 38.49 13.97 -16.65
CA ALA A 222 39.89 14.32 -16.88
C ALA A 222 40.55 13.34 -17.84
N GLU A 223 40.44 12.05 -17.52
CA GLU A 223 41.04 11.01 -18.35
C GLU A 223 40.43 10.99 -19.77
N ALA A 224 39.26 11.59 -19.92
CA ALA A 224 38.63 11.71 -21.24
C ALA A 224 39.41 12.63 -22.17
N ILE A 225 39.46 13.93 -21.85
CA ILE A 225 40.12 14.92 -22.70
C ILE A 225 41.56 14.52 -23.09
N ARG A 226 42.18 13.68 -22.27
CA ARG A 226 43.47 13.10 -22.62
C ARG A 226 43.31 12.21 -23.85
N LYS A 227 42.58 11.11 -23.70
CA LYS A 227 42.30 10.20 -24.81
C LYS A 227 41.47 10.89 -25.89
N LEU A 233 49.38 14.87 -29.23
CA LEU A 233 50.81 14.70 -29.03
C LEU A 233 51.44 16.01 -28.60
N LEU A 234 51.02 16.51 -27.44
CA LEU A 234 51.35 17.88 -27.02
C LEU A 234 51.95 17.97 -25.63
N SER A 235 52.05 19.20 -25.13
CA SER A 235 52.73 19.49 -23.87
C SER A 235 52.08 18.86 -22.64
N SER A 236 52.90 18.17 -21.85
CA SER A 236 52.45 17.56 -20.61
C SER A 236 52.40 18.55 -19.48
N GLU A 237 53.49 19.31 -19.33
CA GLU A 237 53.63 20.26 -18.23
C GLU A 237 52.50 21.28 -18.18
N GLN A 238 51.80 21.44 -19.30
CA GLN A 238 50.69 22.37 -19.38
C GLN A 238 49.38 21.71 -18.98
N LEU A 239 49.22 20.43 -19.35
CA LEU A 239 47.96 19.70 -19.23
C LEU A 239 47.14 19.88 -17.93
N LYS A 240 47.74 20.51 -16.93
CA LYS A 240 47.00 20.94 -15.75
C LYS A 240 46.14 22.16 -16.10
N LEU A 241 46.52 22.84 -17.18
CA LEU A 241 45.89 24.07 -17.64
C LEU A 241 44.38 23.94 -17.78
N CYS A 242 43.96 23.12 -18.73
CA CYS A 242 42.54 22.95 -19.01
C CYS A 242 41.81 22.30 -17.85
N VAL A 243 42.29 21.14 -17.40
CA VAL A 243 41.60 20.35 -16.37
C VAL A 243 41.28 21.13 -15.10
N LEU A 244 42.03 22.19 -14.82
CA LEU A 244 41.70 23.09 -13.72
C LEU A 244 40.69 24.13 -14.18
N GLU A 245 40.95 24.74 -15.32
CA GLU A 245 40.06 25.76 -15.87
C GLU A 245 38.79 25.14 -16.45
N TYR A 246 38.95 24.08 -17.22
CA TYR A 246 37.80 23.35 -17.76
C TYR A 246 37.65 22.01 -17.06
N GLN A 247 36.72 21.95 -16.12
CA GLN A 247 36.36 20.70 -15.47
C GLN A 247 34.85 20.62 -15.40
N GLY A 248 34.25 21.66 -14.82
CA GLY A 248 32.81 21.82 -14.82
C GLY A 248 32.31 22.28 -16.18
N LYS A 249 33.19 22.24 -17.16
CA LYS A 249 32.83 22.49 -18.55
C LYS A 249 31.78 21.48 -19.00
N TYR A 250 31.91 20.26 -18.51
CA TYR A 250 30.97 19.18 -18.83
C TYR A 250 30.47 18.44 -17.59
N ILE A 251 29.56 17.51 -17.81
CA ILE A 251 29.12 16.55 -16.80
C ILE A 251 28.83 15.21 -17.44
N LEU A 252 28.92 14.14 -16.65
CA LEU A 252 28.68 12.79 -17.16
C LEU A 252 27.21 12.41 -17.17
N LYS A 253 26.80 11.72 -18.23
CA LYS A 253 25.42 11.31 -18.40
C LYS A 253 25.37 9.90 -18.96
N VAL A 254 24.47 9.09 -18.42
CA VAL A 254 24.30 7.72 -18.89
C VAL A 254 23.68 7.73 -20.29
N CYS A 255 24.22 6.89 -21.18
CA CYS A 255 23.71 6.79 -22.54
C CYS A 255 22.34 6.11 -22.58
N GLY A 256 21.40 6.76 -23.26
CA GLY A 256 20.04 6.24 -23.38
C GLY A 256 19.17 6.65 -22.20
N CYS A 257 19.74 7.43 -21.28
CA CYS A 257 19.08 7.69 -20.01
C CYS A 257 18.90 9.17 -19.70
N ASP A 258 18.15 9.48 -18.65
CA ASP A 258 18.05 10.83 -18.14
C ASP A 258 18.81 10.89 -16.83
N GLU A 259 19.77 9.99 -16.71
CA GLU A 259 20.55 9.85 -15.50
C GLU A 259 21.84 10.64 -15.64
N TYR A 260 22.18 11.38 -14.59
CA TYR A 260 23.41 12.16 -14.58
C TYR A 260 24.22 11.87 -13.34
N PHE A 261 25.51 12.11 -13.41
CA PHE A 261 26.39 12.03 -12.25
C PHE A 261 26.75 13.46 -11.87
N LEU A 262 25.90 14.11 -11.08
CA LEU A 262 26.12 15.51 -10.72
C LEU A 262 26.87 15.69 -9.40
N GLU A 263 27.12 14.59 -8.70
CA GLU A 263 27.68 14.68 -7.35
C GLU A 263 28.99 13.88 -7.21
N LYS A 264 29.81 14.27 -6.22
CA LYS A 264 31.06 13.60 -5.92
C LYS A 264 30.84 12.24 -5.25
N TYR A 265 30.85 11.19 -6.07
CA TYR A 265 30.76 9.81 -5.59
C TYR A 265 31.79 8.98 -6.32
N PRO A 266 32.35 7.95 -5.66
CA PRO A 266 33.14 6.95 -6.39
C PRO A 266 32.27 6.40 -7.52
N LEU A 267 32.82 6.35 -8.73
CA LEU A 267 32.05 5.97 -9.91
C LEU A 267 31.27 4.68 -9.71
N SER A 268 31.86 3.74 -8.98
CA SER A 268 31.25 2.44 -8.72
C SER A 268 30.04 2.53 -7.78
N GLN A 269 29.85 3.69 -7.14
CA GLN A 269 28.74 3.84 -6.20
C GLN A 269 27.43 4.16 -6.91
N TYR A 270 27.51 4.63 -8.14
CA TYR A 270 26.32 4.85 -8.95
C TYR A 270 25.75 3.51 -9.39
N LYS A 271 24.43 3.36 -9.25
CA LYS A 271 23.75 2.09 -9.52
C LYS A 271 24.04 1.56 -10.92
N TYR A 272 24.04 2.45 -11.90
CA TYR A 272 24.30 2.08 -13.29
C TYR A 272 25.66 1.42 -13.46
N ILE A 273 26.68 2.02 -12.85
CA ILE A 273 28.05 1.48 -12.92
C ILE A 273 28.13 0.16 -12.19
N ARG A 274 27.56 0.11 -10.99
CA ARG A 274 27.49 -1.10 -10.20
C ARG A 274 26.77 -2.20 -10.98
N SER A 275 25.66 -1.84 -11.62
CA SER A 275 24.91 -2.76 -12.46
C SER A 275 25.76 -3.27 -13.62
N CYS A 276 26.44 -2.35 -14.30
CA CYS A 276 27.31 -2.69 -15.41
C CYS A 276 28.38 -3.68 -15.00
N ILE A 277 28.93 -3.48 -13.80
CA ILE A 277 29.95 -4.39 -13.26
C ILE A 277 29.41 -5.82 -13.12
N MET A 278 28.27 -5.97 -12.45
CA MET A 278 27.70 -7.29 -12.23
C MET A 278 27.30 -7.97 -13.53
N LEU A 279 26.78 -7.18 -14.46
CA LEU A 279 26.29 -7.71 -15.71
C LEU A 279 27.41 -8.01 -16.70
N GLY A 280 28.64 -7.68 -16.32
CA GLY A 280 29.78 -7.89 -17.18
C GLY A 280 29.68 -7.08 -18.47
N ARG A 281 28.90 -6.01 -18.42
CA ARG A 281 28.68 -5.15 -19.57
C ARG A 281 29.52 -3.87 -19.44
N MET A 282 29.64 -3.13 -20.54
CA MET A 282 30.47 -1.95 -20.58
C MET A 282 29.68 -0.64 -20.50
N PRO A 283 29.96 0.17 -19.46
CA PRO A 283 29.31 1.47 -19.25
C PRO A 283 29.54 2.43 -20.40
N ASN A 284 28.46 2.95 -20.97
CA ASN A 284 28.55 3.99 -21.97
C ASN A 284 28.04 5.31 -21.40
N LEU A 285 28.96 6.25 -21.19
CA LEU A 285 28.60 7.54 -20.60
C LEU A 285 28.82 8.66 -21.61
N MET A 286 27.79 9.48 -21.81
CA MET A 286 27.88 10.61 -22.75
C MET A 286 28.41 11.86 -22.06
N LEU A 287 29.28 12.58 -22.77
CA LEU A 287 29.82 13.84 -22.28
C LEU A 287 28.89 14.99 -22.67
N MET A 288 28.36 15.68 -21.67
CA MET A 288 27.40 16.74 -21.92
C MET A 288 27.87 18.08 -21.38
N ALA A 289 27.64 19.15 -22.13
CA ALA A 289 28.00 20.49 -21.69
C ALA A 289 27.15 20.92 -20.49
N LYS A 290 27.83 21.34 -19.42
CA LYS A 290 27.15 21.75 -18.20
C LYS A 290 26.16 22.89 -18.44
N GLU A 291 26.57 23.85 -19.28
CA GLU A 291 25.73 24.98 -19.64
C GLU A 291 24.43 24.52 -20.29
N SER A 292 24.56 23.57 -21.22
CA SER A 292 23.41 22.98 -21.91
C SER A 292 22.36 22.44 -20.94
N LEU A 293 22.81 22.07 -19.74
CA LEU A 293 21.91 21.52 -18.73
C LEU A 293 21.38 22.58 -17.77
N TYR A 294 22.30 23.22 -17.05
CA TYR A 294 21.95 24.15 -15.98
C TYR A 294 21.00 25.27 -16.41
N SER A 295 21.04 25.65 -17.68
CA SER A 295 20.18 26.70 -18.19
C SER A 295 18.81 26.15 -18.60
N GLN A 296 18.81 24.93 -19.13
CA GLN A 296 17.59 24.26 -19.55
C GLN A 296 16.67 24.00 -18.35
N LEU A 297 17.25 23.95 -17.17
CA LEU A 297 16.48 23.87 -15.93
C LEU A 297 15.49 25.01 -15.84
N PRO A 298 14.24 24.68 -15.51
CA PRO A 298 13.12 25.64 -15.51
C PRO A 298 13.34 26.83 -14.58
N MET A 299 14.03 26.59 -13.46
CA MET A 299 14.02 27.53 -12.34
C MET A 299 12.55 27.79 -12.00
N ASP A 300 11.83 26.71 -11.68
CA ASP A 300 10.39 26.78 -11.49
C ASP A 300 9.99 27.53 -10.23
N CYS A 301 8.81 28.14 -10.29
CA CYS A 301 8.38 29.11 -9.29
C CYS A 301 7.20 28.63 -8.46
N PHE A 302 7.38 28.63 -7.15
CA PHE A 302 6.32 28.25 -6.22
C PHE A 302 5.64 29.47 -5.61
N THR A 303 4.32 29.46 -5.63
CA THR A 303 3.54 30.61 -5.17
C THR A 303 2.50 30.23 -4.12
N MET A 304 2.55 30.92 -2.98
CA MET A 304 1.60 30.70 -1.89
C MET A 304 0.16 30.91 -2.36
N PRO A 305 -0.69 29.90 -2.18
CA PRO A 305 -2.07 29.92 -2.64
C PRO A 305 -2.97 30.82 -1.78
N SER A 306 -4.16 31.15 -2.29
CA SER A 306 -5.04 32.11 -1.64
C SER A 306 -5.48 31.71 -0.22
N TYR A 307 -5.59 30.40 0.03
CA TYR A 307 -6.05 29.92 1.34
C TYR A 307 -4.98 30.01 2.41
N SER A 308 -3.88 30.68 2.09
CA SER A 308 -2.80 30.91 3.04
C SER A 308 -3.31 31.66 4.27
N GLY A 320 -13.52 28.89 25.98
CA GLY A 320 -13.87 30.27 26.26
C GLY A 320 -13.26 30.76 27.54
N GLU A 321 -14.09 31.29 28.44
CA GLU A 321 -13.64 31.70 29.76
C GLU A 321 -13.57 30.50 30.68
N THR A 322 -13.93 29.33 30.14
CA THR A 322 -14.17 28.14 30.93
C THR A 322 -12.96 27.58 31.67
N SER A 323 -11.78 28.11 31.37
CA SER A 323 -10.53 27.65 31.99
C SER A 323 -10.31 26.14 31.86
N THR A 324 -9.77 25.74 30.71
CA THR A 324 -9.69 24.34 30.30
C THR A 324 -9.13 23.37 31.36
N LYS A 325 -9.83 22.26 31.53
CA LYS A 325 -9.43 21.22 32.48
C LYS A 325 -8.34 20.33 31.88
N SER A 326 -7.46 19.82 32.75
CA SER A 326 -6.52 18.78 32.35
C SER A 326 -7.16 17.41 32.51
N LEU A 327 -6.79 16.49 31.62
CA LEU A 327 -7.30 15.13 31.63
C LEU A 327 -7.07 14.45 32.98
N TRP A 328 -5.93 14.77 33.59
CA TRP A 328 -5.52 14.13 34.83
C TRP A 328 -6.26 14.69 36.05
N VAL A 329 -7.11 15.68 35.82
CA VAL A 329 -7.87 16.30 36.89
C VAL A 329 -9.30 15.72 36.96
N ILE A 330 -9.73 15.10 35.87
CA ILE A 330 -11.07 14.50 35.81
C ILE A 330 -11.15 13.14 36.53
N ASN A 331 -11.88 13.13 37.65
CA ASN A 331 -12.07 11.93 38.46
C ASN A 331 -13.34 11.20 38.07
N SER A 332 -13.22 10.29 37.11
CA SER A 332 -14.36 9.53 36.63
C SER A 332 -13.90 8.34 35.79
N ALA A 333 -14.65 7.25 35.82
CA ALA A 333 -14.41 6.13 34.92
C ALA A 333 -15.00 6.47 33.56
N LEU A 334 -14.33 6.02 32.51
CA LEU A 334 -14.80 6.28 31.15
C LEU A 334 -16.14 5.62 30.91
N ARG A 335 -17.05 6.35 30.28
CA ARG A 335 -18.32 5.79 29.86
C ARG A 335 -18.78 6.48 28.59
N ILE A 336 -19.48 5.73 27.75
CA ILE A 336 -19.93 6.25 26.46
C ILE A 336 -21.36 5.79 26.22
N LYS A 337 -22.21 6.70 25.74
CA LYS A 337 -23.60 6.36 25.51
C LYS A 337 -23.89 6.04 24.05
N ILE A 338 -24.32 4.81 23.80
CA ILE A 338 -24.77 4.41 22.47
C ILE A 338 -26.26 4.69 22.38
N LEU A 339 -26.64 5.57 21.46
CA LEU A 339 -28.05 5.97 21.33
C LEU A 339 -28.81 5.08 20.37
N CYS A 340 -28.64 5.33 19.08
CA CYS A 340 -29.38 4.62 18.06
C CYS A 340 -28.65 4.65 16.74
N ALA A 341 -29.06 3.77 15.82
CA ALA A 341 -28.57 3.80 14.46
C ALA A 341 -29.74 4.04 13.52
N THR A 342 -29.47 4.66 12.38
CA THR A 342 -30.53 4.94 11.41
C THR A 342 -31.09 3.65 10.82
N TYR A 343 -30.19 2.72 10.47
CA TYR A 343 -30.59 1.43 9.91
C TYR A 343 -29.38 0.53 9.72
N VAL A 344 -29.65 -0.74 9.46
CA VAL A 344 -28.67 -1.65 8.92
C VAL A 344 -29.33 -2.45 7.81
N ASN A 345 -28.55 -2.96 6.89
CA ASN A 345 -29.08 -3.77 5.79
C ASN A 345 -29.11 -5.25 6.17
N VAL A 346 -30.30 -5.73 6.51
CA VAL A 346 -30.44 -7.05 7.12
C VAL A 346 -31.79 -7.71 6.78
N ASN A 347 -31.77 -9.03 6.61
CA ASN A 347 -33.01 -9.80 6.50
C ASN A 347 -33.49 -10.15 7.90
N ILE A 348 -34.68 -9.68 8.27
CA ILE A 348 -35.22 -10.01 9.58
C ILE A 348 -35.64 -11.47 9.64
N ARG A 349 -35.70 -12.11 8.47
CA ARG A 349 -35.96 -13.53 8.40
C ARG A 349 -34.78 -14.33 8.93
N ASP A 350 -33.57 -13.88 8.58
CA ASP A 350 -32.36 -14.65 8.83
C ASP A 350 -31.61 -14.21 10.08
N ILE A 351 -31.86 -12.99 10.53
CA ILE A 351 -31.12 -12.44 11.65
C ILE A 351 -32.01 -12.28 12.87
N ASP A 352 -31.54 -12.76 14.02
CA ASP A 352 -32.31 -12.72 15.25
C ASP A 352 -32.22 -11.36 15.96
N LYS A 353 -31.00 -10.88 16.20
CA LYS A 353 -30.78 -9.65 16.96
C LYS A 353 -29.59 -8.86 16.43
N ILE A 354 -29.51 -7.60 16.82
CA ILE A 354 -28.32 -6.78 16.59
C ILE A 354 -27.88 -6.06 17.87
N TYR A 355 -26.62 -5.67 17.89
CA TYR A 355 -26.08 -4.93 19.02
C TYR A 355 -24.83 -4.17 18.57
N VAL A 356 -24.38 -3.24 19.40
CA VAL A 356 -23.16 -2.51 19.09
C VAL A 356 -21.98 -3.05 19.90
N ARG A 357 -20.95 -3.52 19.20
CA ARG A 357 -19.74 -3.93 19.89
C ARG A 357 -18.81 -2.73 19.97
N THR A 358 -17.96 -2.70 21.00
CA THR A 358 -17.25 -1.49 21.34
C THR A 358 -15.93 -1.83 22.06
N GLY A 359 -14.91 -1.02 21.82
CA GLY A 359 -13.62 -1.23 22.45
C GLY A 359 -12.77 0.03 22.56
N ILE A 360 -11.99 0.10 23.64
CA ILE A 360 -11.05 1.19 23.82
C ILE A 360 -9.66 0.69 23.48
N TYR A 361 -9.10 1.17 22.39
CA TYR A 361 -7.84 0.62 21.91
C TYR A 361 -6.66 1.56 21.94
N HIS A 362 -5.48 0.96 22.10
CA HIS A 362 -4.21 1.63 21.90
C HIS A 362 -3.49 0.81 20.85
N GLY A 363 -3.48 1.30 19.62
CA GLY A 363 -3.05 0.48 18.50
C GLY A 363 -4.02 -0.68 18.35
N GLY A 364 -3.49 -1.91 18.41
CA GLY A 364 -4.32 -3.09 18.21
C GLY A 364 -4.66 -3.84 19.48
N GLU A 365 -4.29 -3.29 20.62
CA GLU A 365 -4.56 -3.93 21.91
C GLU A 365 -5.61 -3.17 22.72
N PRO A 366 -6.61 -3.90 23.22
CA PRO A 366 -7.64 -3.31 24.09
C PRO A 366 -7.01 -2.82 25.39
N LEU A 367 -7.36 -1.61 25.80
CA LEU A 367 -6.83 -1.04 27.04
C LEU A 367 -7.65 -1.58 28.21
N CYS A 368 -8.76 -2.22 27.88
CA CYS A 368 -9.64 -2.84 28.86
C CYS A 368 -10.58 -3.80 28.16
N ASP A 369 -11.54 -4.35 28.88
CA ASP A 369 -12.52 -5.25 28.28
C ASP A 369 -13.46 -4.53 27.32
N ASN A 370 -13.62 -5.11 26.14
CA ASN A 370 -14.61 -4.62 25.18
C ASN A 370 -16.00 -4.77 25.77
N VAL A 371 -16.89 -3.84 25.44
CA VAL A 371 -18.22 -3.81 26.03
C VAL A 371 -19.31 -3.74 24.97
N ASN A 372 -20.33 -4.58 25.11
CA ASN A 372 -21.44 -4.58 24.16
C ASN A 372 -22.69 -3.89 24.71
N THR A 373 -23.51 -3.36 23.82
CA THR A 373 -24.83 -2.88 24.19
C THR A 373 -25.71 -4.12 24.26
N GLN A 374 -26.93 -3.96 24.79
CA GLN A 374 -27.87 -5.05 24.80
C GLN A 374 -28.27 -5.40 23.37
N ARG A 375 -28.71 -6.63 23.16
CA ARG A 375 -29.17 -7.07 21.85
C ARG A 375 -30.60 -6.58 21.62
N VAL A 376 -30.89 -6.07 20.41
CA VAL A 376 -32.19 -5.49 20.08
C VAL A 376 -32.68 -6.03 18.72
N PRO A 377 -33.97 -5.84 18.38
CA PRO A 377 -34.43 -6.32 17.07
C PRO A 377 -33.80 -5.59 15.89
N CYS A 378 -33.63 -6.30 14.78
CA CYS A 378 -33.05 -5.74 13.56
C CYS A 378 -33.91 -4.61 13.00
N SER A 379 -35.21 -4.67 13.27
CA SER A 379 -36.13 -3.66 12.79
C SER A 379 -35.98 -2.35 13.55
N ASN A 380 -35.50 -2.42 14.79
CA ASN A 380 -35.35 -1.24 15.61
C ASN A 380 -33.99 -1.13 16.30
N PRO A 381 -33.03 -0.46 15.64
CA PRO A 381 -31.68 -0.23 16.17
C PRO A 381 -31.66 0.89 17.21
N ARG A 382 -32.14 0.59 18.41
CA ARG A 382 -32.23 1.61 19.46
C ARG A 382 -31.71 1.07 20.77
N TRP A 383 -30.71 1.73 21.35
CA TRP A 383 -30.07 1.21 22.55
C TRP A 383 -30.19 2.16 23.75
N ASN A 384 -29.71 3.39 23.57
CA ASN A 384 -29.78 4.43 24.60
C ASN A 384 -29.23 4.02 25.95
N GLU A 385 -28.08 3.33 25.95
CA GLU A 385 -27.48 2.90 27.21
C GLU A 385 -26.02 3.34 27.35
N TRP A 386 -25.67 3.82 28.53
CA TRP A 386 -24.30 4.15 28.85
C TRP A 386 -23.49 2.87 29.01
N LEU A 387 -22.44 2.71 28.20
CA LEU A 387 -21.55 1.59 28.37
C LEU A 387 -20.45 1.99 29.34
N ASN A 388 -20.13 1.10 30.27
CA ASN A 388 -19.11 1.41 31.28
C ASN A 388 -17.83 0.62 31.06
N TYR A 389 -16.70 1.33 31.11
CA TYR A 389 -15.40 0.71 30.94
C TYR A 389 -14.57 0.91 32.19
N ASP A 390 -13.85 -0.13 32.60
CA ASP A 390 -12.91 0.01 33.70
C ASP A 390 -11.57 0.54 33.19
N ILE A 391 -11.50 1.86 33.06
CA ILE A 391 -10.25 2.60 32.90
C ILE A 391 -10.48 3.99 33.47
N TYR A 392 -9.60 4.41 34.36
CA TYR A 392 -9.68 5.74 34.93
C TYR A 392 -9.36 6.71 33.79
N ILE A 393 -10.22 7.70 33.61
CA ILE A 393 -10.04 8.68 32.53
C ILE A 393 -8.64 9.32 32.52
N PRO A 394 -8.07 9.64 33.70
CA PRO A 394 -6.66 10.08 33.66
C PRO A 394 -5.68 9.03 33.13
N ASP A 395 -6.11 7.77 33.05
CA ASP A 395 -5.23 6.69 32.62
C ASP A 395 -5.26 6.46 31.11
N LEU A 396 -6.23 7.08 30.43
CA LEU A 396 -6.33 6.98 28.98
C LEU A 396 -5.09 7.57 28.32
N PRO A 397 -4.36 6.75 27.55
CA PRO A 397 -3.14 7.21 26.87
C PRO A 397 -3.47 8.11 25.68
N ARG A 398 -2.47 8.86 25.22
CA ARG A 398 -2.67 9.87 24.17
C ARG A 398 -3.29 9.34 22.88
N ALA A 399 -2.92 8.12 22.50
CA ALA A 399 -3.35 7.55 21.22
C ALA A 399 -4.63 6.72 21.34
N ALA A 400 -5.27 6.78 22.50
CA ALA A 400 -6.47 5.99 22.75
C ALA A 400 -7.57 6.22 21.72
N ARG A 401 -8.17 5.13 21.25
CA ARG A 401 -9.21 5.19 20.22
C ARG A 401 -10.45 4.40 20.62
N LEU A 402 -11.61 4.90 20.24
CA LEU A 402 -12.84 4.13 20.34
C LEU A 402 -13.03 3.36 19.04
N CYS A 403 -13.15 2.04 19.15
CA CYS A 403 -13.42 1.20 18.00
C CYS A 403 -14.79 0.53 18.17
N LEU A 404 -15.65 0.67 17.18
CA LEU A 404 -16.98 0.08 17.24
C LEU A 404 -17.46 -0.59 15.96
N SER A 405 -18.53 -1.37 16.10
CA SER A 405 -19.17 -2.00 14.97
C SER A 405 -20.60 -2.35 15.37
N ILE A 406 -21.49 -2.43 14.40
CA ILE A 406 -22.82 -2.96 14.64
C ILE A 406 -22.79 -4.43 14.23
N CYS A 407 -23.17 -5.31 15.14
CA CYS A 407 -23.06 -6.74 14.89
C CYS A 407 -24.41 -7.44 14.84
N SER A 408 -24.47 -8.54 14.09
CA SER A 408 -25.66 -9.35 14.00
C SER A 408 -25.46 -10.67 14.74
N VAL A 409 -26.54 -11.20 15.29
CA VAL A 409 -26.50 -12.49 15.97
C VAL A 409 -27.44 -13.46 15.28
N LYS A 410 -27.00 -14.70 15.14
CA LYS A 410 -27.86 -15.74 14.58
C LYS A 410 -27.64 -17.09 15.27
N GLY A 414 -27.71 -26.50 17.87
CA GLY A 414 -28.65 -25.72 18.66
C GLY A 414 -27.98 -25.04 19.83
N ALA A 415 -28.71 -24.14 20.48
CA ALA A 415 -28.22 -23.42 21.67
C ALA A 415 -26.90 -22.69 21.43
N LYS A 416 -26.63 -22.35 20.17
CA LYS A 416 -25.40 -21.65 19.83
C LYS A 416 -25.67 -20.64 18.71
N GLU A 417 -24.73 -19.71 18.54
CA GLU A 417 -24.97 -18.55 17.70
C GLU A 417 -23.72 -18.03 17.01
N GLU A 418 -23.91 -17.30 15.91
CA GLU A 418 -22.81 -16.71 15.15
C GLU A 418 -22.91 -15.19 15.09
N HIS A 419 -21.78 -14.53 15.30
CA HIS A 419 -21.72 -13.07 15.31
C HIS A 419 -20.96 -12.55 14.09
N CYS A 420 -21.48 -11.52 13.44
CA CYS A 420 -20.84 -10.93 12.27
C CYS A 420 -20.94 -9.41 12.32
N PRO A 421 -19.88 -8.71 11.87
CA PRO A 421 -19.95 -7.25 11.79
C PRO A 421 -20.76 -6.80 10.59
N LEU A 422 -21.64 -5.81 10.78
CA LEU A 422 -22.47 -5.30 9.70
C LEU A 422 -21.81 -4.05 9.13
N ALA A 423 -21.18 -3.28 10.01
CA ALA A 423 -20.48 -2.06 9.64
C ALA A 423 -19.63 -1.62 10.83
N TRP A 424 -18.60 -0.83 10.57
CA TRP A 424 -17.64 -0.45 11.61
C TRP A 424 -17.23 1.03 11.50
N GLY A 425 -16.59 1.52 12.55
CA GLY A 425 -16.06 2.87 12.60
C GLY A 425 -15.13 3.09 13.78
N ASN A 426 -14.09 3.90 13.58
CA ASN A 426 -13.16 4.23 14.66
C ASN A 426 -13.11 5.72 14.95
N ILE A 427 -12.93 6.06 16.23
CA ILE A 427 -12.88 7.44 16.66
C ILE A 427 -11.71 7.71 17.61
N ASN A 428 -10.87 8.68 17.25
CA ASN A 428 -9.84 9.16 18.16
C ASN A 428 -10.50 9.80 19.38
N LEU A 429 -10.14 9.32 20.56
CA LEU A 429 -10.69 9.88 21.80
C LEU A 429 -10.20 11.31 22.01
N PHE A 430 -9.02 11.61 21.50
CA PHE A 430 -8.51 12.97 21.48
C PHE A 430 -8.41 13.46 20.03
N ASP A 431 -8.72 14.73 19.81
CA ASP A 431 -8.56 15.29 18.47
C ASP A 431 -7.13 15.79 18.25
N TYR A 432 -6.87 16.41 17.10
CA TYR A 432 -5.52 16.83 16.74
C TYR A 432 -4.98 17.96 17.62
N THR A 433 -5.85 18.58 18.42
CA THR A 433 -5.45 19.65 19.32
C THR A 433 -5.32 19.15 20.75
N ASP A 434 -5.24 17.83 20.90
CA ASP A 434 -5.15 17.16 22.20
C ASP A 434 -6.41 17.33 23.05
N THR A 435 -7.53 17.62 22.41
CA THR A 435 -8.79 17.82 23.12
C THR A 435 -9.57 16.52 23.22
N LEU A 436 -10.03 16.19 24.42
CA LEU A 436 -10.85 15.00 24.64
C LEU A 436 -12.25 15.20 24.08
N VAL A 437 -12.73 14.20 23.34
CA VAL A 437 -14.06 14.28 22.75
C VAL A 437 -15.12 14.34 23.83
N SER A 438 -16.22 15.03 23.53
CA SER A 438 -17.30 15.20 24.48
C SER A 438 -18.62 15.46 23.77
N GLY A 439 -19.72 15.13 24.43
CA GLY A 439 -21.04 15.40 23.89
C GLY A 439 -21.47 14.47 22.77
N LYS A 440 -22.63 14.77 22.20
CA LYS A 440 -23.22 13.97 21.15
C LYS A 440 -22.51 14.13 19.81
N MET A 441 -22.09 13.01 19.22
CA MET A 441 -21.58 13.01 17.85
C MET A 441 -22.16 11.86 17.03
N ALA A 442 -22.25 12.06 15.72
CA ALA A 442 -22.77 11.04 14.82
C ALA A 442 -21.64 10.44 13.99
N LEU A 443 -21.73 9.14 13.73
CA LEU A 443 -20.68 8.45 13.00
C LEU A 443 -21.26 7.57 11.90
N ASN A 444 -20.94 7.91 10.65
CA ASN A 444 -21.31 7.10 9.51
C ASN A 444 -20.30 5.97 9.33
N LEU A 445 -20.80 4.74 9.29
CA LEU A 445 -19.95 3.55 9.36
C LEU A 445 -19.48 3.08 7.98
N TRP A 446 -18.45 2.23 7.98
CA TRP A 446 -17.87 1.69 6.76
C TRP A 446 -18.31 0.26 6.53
N PRO A 447 -18.39 -0.17 5.25
CA PRO A 447 -18.58 -1.59 4.96
C PRO A 447 -17.38 -2.41 5.41
N VAL A 448 -17.64 -3.59 5.95
CA VAL A 448 -16.58 -4.50 6.37
C VAL A 448 -15.75 -4.92 5.16
N PRO A 449 -14.41 -4.85 5.28
CA PRO A 449 -13.53 -5.31 4.20
C PRO A 449 -13.76 -6.78 3.90
N HIS A 450 -13.56 -7.18 2.65
CA HIS A 450 -13.71 -8.58 2.27
C HIS A 450 -12.69 -9.44 3.02
N GLY A 451 -13.17 -10.52 3.63
CA GLY A 451 -12.32 -11.44 4.33
C GLY A 451 -12.31 -11.29 5.84
N LEU A 452 -12.63 -10.09 6.32
CA LEU A 452 -12.55 -9.79 7.74
C LEU A 452 -13.76 -10.30 8.53
N GLU A 453 -13.51 -11.23 9.45
CA GLU A 453 -14.55 -11.82 10.26
C GLU A 453 -14.49 -11.33 11.71
N ASP A 454 -13.45 -10.56 12.02
CA ASP A 454 -13.32 -9.95 13.33
C ASP A 454 -14.46 -8.95 13.56
N LEU A 455 -14.99 -8.96 14.77
CA LEU A 455 -16.13 -8.11 15.10
C LEU A 455 -15.77 -6.63 15.07
N LEU A 456 -14.62 -6.28 15.61
CA LEU A 456 -14.11 -4.92 15.54
C LEU A 456 -13.00 -4.84 14.51
N ASN A 457 -12.68 -3.63 14.07
CA ASN A 457 -11.63 -3.41 13.09
C ASN A 457 -10.68 -2.28 13.49
N PRO A 458 -9.89 -2.49 14.55
CA PRO A 458 -9.01 -1.42 15.05
C PRO A 458 -7.96 -0.91 14.05
N ILE A 459 -7.65 -1.70 13.02
CA ILE A 459 -6.63 -1.32 12.06
C ILE A 459 -7.17 -0.30 11.06
N GLY A 460 -8.46 -0.37 10.79
CA GLY A 460 -9.10 0.55 9.87
C GLY A 460 -8.93 2.02 10.25
N VAL A 461 -9.12 2.89 9.28
CA VAL A 461 -8.95 4.33 9.49
C VAL A 461 -9.94 4.86 10.52
N THR A 462 -9.63 6.02 11.09
CA THR A 462 -10.55 6.70 11.99
C THR A 462 -11.33 7.75 11.23
N GLY A 463 -12.43 8.21 11.82
CA GLY A 463 -13.25 9.23 11.20
C GLY A 463 -14.51 8.67 10.56
N SER A 464 -15.46 9.54 10.27
CA SER A 464 -16.74 9.13 9.72
C SER A 464 -16.69 8.90 8.20
N ASN A 465 -17.43 7.90 7.74
CA ASN A 465 -17.60 7.65 6.31
C ASN A 465 -18.15 8.90 5.62
N PRO A 466 -17.40 9.43 4.64
CA PRO A 466 -17.83 10.64 3.92
C PRO A 466 -19.13 10.44 3.16
N ASN A 467 -19.42 9.19 2.80
CA ASN A 467 -20.70 8.79 2.23
C ASN A 467 -21.76 8.74 3.33
N LYS A 468 -22.75 9.63 3.27
CA LYS A 468 -23.74 9.77 4.34
C LYS A 468 -24.97 8.87 4.13
N GLU A 469 -25.16 8.40 2.90
CA GLU A 469 -26.21 7.44 2.62
C GLU A 469 -25.71 6.07 3.07
N THR A 470 -25.78 5.84 4.37
CA THR A 470 -25.00 4.81 5.03
C THR A 470 -25.50 4.69 6.47
N PRO A 471 -25.32 3.50 7.09
CA PRO A 471 -25.66 3.33 8.52
C PRO A 471 -25.01 4.40 9.40
N CYS A 472 -25.82 5.16 10.11
CA CYS A 472 -25.32 6.24 10.96
C CYS A 472 -25.63 5.98 12.43
N LEU A 473 -24.58 5.81 13.21
CA LEU A 473 -24.72 5.55 14.64
C LEU A 473 -24.51 6.82 15.46
N GLU A 474 -25.43 7.07 16.39
CA GLU A 474 -25.32 8.23 17.27
C GLU A 474 -24.79 7.83 18.64
N LEU A 475 -23.80 8.57 19.12
CA LEU A 475 -23.26 8.32 20.45
C LEU A 475 -23.15 9.63 21.23
N GLU A 476 -22.93 9.51 22.53
CA GLU A 476 -22.77 10.68 23.38
C GLU A 476 -21.64 10.46 24.36
N PHE A 477 -20.64 11.34 24.32
CA PHE A 477 -19.57 11.31 25.29
C PHE A 477 -19.92 12.24 26.44
N ASP A 478 -19.34 12.00 27.60
CA ASP A 478 -19.58 12.84 28.76
C ASP A 478 -19.06 14.25 28.52
N TRP A 479 -19.67 15.22 29.19
CA TRP A 479 -19.21 16.60 29.15
C TRP A 479 -18.76 16.99 30.55
N PHE A 480 -17.51 17.43 30.67
CA PHE A 480 -16.91 17.68 31.98
C PHE A 480 -16.77 19.17 32.32
N SER A 481 -17.52 19.99 31.60
CA SER A 481 -17.74 21.42 31.90
C SER A 481 -16.59 22.37 31.50
N SER A 482 -15.51 21.82 30.96
CA SER A 482 -14.44 22.63 30.41
C SER A 482 -14.06 22.05 29.06
N VAL A 483 -13.02 22.61 28.45
CA VAL A 483 -12.31 21.90 27.42
C VAL A 483 -11.32 21.01 28.16
N VAL A 484 -11.34 19.71 27.89
CA VAL A 484 -10.40 18.81 28.54
C VAL A 484 -9.22 18.52 27.61
N LYS A 485 -8.04 18.85 28.08
CA LYS A 485 -6.82 18.71 27.29
C LYS A 485 -5.88 17.67 27.89
N PHE A 486 -5.13 17.00 27.01
CA PHE A 486 -4.08 16.09 27.45
C PHE A 486 -2.93 16.94 27.99
N PRO A 487 -2.32 16.50 29.10
CA PRO A 487 -1.26 17.28 29.76
C PRO A 487 -0.08 17.59 28.84
N ASP A 488 0.52 18.77 29.01
CA ASP A 488 1.74 19.09 28.28
C ASP A 488 2.89 18.26 28.83
N MET A 489 3.97 18.16 28.06
CA MET A 489 5.08 17.28 28.38
C MET A 489 5.71 17.56 29.74
N SER A 490 5.79 18.84 30.12
CA SER A 490 6.39 19.22 31.40
C SER A 490 5.55 18.72 32.58
N VAL A 491 4.24 18.65 32.39
CA VAL A 491 3.35 18.09 33.40
C VAL A 491 3.55 16.59 33.50
N ILE A 492 3.74 15.96 32.34
CA ILE A 492 3.97 14.52 32.29
C ILE A 492 5.26 14.15 33.01
N GLU A 493 6.33 14.91 32.74
CA GLU A 493 7.62 14.67 33.38
C GLU A 493 7.51 14.82 34.89
N GLU A 494 6.72 15.81 35.33
CA GLU A 494 6.48 16.05 36.74
C GLU A 494 5.91 14.80 37.40
N HIS A 495 4.85 14.25 36.81
CA HIS A 495 4.19 13.06 37.32
C HIS A 495 5.13 11.85 37.31
N ALA A 496 5.96 11.75 36.28
CA ALA A 496 6.89 10.64 36.13
C ALA A 496 7.92 10.62 37.27
N ASN A 497 8.48 11.79 37.56
CA ASN A 497 9.41 11.94 38.67
C ASN A 497 8.78 11.52 39.99
N TRP A 498 7.53 11.94 40.18
CA TRP A 498 6.76 11.61 41.37
C TRP A 498 6.59 10.09 41.48
N SER A 499 6.26 9.47 40.35
CA SER A 499 6.04 8.02 40.31
C SER A 499 7.29 7.24 40.67
N VAL A 500 8.40 7.56 40.02
CA VAL A 500 9.63 6.82 40.23
C VAL A 500 10.17 7.01 41.64
N SER A 501 9.85 8.13 42.26
CA SER A 501 10.28 8.39 43.62
C SER A 501 9.44 7.57 44.60
N ARG A 502 8.13 7.58 44.39
CA ARG A 502 7.21 6.85 45.26
C ARG A 502 7.47 5.36 45.17
N GLU A 503 7.77 4.88 43.97
CA GLU A 503 8.24 3.53 43.80
C GLU A 503 9.58 3.42 44.51
N ALA A 504 9.66 2.50 45.47
CA ALA A 504 10.82 2.35 46.35
C ALA A 504 11.11 3.65 47.11
N ASN A 515 15.33 7.50 38.66
CA ASN A 515 16.68 7.20 38.21
C ASN A 515 17.77 7.90 39.04
N ARG A 516 19.02 7.62 38.66
CA ARG A 516 20.22 7.63 39.51
C ARG A 516 20.32 6.21 40.07
N LEU A 517 19.23 5.47 39.87
CA LEU A 517 19.11 4.09 40.30
C LEU A 517 19.83 3.16 39.35
N ALA A 518 20.02 3.62 38.11
CA ALA A 518 20.73 2.83 37.11
C ALA A 518 22.14 2.53 37.59
N ARG A 519 22.88 3.59 37.90
CA ARG A 519 24.28 3.46 38.28
C ARG A 519 24.43 3.07 39.76
N ASP A 520 23.36 3.21 40.53
CA ASP A 520 23.41 2.83 41.94
C ASP A 520 23.39 1.32 42.08
N ASN A 521 22.45 0.69 41.38
CA ASN A 521 22.36 -0.76 41.36
C ASN A 521 22.97 -1.33 40.07
N GLU A 522 24.15 -1.93 40.18
CA GLU A 522 24.87 -2.43 39.02
C GLU A 522 24.19 -3.60 38.30
N LEU A 523 24.29 -3.60 36.98
CA LEU A 523 23.66 -4.60 36.13
C LEU A 523 24.46 -5.90 36.07
N ARG A 524 23.91 -6.96 36.66
CA ARG A 524 24.55 -8.26 36.68
C ARG A 524 24.63 -8.86 35.28
N GLU A 525 25.66 -9.67 35.02
CA GLU A 525 25.84 -10.31 33.72
C GLU A 525 24.68 -11.23 33.39
N ASN A 526 24.12 -11.85 34.42
CA ASN A 526 22.94 -12.69 34.30
C ASN A 526 21.81 -11.93 33.62
N ASP A 527 21.55 -10.72 34.11
CA ASP A 527 20.50 -9.86 33.56
C ASP A 527 20.94 -9.20 32.26
N LYS A 528 22.23 -8.88 32.18
CA LYS A 528 22.78 -8.28 30.97
C LYS A 528 22.59 -9.23 29.80
N GLU A 529 22.74 -10.53 30.08
CA GLU A 529 22.60 -11.55 29.06
C GLU A 529 21.15 -11.76 28.63
N GLN A 530 20.22 -11.76 29.58
CA GLN A 530 18.81 -11.94 29.25
C GLN A 530 18.29 -10.81 28.39
N LEU A 531 18.67 -9.58 28.72
CA LEU A 531 18.31 -8.40 27.95
C LEU A 531 18.77 -8.54 26.50
N LYS A 532 20.00 -9.02 26.32
CA LYS A 532 20.55 -9.21 24.98
C LYS A 532 19.77 -10.26 24.20
N ALA A 533 19.38 -11.33 24.88
CA ALA A 533 18.64 -12.42 24.25
C ALA A 533 17.24 -12.00 23.84
N ILE A 534 16.56 -11.25 24.71
CA ILE A 534 15.22 -10.77 24.45
C ILE A 534 15.21 -9.83 23.24
N SER A 535 16.28 -9.03 23.11
CA SER A 535 16.43 -8.11 22.00
C SER A 535 16.51 -8.82 20.65
N THR A 536 16.84 -10.11 20.68
CA THR A 536 17.05 -10.88 19.46
C THR A 536 15.75 -11.37 18.82
N ARG A 537 14.72 -11.58 19.65
CA ARG A 537 13.42 -12.06 19.18
C ARG A 537 12.84 -11.15 18.09
N ASP A 538 12.10 -11.75 17.15
CA ASP A 538 11.52 -11.01 16.02
C ASP A 538 10.32 -10.16 16.48
N PRO A 539 9.91 -9.16 15.68
CA PRO A 539 8.84 -8.25 16.11
C PRO A 539 7.50 -8.93 16.45
N LEU A 540 7.26 -10.12 15.93
CA LEU A 540 5.97 -10.78 16.08
C LEU A 540 5.98 -11.90 17.11
N SER A 541 7.12 -12.12 17.72
CA SER A 541 7.25 -13.06 18.82
C SER A 541 6.88 -12.39 20.13
N GLU A 542 5.72 -12.75 20.67
CA GLU A 542 5.23 -12.19 21.93
C GLU A 542 6.23 -12.35 23.06
N ILE A 543 6.20 -11.41 24.00
CA ILE A 543 7.01 -11.50 25.20
C ILE A 543 6.15 -12.00 26.35
N THR A 544 6.73 -12.81 27.22
CA THR A 544 5.97 -13.35 28.35
C THR A 544 5.74 -12.25 29.39
N GLU A 545 4.88 -12.54 30.35
CA GLU A 545 4.60 -11.60 31.43
C GLU A 545 5.83 -11.43 32.32
N GLN A 546 6.58 -12.52 32.48
CA GLN A 546 7.83 -12.49 33.22
C GLN A 546 8.80 -11.54 32.52
N GLU A 547 8.86 -11.65 31.20
CA GLU A 547 9.76 -10.84 30.41
C GLU A 547 9.33 -9.38 30.40
N LYS A 548 8.03 -9.15 30.41
CA LYS A 548 7.48 -7.80 30.55
C LYS A 548 7.94 -7.18 31.87
N ASP A 549 7.70 -7.90 32.96
CA ASP A 549 8.07 -7.42 34.29
C ASP A 549 9.57 -7.23 34.43
N PHE A 550 10.33 -8.10 33.78
CA PHE A 550 11.79 -8.02 33.81
C PHE A 550 12.25 -6.77 33.07
N LEU A 551 11.68 -6.56 31.89
CA LEU A 551 12.01 -5.44 31.03
C LEU A 551 11.71 -4.10 31.68
N TRP A 552 10.53 -3.98 32.30
CA TRP A 552 10.14 -2.75 32.95
C TRP A 552 10.99 -2.48 34.17
N SER A 553 11.32 -3.55 34.90
CA SER A 553 12.22 -3.45 36.05
C SER A 553 13.55 -2.82 35.65
N HIS A 554 14.08 -3.26 34.51
CA HIS A 554 15.39 -2.83 34.03
C HIS A 554 15.32 -1.76 32.94
N ARG A 555 14.23 -0.98 32.96
CA ARG A 555 14.00 0.03 31.93
C ARG A 555 15.10 1.09 31.92
N HIS A 556 15.73 1.29 33.08
CA HIS A 556 16.78 2.28 33.23
C HIS A 556 18.12 1.80 32.67
N TYR A 557 18.26 0.48 32.52
CA TYR A 557 19.48 -0.12 31.99
C TYR A 557 19.37 -0.35 30.47
N CYS A 558 18.14 -0.41 29.99
CA CYS A 558 17.85 -0.71 28.60
C CYS A 558 18.49 0.25 27.59
N VAL A 559 18.88 1.44 28.04
CA VAL A 559 19.46 2.42 27.13
C VAL A 559 20.88 2.05 26.70
N THR A 560 21.46 1.05 27.36
CA THR A 560 22.79 0.56 27.00
C THR A 560 22.70 -0.42 25.84
N ILE A 561 21.47 -0.75 25.48
CA ILE A 561 21.18 -1.69 24.39
C ILE A 561 19.90 -1.23 23.68
N PRO A 562 19.98 -0.06 23.02
CA PRO A 562 18.82 0.71 22.54
C PRO A 562 17.87 -0.01 21.58
N GLU A 563 18.37 -0.98 20.82
CA GLU A 563 17.54 -1.69 19.85
C GLU A 563 16.46 -2.53 20.53
N ILE A 564 16.53 -2.60 21.85
CA ILE A 564 15.58 -3.32 22.67
C ILE A 564 14.31 -2.50 22.87
N LEU A 565 14.33 -1.26 22.39
CA LEU A 565 13.23 -0.31 22.62
C LEU A 565 11.83 -0.84 22.27
N PRO A 566 11.66 -1.46 21.08
CA PRO A 566 10.33 -2.02 20.78
C PRO A 566 9.82 -3.04 21.81
N LYS A 567 10.71 -3.80 22.41
CA LYS A 567 10.30 -4.75 23.45
C LYS A 567 9.95 -4.04 24.75
N LEU A 568 10.70 -3.00 25.08
CA LEU A 568 10.43 -2.22 26.29
C LEU A 568 9.06 -1.56 26.19
N LEU A 569 8.77 -1.03 25.01
CA LEU A 569 7.49 -0.39 24.74
C LEU A 569 6.31 -1.35 24.85
N LEU A 570 6.58 -2.64 24.62
CA LEU A 570 5.54 -3.66 24.68
C LEU A 570 5.28 -4.13 26.11
N SER A 571 6.22 -3.82 27.00
CA SER A 571 6.14 -4.26 28.39
C SER A 571 5.45 -3.22 29.26
N VAL A 572 5.30 -2.03 28.71
CA VAL A 572 4.64 -0.92 29.39
C VAL A 572 3.14 -1.17 29.51
N LYS A 573 2.56 -0.74 30.62
CA LYS A 573 1.11 -0.67 30.77
C LYS A 573 0.62 0.65 30.24
N TRP A 574 0.12 0.65 29.02
CA TRP A 574 -0.35 1.88 28.39
C TRP A 574 -1.66 2.39 28.98
N ASN A 575 -2.32 1.56 29.77
CA ASN A 575 -3.51 2.02 30.51
C ASN A 575 -3.16 2.50 31.91
N SER A 576 -1.87 2.73 32.14
CA SER A 576 -1.39 3.34 33.36
C SER A 576 -0.58 4.57 33.04
N ARG A 577 -1.12 5.74 33.40
CA ARG A 577 -0.44 6.99 33.12
C ARG A 577 0.88 7.08 33.88
N ASP A 578 0.95 6.39 35.02
CA ASP A 578 2.17 6.35 35.83
C ASP A 578 3.32 5.76 35.04
N GLU A 579 3.06 4.65 34.35
CA GLU A 579 4.09 3.98 33.58
C GLU A 579 4.37 4.66 32.24
N VAL A 580 3.32 5.15 31.58
CA VAL A 580 3.47 5.85 30.31
C VAL A 580 4.27 7.14 30.48
N ALA A 581 3.99 7.85 31.57
CA ALA A 581 4.73 9.06 31.91
C ALA A 581 6.22 8.77 32.02
N GLN A 582 6.56 7.70 32.74
CA GLN A 582 7.95 7.29 32.89
C GLN A 582 8.56 6.89 31.56
N MET A 583 7.78 6.19 30.74
CA MET A 583 8.25 5.75 29.43
C MET A 583 8.57 6.95 28.55
N TYR A 584 7.75 7.99 28.64
CA TYR A 584 7.96 9.22 27.88
C TYR A 584 9.34 9.81 28.12
N CYS A 585 9.75 9.85 29.39
CA CYS A 585 11.04 10.42 29.77
C CYS A 585 12.20 9.65 29.16
N LEU A 586 12.08 8.33 29.14
CA LEU A 586 13.12 7.48 28.55
C LEU A 586 13.16 7.65 27.03
N VAL A 587 11.99 7.76 26.42
CA VAL A 587 11.88 7.99 24.98
C VAL A 587 12.51 9.32 24.59
N LYS A 588 12.26 10.35 25.40
CA LYS A 588 12.78 11.69 25.16
C LYS A 588 14.28 11.70 24.88
N ASP A 589 15.04 10.98 25.71
CA ASP A 589 16.50 10.99 25.62
C ASP A 589 17.07 9.79 24.89
N TRP A 590 16.19 8.88 24.44
CA TRP A 590 16.62 7.60 23.89
C TRP A 590 17.61 7.75 22.73
N PRO A 591 18.71 6.99 22.78
CA PRO A 591 19.74 6.95 21.73
C PRO A 591 19.14 6.52 20.40
N PRO A 592 19.64 7.09 19.30
CA PRO A 592 19.08 6.81 17.97
C PRO A 592 19.36 5.39 17.51
N ILE A 593 18.45 4.82 16.73
CA ILE A 593 18.62 3.47 16.21
C ILE A 593 18.61 3.45 14.69
N LYS A 594 19.04 2.34 14.11
CA LYS A 594 19.08 2.16 12.67
C LYS A 594 17.68 2.37 12.08
N PRO A 595 17.59 3.06 10.93
CA PRO A 595 16.30 3.34 10.29
C PRO A 595 15.39 2.12 10.12
N GLU A 596 15.98 0.96 9.88
CA GLU A 596 15.19 -0.23 9.63
C GLU A 596 14.57 -0.75 10.92
N GLN A 597 15.19 -0.40 12.04
CA GLN A 597 14.65 -0.72 13.36
C GLN A 597 13.58 0.31 13.71
N ALA A 598 13.87 1.55 13.35
CA ALA A 598 12.94 2.65 13.57
C ALA A 598 11.63 2.41 12.82
N MET A 599 11.75 1.80 11.64
CA MET A 599 10.59 1.49 10.81
C MET A 599 9.62 0.52 11.49
N GLU A 600 10.16 -0.36 12.33
CA GLU A 600 9.31 -1.28 13.10
C GLU A 600 8.31 -0.49 13.93
N LEU A 601 8.78 0.62 14.48
CA LEU A 601 7.99 1.43 15.39
C LEU A 601 6.90 2.23 14.68
N LEU A 602 6.85 2.14 13.35
CA LEU A 602 5.86 2.89 12.59
C LEU A 602 4.62 2.08 12.20
N ASP A 603 4.56 0.82 12.63
CA ASP A 603 3.39 -0.01 12.35
C ASP A 603 2.26 0.31 13.34
N CYS A 604 1.19 -0.48 13.28
CA CYS A 604 -0.01 -0.21 14.07
C CYS A 604 0.07 -0.70 15.52
N ASN A 605 1.25 -1.17 15.93
CA ASN A 605 1.44 -1.58 17.32
C ASN A 605 2.10 -0.50 18.15
N TYR A 606 2.47 0.59 17.50
CA TYR A 606 3.06 1.74 18.18
C TYR A 606 2.39 3.04 17.75
N PRO A 607 1.17 3.28 18.27
CA PRO A 607 0.36 4.46 17.91
C PRO A 607 0.81 5.72 18.62
N ASP A 608 1.44 5.58 19.79
CA ASP A 608 1.82 6.72 20.61
C ASP A 608 2.75 7.68 19.86
N PRO A 609 2.34 8.96 19.76
CA PRO A 609 3.05 9.99 19.00
C PRO A 609 4.47 10.28 19.46
N MET A 610 4.76 10.03 20.74
CA MET A 610 6.12 10.22 21.23
C MET A 610 7.04 9.14 20.66
N VAL A 611 6.52 7.92 20.55
CA VAL A 611 7.27 6.82 19.97
C VAL A 611 7.49 7.06 18.47
N ARG A 612 6.40 7.39 17.77
CA ARG A 612 6.45 7.65 16.34
C ARG A 612 7.38 8.83 16.02
N GLY A 613 7.35 9.84 16.88
CA GLY A 613 8.22 10.99 16.74
C GLY A 613 9.68 10.60 16.77
N PHE A 614 10.04 9.75 17.73
CA PHE A 614 11.39 9.23 17.83
C PHE A 614 11.78 8.46 16.58
N ALA A 615 10.86 7.63 16.11
CA ALA A 615 11.07 6.81 14.92
C ALA A 615 11.35 7.69 13.71
N VAL A 616 10.51 8.70 13.50
CA VAL A 616 10.67 9.64 12.38
C VAL A 616 12.01 10.37 12.44
N ARG A 617 12.40 10.79 13.64
CA ARG A 617 13.65 11.50 13.83
C ARG A 617 14.86 10.64 13.49
N CYS A 618 14.71 9.32 13.69
CA CYS A 618 15.77 8.38 13.31
C CYS A 618 15.88 8.32 11.79
N LEU A 619 14.73 8.40 11.12
CA LEU A 619 14.70 8.41 9.66
C LEU A 619 15.33 9.69 9.13
N GLU A 620 15.01 10.80 9.79
CA GLU A 620 15.57 12.10 9.43
C GLU A 620 17.09 12.11 9.42
N LYS A 621 17.69 11.45 10.41
CA LYS A 621 19.14 11.47 10.56
C LYS A 621 19.85 10.43 9.71
N TYR A 622 19.38 9.19 9.73
CA TYR A 622 20.17 8.08 9.20
C TYR A 622 19.62 7.41 7.94
N LEU A 623 18.47 7.86 7.44
CA LEU A 623 17.90 7.24 6.25
C LEU A 623 18.35 7.95 4.98
N THR A 624 19.09 7.25 4.13
CA THR A 624 19.56 7.76 2.85
C THR A 624 18.41 7.83 1.84
N ASP A 625 18.57 8.67 0.81
CA ASP A 625 17.59 8.77 -0.27
C ASP A 625 17.41 7.42 -0.94
N ASP A 626 18.53 6.71 -1.11
CA ASP A 626 18.53 5.38 -1.69
C ASP A 626 17.57 4.45 -0.97
N LYS A 627 17.71 4.37 0.35
CA LYS A 627 16.88 3.49 1.15
C LYS A 627 15.45 4.02 1.33
N LEU A 628 15.25 5.31 1.18
CA LEU A 628 13.90 5.88 1.25
C LEU A 628 13.14 5.51 -0.02
N SER A 629 13.85 5.51 -1.14
CA SER A 629 13.29 5.08 -2.41
C SER A 629 12.87 3.62 -2.36
N GLN A 630 13.71 2.80 -1.74
CA GLN A 630 13.47 1.38 -1.61
C GLN A 630 12.25 1.06 -0.72
N TYR A 631 12.10 1.83 0.35
CA TYR A 631 11.06 1.57 1.33
C TYR A 631 9.83 2.46 1.19
N LEU A 632 9.78 3.26 0.14
CA LEU A 632 8.75 4.28 -0.02
C LEU A 632 7.33 3.72 -0.01
N ILE A 633 7.16 2.52 -0.57
CA ILE A 633 5.88 1.85 -0.62
C ILE A 633 5.27 1.68 0.78
N GLN A 634 6.11 1.26 1.72
CA GLN A 634 5.67 1.01 3.09
C GLN A 634 5.42 2.30 3.87
N LEU A 635 6.30 3.27 3.68
CA LEU A 635 6.19 4.54 4.40
C LEU A 635 4.91 5.30 4.05
N VAL A 636 4.52 5.24 2.78
CA VAL A 636 3.27 5.84 2.34
C VAL A 636 2.08 5.13 2.98
N GLN A 637 2.16 3.80 3.04
CA GLN A 637 1.12 3.00 3.66
C GLN A 637 0.93 3.33 5.15
N VAL A 638 2.04 3.60 5.83
CA VAL A 638 2.01 3.92 7.26
C VAL A 638 1.17 5.15 7.54
N LEU A 639 1.19 6.11 6.62
CA LEU A 639 0.40 7.33 6.72
C LEU A 639 -1.08 7.05 7.03
N LYS A 640 -1.55 5.88 6.62
CA LYS A 640 -2.91 5.45 6.92
C LYS A 640 -3.12 5.24 8.41
N TYR A 641 -2.07 4.79 9.10
CA TYR A 641 -2.15 4.48 10.52
C TYR A 641 -2.18 5.74 11.38
N GLU A 642 -1.60 6.82 10.87
CA GLU A 642 -1.52 8.08 11.60
C GLU A 642 -2.89 8.58 12.04
N GLN A 643 -2.98 8.97 13.31
CA GLN A 643 -4.22 9.46 13.89
C GLN A 643 -4.69 10.74 13.22
N TYR A 644 -3.76 11.64 12.95
CA TYR A 644 -4.10 12.98 12.49
C TYR A 644 -3.49 13.31 11.14
N LEU A 645 -4.05 14.33 10.49
CA LEU A 645 -3.58 14.74 9.17
C LEU A 645 -2.15 15.26 9.24
N ASP A 646 -1.89 16.14 10.21
CA ASP A 646 -0.57 16.73 10.37
C ASP A 646 0.26 15.90 11.34
N ASN A 647 1.35 15.32 10.85
CA ASN A 647 2.28 14.58 11.68
C ASN A 647 3.71 14.67 11.16
N LEU A 648 4.65 14.21 11.97
CA LEU A 648 6.07 14.32 11.64
C LEU A 648 6.45 13.48 10.42
N LEU A 649 5.80 12.34 10.26
CA LEU A 649 6.09 11.44 9.15
C LEU A 649 5.77 12.07 7.80
N VAL A 650 4.57 12.61 7.66
CA VAL A 650 4.13 13.17 6.38
C VAL A 650 4.92 14.42 6.03
N ARG A 651 5.38 15.14 7.05
CA ARG A 651 6.18 16.33 6.83
C ARG A 651 7.57 15.94 6.36
N PHE A 652 8.08 14.84 6.89
CA PHE A 652 9.36 14.30 6.47
C PHE A 652 9.29 13.80 5.03
N LEU A 653 8.24 13.03 4.73
CA LEU A 653 8.08 12.45 3.41
C LEU A 653 7.82 13.49 2.33
N LEU A 654 6.98 14.47 2.64
CA LEU A 654 6.68 15.54 1.70
C LEU A 654 7.95 16.32 1.37
N LYS A 655 8.74 16.57 2.41
CA LYS A 655 9.99 17.31 2.27
C LYS A 655 10.96 16.57 1.35
N LYS A 656 11.04 15.26 1.53
CA LYS A 656 11.87 14.41 0.69
C LYS A 656 11.36 14.39 -0.75
N ALA A 657 10.04 14.27 -0.88
CA ALA A 657 9.37 14.28 -2.17
C ALA A 657 9.68 15.57 -2.92
N LEU A 658 9.74 16.68 -2.19
CA LEU A 658 9.94 17.98 -2.81
C LEU A 658 11.41 18.38 -3.00
N THR A 659 12.33 17.59 -2.47
CA THR A 659 13.76 17.89 -2.64
C THR A 659 14.47 16.88 -3.54
N ASN A 660 13.80 15.77 -3.81
CA ASN A 660 14.29 14.74 -4.71
C ASN A 660 13.17 14.33 -5.66
N GLN A 661 13.31 14.70 -6.93
CA GLN A 661 12.26 14.44 -7.91
C GLN A 661 12.00 12.95 -8.14
N ARG A 662 13.05 12.14 -8.02
CA ARG A 662 12.91 10.69 -8.20
C ARG A 662 12.01 10.13 -7.10
N ILE A 663 12.19 10.64 -5.89
CA ILE A 663 11.35 10.27 -4.77
C ILE A 663 9.95 10.84 -4.93
N GLY A 664 9.89 12.12 -5.31
CA GLY A 664 8.63 12.79 -5.54
C GLY A 664 7.79 12.09 -6.60
N HIS A 665 8.47 11.54 -7.61
CA HIS A 665 7.81 10.82 -8.69
C HIS A 665 6.98 9.63 -8.18
N PHE A 666 7.63 8.74 -7.44
CA PHE A 666 6.95 7.54 -6.93
C PHE A 666 6.07 7.87 -5.74
N PHE A 667 6.44 8.92 -5.02
CA PHE A 667 5.62 9.46 -3.94
C PHE A 667 4.25 9.83 -4.50
N PHE A 668 4.25 10.58 -5.60
CA PHE A 668 3.02 10.98 -6.29
C PHE A 668 2.17 9.79 -6.72
N TRP A 669 2.82 8.83 -7.36
CA TRP A 669 2.10 7.71 -7.97
C TRP A 669 1.51 6.74 -6.96
N HIS A 670 2.24 6.47 -5.89
CA HIS A 670 1.74 5.61 -4.82
C HIS A 670 0.49 6.23 -4.19
N LEU A 671 0.55 7.54 -3.94
CA LEU A 671 -0.59 8.28 -3.39
C LEU A 671 -1.75 8.32 -4.39
N LYS A 672 -1.45 8.66 -5.63
CA LYS A 672 -2.47 8.77 -6.66
C LYS A 672 -3.18 7.45 -6.94
N SER A 673 -2.43 6.35 -6.89
CA SER A 673 -2.97 5.03 -7.22
C SER A 673 -4.10 4.60 -6.30
N GLU A 674 -4.21 5.25 -5.14
CA GLU A 674 -5.25 4.92 -4.18
C GLU A 674 -6.31 6.01 -4.04
N MET A 675 -6.32 6.97 -4.95
CA MET A 675 -7.25 8.09 -4.86
C MET A 675 -8.72 7.66 -5.00
N HIS A 676 -8.92 6.45 -5.48
CA HIS A 676 -10.26 5.87 -5.63
C HIS A 676 -10.78 5.40 -4.28
N ASN A 677 -9.86 5.18 -3.34
CA ASN A 677 -10.19 4.63 -2.03
C ASN A 677 -10.67 5.71 -1.06
N LYS A 678 -11.97 5.67 -0.75
CA LYS A 678 -12.60 6.68 0.09
C LYS A 678 -12.08 6.75 1.52
N THR A 679 -11.37 5.73 1.97
CA THR A 679 -10.83 5.76 3.33
C THR A 679 -9.60 6.67 3.45
N VAL A 680 -8.86 6.80 2.35
CA VAL A 680 -7.68 7.66 2.35
C VAL A 680 -7.83 8.78 1.33
N SER A 681 -9.02 8.87 0.74
CA SER A 681 -9.28 9.82 -0.33
C SER A 681 -8.92 11.25 0.07
N GLN A 682 -9.54 11.73 1.14
CA GLN A 682 -9.32 13.08 1.64
C GLN A 682 -7.86 13.32 2.04
N ARG A 683 -7.28 12.38 2.77
CA ARG A 683 -5.92 12.50 3.27
C ARG A 683 -4.90 12.58 2.11
N PHE A 684 -4.96 11.60 1.22
CA PHE A 684 -4.03 11.54 0.10
C PHE A 684 -4.23 12.70 -0.87
N GLY A 685 -5.47 13.13 -1.02
CA GLY A 685 -5.80 14.26 -1.88
C GLY A 685 -5.15 15.53 -1.40
N LEU A 686 -5.29 15.82 -0.11
CA LEU A 686 -4.69 16.99 0.51
C LEU A 686 -3.17 16.99 0.40
N LEU A 687 -2.58 15.82 0.65
CA LEU A 687 -1.14 15.66 0.53
C LEU A 687 -0.70 15.88 -0.91
N LEU A 688 -1.41 15.25 -1.84
CA LEU A 688 -1.10 15.34 -3.25
C LEU A 688 -1.20 16.77 -3.78
N GLU A 689 -2.12 17.55 -3.21
CA GLU A 689 -2.22 18.96 -3.57
C GLU A 689 -0.96 19.70 -3.16
N SER A 690 -0.53 19.48 -1.92
CA SER A 690 0.66 20.11 -1.38
C SER A 690 1.88 19.82 -2.26
N TYR A 691 2.07 18.56 -2.61
CA TYR A 691 3.17 18.16 -3.49
C TYR A 691 3.10 18.87 -4.84
N CYS A 692 1.92 18.81 -5.46
CA CYS A 692 1.71 19.37 -6.79
C CYS A 692 1.89 20.88 -6.82
N ARG A 693 1.72 21.53 -5.67
CA ARG A 693 1.84 22.98 -5.62
C ARG A 693 3.31 23.43 -5.59
N ALA A 694 4.17 22.61 -5.00
CA ALA A 694 5.56 22.99 -4.78
C ALA A 694 6.57 22.22 -5.63
N CYS A 695 6.08 21.22 -6.37
CA CYS A 695 6.98 20.37 -7.15
C CYS A 695 7.49 21.05 -8.42
N GLY A 696 6.87 22.16 -8.80
CA GLY A 696 7.33 22.94 -9.92
C GLY A 696 6.98 22.35 -11.29
N MET A 697 7.93 22.42 -12.21
CA MET A 697 7.72 22.01 -13.61
C MET A 697 7.29 20.55 -13.78
N TYR A 698 7.68 19.70 -12.83
CA TYR A 698 7.39 18.26 -12.94
C TYR A 698 5.90 17.95 -12.98
N LEU A 699 5.08 18.89 -12.54
CA LEU A 699 3.63 18.72 -12.56
C LEU A 699 3.14 18.58 -13.99
N LYS A 700 3.80 19.29 -14.91
CA LYS A 700 3.45 19.22 -16.32
C LYS A 700 3.78 17.85 -16.91
N HIS A 701 4.88 17.28 -16.45
CA HIS A 701 5.30 15.96 -16.89
C HIS A 701 4.38 14.89 -16.34
N LEU A 702 4.05 15.03 -15.06
CA LEU A 702 3.12 14.13 -14.39
C LEU A 702 1.76 14.13 -15.09
N ASN A 703 1.27 15.31 -15.45
CA ASN A 703 -0.03 15.43 -16.11
C ASN A 703 -0.07 14.74 -17.46
N ARG A 704 1.07 14.77 -18.16
CA ARG A 704 1.19 14.05 -19.42
C ARG A 704 1.07 12.54 -19.18
N GLN A 705 1.70 12.07 -18.11
CA GLN A 705 1.63 10.66 -17.74
C GLN A 705 0.21 10.26 -17.35
N VAL A 706 -0.42 11.07 -16.51
CA VAL A 706 -1.79 10.85 -16.09
C VAL A 706 -2.71 10.82 -17.31
N GLU A 707 -2.48 11.75 -18.22
CA GLU A 707 -3.29 11.88 -19.43
C GLU A 707 -3.20 10.61 -20.28
N ALA A 708 -1.97 10.15 -20.48
CA ALA A 708 -1.72 8.93 -21.25
C ALA A 708 -2.36 7.71 -20.61
N MET A 709 -2.20 7.58 -19.30
CA MET A 709 -2.73 6.43 -18.56
C MET A 709 -4.26 6.38 -18.59
N GLU A 710 -4.89 7.55 -18.58
CA GLU A 710 -6.35 7.64 -18.63
C GLU A 710 -6.90 7.04 -19.92
N LYS A 711 -6.25 7.35 -21.03
CA LYS A 711 -6.70 6.88 -22.35
C LYS A 711 -6.52 5.38 -22.50
N LEU A 712 -5.44 4.85 -21.93
CA LEU A 712 -5.22 3.41 -21.94
C LEU A 712 -6.25 2.72 -21.04
N ILE A 713 -6.73 3.45 -20.05
CA ILE A 713 -7.77 2.94 -19.16
C ILE A 713 -9.12 2.95 -19.87
N ASN A 714 -9.44 4.06 -20.51
CA ASN A 714 -10.68 4.17 -21.28
C ASN A 714 -10.72 3.16 -22.42
N LEU A 715 -9.60 3.02 -23.13
CA LEU A 715 -9.52 2.09 -24.25
C LEU A 715 -9.76 0.66 -23.83
N THR A 716 -9.13 0.24 -22.73
CA THR A 716 -9.28 -1.14 -22.26
C THR A 716 -10.62 -1.36 -21.59
N ASP A 717 -11.20 -0.30 -21.02
CA ASP A 717 -12.57 -0.37 -20.52
C ASP A 717 -13.49 -0.81 -21.64
N ILE A 718 -13.40 -0.09 -22.76
CA ILE A 718 -14.24 -0.33 -23.92
C ILE A 718 -14.07 -1.74 -24.47
N LEU A 719 -12.81 -2.15 -24.65
CA LEU A 719 -12.49 -3.50 -25.12
C LEU A 719 -13.16 -4.55 -24.25
N LYS A 720 -13.14 -4.31 -22.94
CA LYS A 720 -13.69 -5.27 -21.99
C LYS A 720 -15.21 -5.20 -21.90
N GLN A 721 -15.76 -3.99 -21.95
CA GLN A 721 -17.22 -3.84 -21.87
C GLN A 721 -17.90 -4.01 -23.22
N GLU A 722 -17.44 -3.27 -24.22
CA GLU A 722 -18.12 -3.25 -25.51
C GLU A 722 -17.69 -4.36 -26.46
N LYS A 723 -16.39 -4.61 -26.55
CA LYS A 723 -15.84 -5.53 -27.55
C LYS A 723 -15.60 -6.94 -26.99
N LYS A 724 -16.14 -7.19 -25.80
CA LYS A 724 -15.94 -8.44 -25.07
C LYS A 724 -16.08 -9.72 -25.89
N ASP A 725 -17.13 -9.82 -26.69
CA ASP A 725 -17.39 -11.03 -27.46
C ASP A 725 -16.89 -10.95 -28.90
N GLU A 726 -16.17 -9.88 -29.21
CA GLU A 726 -15.55 -9.74 -30.52
C GLU A 726 -14.27 -10.58 -30.55
N THR A 727 -13.77 -10.86 -31.75
CA THR A 727 -12.56 -11.65 -31.88
C THR A 727 -11.35 -10.82 -31.47
N GLN A 728 -10.26 -11.48 -31.12
CA GLN A 728 -9.04 -10.79 -30.73
C GLN A 728 -8.50 -9.95 -31.89
N LYS A 729 -8.80 -10.39 -33.11
CA LYS A 729 -8.39 -9.67 -34.30
C LYS A 729 -9.18 -8.37 -34.47
N VAL A 730 -10.48 -8.43 -34.27
CA VAL A 730 -11.32 -7.25 -34.38
C VAL A 730 -10.97 -6.25 -33.28
N GLN A 731 -10.66 -6.78 -32.10
CA GLN A 731 -10.25 -5.96 -30.97
C GLN A 731 -9.03 -5.12 -31.30
N MET A 732 -8.04 -5.76 -31.93
CA MET A 732 -6.81 -5.07 -32.31
C MET A 732 -7.05 -3.93 -33.30
N LYS A 733 -7.79 -4.22 -34.37
CA LYS A 733 -8.10 -3.21 -35.37
C LYS A 733 -8.82 -2.01 -34.76
N PHE A 734 -9.76 -2.29 -33.86
CA PHE A 734 -10.45 -1.24 -33.12
C PHE A 734 -9.48 -0.39 -32.33
N LEU A 735 -8.55 -1.07 -31.65
CA LEU A 735 -7.52 -0.41 -30.86
C LEU A 735 -6.69 0.53 -31.73
N VAL A 736 -6.21 0.01 -32.85
CA VAL A 736 -5.37 0.78 -33.76
C VAL A 736 -6.07 2.03 -34.29
N GLU A 737 -7.28 1.87 -34.83
CA GLU A 737 -8.05 3.00 -35.34
C GLU A 737 -8.44 3.98 -34.24
N GLN A 738 -8.50 3.50 -33.01
CA GLN A 738 -8.73 4.36 -31.86
C GLN A 738 -7.44 5.04 -31.43
N MET A 739 -6.35 4.27 -31.46
CA MET A 739 -5.05 4.81 -31.09
C MET A 739 -4.44 5.67 -32.20
N ARG A 740 -4.83 5.41 -33.45
CA ARG A 740 -4.26 6.15 -34.57
C ARG A 740 -4.74 7.59 -34.62
N ARG A 741 -5.84 7.85 -33.93
CA ARG A 741 -6.36 9.21 -33.79
C ARG A 741 -5.25 10.12 -33.27
N PRO A 742 -5.01 11.25 -33.97
CA PRO A 742 -3.93 12.17 -33.62
C PRO A 742 -4.03 12.73 -32.20
N ASP A 743 -5.23 12.74 -31.62
CA ASP A 743 -5.39 13.18 -30.24
C ASP A 743 -4.89 12.12 -29.27
N PHE A 744 -4.93 10.87 -29.70
CA PHE A 744 -4.33 9.78 -28.93
C PHE A 744 -2.83 9.77 -29.13
N MET A 745 -2.42 10.05 -30.37
CA MET A 745 -1.01 10.08 -30.72
C MET A 745 -0.27 11.15 -29.94
N ASP A 746 -0.87 12.32 -29.81
CA ASP A 746 -0.33 13.40 -28.98
C ASP A 746 -0.24 12.95 -27.52
N ALA A 747 -1.24 12.18 -27.09
CA ALA A 747 -1.33 11.75 -25.70
C ALA A 747 -0.35 10.63 -25.35
N LEU A 748 -0.16 9.70 -26.29
CA LEU A 748 0.58 8.48 -26.01
C LEU A 748 2.04 8.53 -26.41
N GLN A 749 2.49 9.70 -26.83
CA GLN A 749 3.88 9.88 -27.25
C GLN A 749 4.53 11.06 -26.55
N GLY A 750 5.84 10.96 -26.31
CA GLY A 750 6.59 12.04 -25.70
C GLY A 750 6.24 12.28 -24.25
N PHE A 751 6.26 11.23 -23.44
CA PHE A 751 6.09 11.37 -22.00
C PHE A 751 7.01 10.42 -21.25
N LEU A 752 7.13 10.64 -19.94
CA LEU A 752 8.05 9.86 -19.13
C LEU A 752 7.38 8.62 -18.58
N SER A 753 8.12 7.51 -18.58
CA SER A 753 7.61 6.25 -18.07
C SER A 753 7.37 6.32 -16.57
N PRO A 754 6.14 6.03 -16.13
CA PRO A 754 5.85 5.94 -14.70
C PRO A 754 6.67 4.84 -14.01
N LEU A 755 7.14 3.87 -14.79
CA LEU A 755 8.01 2.83 -14.27
C LEU A 755 9.38 3.39 -13.92
N ASN A 756 9.86 4.32 -14.74
CA ASN A 756 11.15 4.94 -14.54
C ASN A 756 11.17 6.30 -15.23
N PRO A 757 10.97 7.37 -14.45
CA PRO A 757 10.90 8.75 -14.95
C PRO A 757 12.14 9.17 -15.73
N ALA A 758 13.21 8.39 -15.63
CA ALA A 758 14.42 8.66 -16.39
C ALA A 758 14.29 8.06 -17.80
N HIS A 759 13.31 7.20 -17.99
CA HIS A 759 13.07 6.58 -19.29
C HIS A 759 12.04 7.38 -20.09
N GLN A 760 12.48 7.89 -21.23
CA GLN A 760 11.61 8.70 -22.08
C GLN A 760 10.90 7.80 -23.09
N LEU A 761 9.58 7.91 -23.15
CA LEU A 761 8.80 7.16 -24.12
C LEU A 761 8.48 8.06 -25.30
N GLY A 762 9.06 7.73 -26.45
CA GLY A 762 8.91 8.55 -27.63
C GLY A 762 7.71 8.20 -28.49
N ASN A 763 7.94 8.07 -29.78
CA ASN A 763 6.92 7.62 -30.73
C ASN A 763 6.44 6.23 -30.38
N LEU A 764 5.13 6.02 -30.52
CA LEU A 764 4.60 4.67 -30.42
C LEU A 764 4.97 3.90 -31.68
N ARG A 765 5.26 2.62 -31.51
CA ARG A 765 5.33 1.69 -32.63
C ARG A 765 4.00 0.96 -32.64
N LEU A 766 2.99 1.62 -33.19
CA LEU A 766 1.63 1.12 -33.21
C LEU A 766 1.53 -0.27 -33.84
N GLU A 767 2.30 -0.48 -34.90
CA GLU A 767 2.28 -1.74 -35.64
C GLU A 767 2.65 -2.93 -34.76
N GLU A 768 3.48 -2.69 -33.75
CA GLU A 768 3.99 -3.78 -32.91
C GLU A 768 3.26 -3.88 -31.55
N CYS A 769 2.38 -2.93 -31.28
CA CYS A 769 1.56 -2.97 -30.06
C CYS A 769 0.51 -4.06 -30.18
N ARG A 770 0.26 -4.77 -29.09
CA ARG A 770 -0.63 -5.93 -29.14
C ARG A 770 -1.50 -6.09 -27.91
N ILE A 771 -2.57 -6.86 -28.05
CA ILE A 771 -3.39 -7.27 -26.92
C ILE A 771 -2.97 -8.68 -26.54
N MET A 772 -2.68 -8.90 -25.26
CA MET A 772 -2.27 -10.21 -24.79
C MET A 772 -3.45 -11.18 -24.73
N SER A 773 -3.17 -12.45 -24.43
CA SER A 773 -4.18 -13.49 -24.47
C SER A 773 -5.08 -13.50 -23.24
N SER A 774 -4.64 -12.83 -22.20
CA SER A 774 -5.30 -12.88 -20.89
C SER A 774 -6.74 -12.32 -20.90
N ALA A 775 -7.45 -12.53 -19.80
CA ALA A 775 -8.87 -12.18 -19.70
C ALA A 775 -9.15 -10.67 -19.65
N LYS A 776 -8.38 -9.96 -18.84
CA LYS A 776 -8.57 -8.51 -18.68
C LYS A 776 -7.92 -7.73 -19.82
N ARG A 777 -7.45 -8.47 -20.83
CA ARG A 777 -6.94 -7.91 -22.08
C ARG A 777 -5.79 -6.91 -21.91
N PRO A 778 -4.64 -7.37 -21.39
CA PRO A 778 -3.51 -6.48 -21.16
C PRO A 778 -2.91 -6.00 -22.46
N LEU A 779 -2.37 -4.78 -22.46
CA LEU A 779 -1.77 -4.20 -23.65
C LEU A 779 -0.25 -4.33 -23.60
N TRP A 780 0.32 -5.02 -24.58
CA TRP A 780 1.77 -5.08 -24.74
C TRP A 780 2.18 -3.91 -25.62
N LEU A 781 2.75 -2.88 -25.02
CA LEU A 781 3.04 -1.63 -25.73
C LEU A 781 4.51 -1.45 -26.07
N ASN A 782 4.77 -0.73 -27.15
CA ASN A 782 6.13 -0.53 -27.67
C ASN A 782 6.40 0.94 -28.04
N TRP A 783 7.37 1.55 -27.35
CA TRP A 783 7.78 2.92 -27.65
C TRP A 783 9.23 2.97 -28.13
N GLU A 784 9.52 3.94 -28.99
CA GLU A 784 10.90 4.24 -29.34
C GLU A 784 11.55 4.94 -28.16
N ASN A 785 12.84 4.68 -27.95
CA ASN A 785 13.62 5.46 -27.01
C ASN A 785 14.25 6.64 -27.75
N PRO A 786 13.74 7.85 -27.50
CA PRO A 786 14.08 9.05 -28.27
C PRO A 786 15.51 9.54 -28.03
N ASP A 787 16.20 8.95 -27.07
CA ASP A 787 17.57 9.34 -26.75
C ASP A 787 18.47 9.16 -27.96
N ILE A 788 19.34 10.13 -28.21
CA ILE A 788 20.26 10.05 -29.34
C ILE A 788 21.27 8.90 -29.16
N MET A 789 21.56 8.58 -27.90
CA MET A 789 22.42 7.44 -27.57
C MET A 789 21.63 6.17 -27.25
N SER A 790 20.36 6.14 -27.64
CA SER A 790 19.47 5.04 -27.22
C SER A 790 20.01 3.68 -27.65
N GLU A 791 20.62 3.64 -28.83
CA GLU A 791 21.16 2.40 -29.37
C GLU A 791 22.20 1.76 -28.46
N LEU A 792 22.72 2.54 -27.51
CA LEU A 792 23.73 2.05 -26.59
C LEU A 792 23.15 1.54 -25.27
N LEU A 793 21.83 1.67 -25.11
CA LEU A 793 21.16 1.16 -23.91
C LEU A 793 20.02 0.26 -24.33
N PHE A 794 18.97 0.87 -24.88
CA PHE A 794 17.91 0.14 -25.57
C PHE A 794 17.20 1.08 -26.54
N GLN A 795 17.02 0.62 -27.76
CA GLN A 795 16.39 1.43 -28.79
C GLN A 795 14.89 1.58 -28.57
N ASN A 796 14.28 0.56 -27.97
CA ASN A 796 12.84 0.57 -27.73
C ASN A 796 12.46 0.12 -26.32
N ASN A 797 11.37 0.68 -25.81
CA ASN A 797 10.89 0.38 -24.47
C ASN A 797 9.53 -0.30 -24.50
N GLU A 798 9.46 -1.51 -23.97
CA GLU A 798 8.20 -2.26 -23.96
C GLU A 798 7.59 -2.35 -22.57
N ILE A 799 6.31 -2.01 -22.49
CA ILE A 799 5.58 -2.00 -21.22
C ILE A 799 4.23 -2.70 -21.38
N ILE A 800 3.91 -3.56 -20.42
CA ILE A 800 2.59 -4.18 -20.38
C ILE A 800 1.64 -3.37 -19.51
N PHE A 801 0.62 -2.82 -20.14
CA PHE A 801 -0.44 -2.11 -19.42
C PHE A 801 -1.55 -3.10 -19.09
N LYS A 802 -1.97 -3.10 -17.83
CA LYS A 802 -2.98 -4.07 -17.39
C LYS A 802 -4.07 -3.40 -16.57
N ASN A 803 -5.31 -3.52 -17.06
CA ASN A 803 -6.49 -2.98 -16.38
C ASN A 803 -7.42 -4.13 -15.99
N GLY A 804 -7.62 -4.34 -14.70
CA GLY A 804 -8.56 -5.34 -14.23
C GLY A 804 -8.07 -6.19 -13.08
N ASP A 805 -6.74 -6.30 -12.97
CA ASP A 805 -6.12 -7.10 -11.93
C ASP A 805 -5.33 -6.24 -10.95
N ASP A 806 -5.45 -6.56 -9.66
CA ASP A 806 -4.72 -5.85 -8.61
C ASP A 806 -3.24 -6.16 -8.71
N LEU A 807 -2.43 -5.13 -8.93
CA LEU A 807 -0.99 -5.32 -9.08
C LEU A 807 -0.18 -4.90 -7.85
N ARG A 808 -0.89 -4.53 -6.78
CA ARG A 808 -0.23 -4.19 -5.53
C ARG A 808 0.56 -5.36 -4.97
N GLN A 809 -0.02 -6.55 -5.07
CA GLN A 809 0.61 -7.76 -4.54
C GLN A 809 1.92 -8.06 -5.25
N ASP A 810 1.89 -8.04 -6.58
CA ASP A 810 3.07 -8.27 -7.39
C ASP A 810 4.09 -7.15 -7.22
N MET A 811 3.59 -5.93 -7.07
CA MET A 811 4.45 -4.77 -6.84
C MET A 811 5.25 -4.95 -5.56
N LEU A 812 4.60 -5.49 -4.54
CA LEU A 812 5.26 -5.72 -3.27
C LEU A 812 6.25 -6.88 -3.37
N THR A 813 5.84 -7.97 -4.01
CA THR A 813 6.67 -9.16 -4.14
C THR A 813 8.00 -8.87 -4.82
N LEU A 814 7.94 -8.09 -5.89
CA LEU A 814 9.13 -7.73 -6.66
C LEU A 814 10.05 -6.82 -5.86
N GLN A 815 9.48 -6.01 -4.97
CA GLN A 815 10.26 -5.19 -4.07
C GLN A 815 11.05 -6.07 -3.12
N ILE A 816 10.34 -6.96 -2.43
CA ILE A 816 10.93 -7.92 -1.51
C ILE A 816 12.07 -8.69 -2.16
N ILE A 817 11.83 -9.17 -3.37
CA ILE A 817 12.83 -9.94 -4.11
C ILE A 817 14.11 -9.13 -4.32
N ARG A 818 13.94 -7.87 -4.74
CA ARG A 818 15.07 -6.96 -4.92
C ARG A 818 15.84 -6.83 -3.62
N ILE A 819 15.10 -6.67 -2.53
CA ILE A 819 15.70 -6.51 -1.22
C ILE A 819 16.46 -7.77 -0.81
N MET A 820 15.90 -8.93 -1.13
CA MET A 820 16.55 -10.21 -0.84
C MET A 820 17.87 -10.36 -1.59
N GLU A 821 17.84 -10.02 -2.87
CA GLU A 821 19.03 -10.07 -3.71
C GLU A 821 20.08 -9.14 -3.14
N ASN A 822 19.64 -8.00 -2.60
CA ASN A 822 20.54 -7.05 -1.97
C ASN A 822 21.23 -7.68 -0.77
N ILE A 823 20.45 -8.35 0.07
CA ILE A 823 20.98 -9.04 1.24
C ILE A 823 22.06 -10.02 0.84
N TRP A 824 21.75 -10.82 -0.17
CA TRP A 824 22.65 -11.86 -0.65
C TRP A 824 23.95 -11.31 -1.24
N GLN A 825 23.85 -10.21 -1.98
CA GLN A 825 25.02 -9.62 -2.60
C GLN A 825 26.03 -9.11 -1.58
N ASN A 826 25.57 -8.30 -0.64
CA ASN A 826 26.45 -7.78 0.41
C ASN A 826 26.93 -8.89 1.33
N GLN A 827 26.37 -10.08 1.16
CA GLN A 827 26.75 -11.24 1.94
C GLN A 827 27.71 -12.12 1.14
N GLY A 828 27.98 -11.71 -0.09
CA GLY A 828 28.92 -12.43 -0.94
C GLY A 828 28.24 -13.51 -1.75
N LEU A 829 26.95 -13.69 -1.50
CA LEU A 829 26.16 -14.67 -2.25
C LEU A 829 25.60 -14.07 -3.53
N ASP A 830 26.27 -14.36 -4.65
CA ASP A 830 25.82 -13.88 -5.96
C ASP A 830 24.69 -14.73 -6.50
N LEU A 831 23.46 -14.25 -6.35
CA LEU A 831 22.30 -14.89 -6.95
C LEU A 831 21.46 -13.86 -7.69
N ARG A 832 21.55 -13.89 -9.02
CA ARG A 832 20.83 -12.94 -9.86
C ARG A 832 19.32 -13.14 -9.87
N MET A 833 18.60 -12.20 -9.25
CA MET A 833 17.14 -12.15 -9.32
C MET A 833 16.73 -11.16 -10.40
N LEU A 834 15.45 -11.16 -10.75
CA LEU A 834 14.95 -10.19 -11.73
C LEU A 834 13.68 -9.48 -11.25
N PRO A 835 13.83 -8.55 -10.30
CA PRO A 835 12.71 -7.71 -9.86
C PRO A 835 12.41 -6.65 -10.92
N TYR A 836 11.79 -7.07 -12.02
CA TYR A 836 11.39 -6.15 -13.08
C TYR A 836 10.39 -5.13 -12.55
N GLY A 837 10.28 -4.01 -13.26
CA GLY A 837 9.41 -2.92 -12.83
C GLY A 837 7.94 -3.28 -12.76
N CYS A 838 7.31 -2.92 -11.65
CA CYS A 838 5.88 -3.09 -11.49
C CYS A 838 5.32 -2.00 -10.59
N LEU A 839 4.34 -1.28 -11.11
CA LEU A 839 3.78 -0.14 -10.42
C LEU A 839 2.26 -0.12 -10.55
N SER A 840 1.58 -0.15 -9.41
CA SER A 840 0.14 0.06 -9.39
C SER A 840 -0.10 1.55 -9.55
N ILE A 841 -0.89 1.91 -10.56
CA ILE A 841 -1.15 3.32 -10.86
C ILE A 841 -2.59 3.71 -10.56
N GLY A 842 -3.40 2.72 -10.20
CA GLY A 842 -4.79 2.96 -9.85
C GLY A 842 -5.49 1.73 -9.31
N ASP A 843 -6.82 1.77 -9.22
CA ASP A 843 -7.61 0.63 -8.78
C ASP A 843 -7.55 -0.53 -9.77
N CYS A 844 -6.73 -1.53 -9.45
CA CYS A 844 -6.53 -2.67 -10.33
C CYS A 844 -6.06 -2.21 -11.72
N VAL A 845 -5.18 -1.22 -11.73
CA VAL A 845 -4.57 -0.71 -12.95
C VAL A 845 -3.09 -0.53 -12.67
N GLY A 846 -2.23 -1.02 -13.57
CA GLY A 846 -0.80 -0.94 -13.34
C GLY A 846 0.05 -1.22 -14.56
N LEU A 847 1.35 -1.05 -14.39
CA LEU A 847 2.31 -1.22 -15.49
C LEU A 847 3.32 -2.30 -15.16
N ILE A 848 3.69 -3.09 -16.16
CA ILE A 848 4.67 -4.15 -15.98
C ILE A 848 5.80 -4.00 -16.99
N GLU A 849 7.04 -3.88 -16.48
CA GLU A 849 8.21 -3.79 -17.34
C GLU A 849 8.45 -5.08 -18.11
N VAL A 850 8.60 -4.97 -19.43
CA VAL A 850 8.89 -6.12 -20.25
C VAL A 850 10.39 -6.40 -20.30
N VAL A 851 10.78 -7.62 -19.94
CA VAL A 851 12.16 -8.04 -20.01
C VAL A 851 12.49 -8.56 -21.41
N ARG A 852 13.47 -7.94 -22.06
CA ARG A 852 13.86 -8.35 -23.39
C ARG A 852 14.54 -9.72 -23.37
N ASN A 853 14.39 -10.44 -24.48
CA ASN A 853 15.03 -11.73 -24.69
C ASN A 853 14.68 -12.78 -23.63
N SER A 854 13.41 -12.80 -23.22
CA SER A 854 12.96 -13.79 -22.26
C SER A 854 11.78 -14.62 -22.79
N HIS A 855 11.71 -15.87 -22.37
CA HIS A 855 10.71 -16.80 -22.86
C HIS A 855 10.13 -17.62 -21.71
N THR A 856 8.84 -17.92 -21.76
CA THR A 856 8.24 -18.83 -20.79
C THR A 856 8.82 -20.22 -21.02
N ILE A 857 8.71 -21.09 -20.01
CA ILE A 857 9.18 -22.46 -20.15
C ILE A 857 8.36 -23.18 -21.22
N MET A 858 7.07 -22.85 -21.29
CA MET A 858 6.15 -23.47 -22.23
C MET A 858 6.56 -23.17 -23.66
N GLN A 859 7.08 -21.97 -23.90
CA GLN A 859 7.56 -21.58 -25.22
C GLN A 859 8.77 -22.41 -25.60
N ILE A 860 9.54 -22.82 -24.60
CA ILE A 860 10.73 -23.63 -24.81
C ILE A 860 10.40 -25.12 -24.96
N GLN A 861 9.49 -25.61 -24.13
CA GLN A 861 9.19 -27.04 -24.08
C GLN A 861 8.30 -27.53 -25.22
N CYS A 862 7.36 -26.68 -25.64
CA CYS A 862 6.33 -27.05 -26.59
C CYS A 862 6.89 -27.68 -27.87
N LYS A 863 6.32 -28.82 -28.25
CA LYS A 863 6.81 -29.58 -29.40
C LYS A 863 5.70 -30.41 -30.01
N ASN A 873 9.94 -34.31 -23.26
CA ASN A 873 11.36 -34.63 -23.26
C ASN A 873 12.13 -33.75 -22.28
N SER A 874 12.69 -34.37 -21.24
CA SER A 874 13.26 -33.64 -20.12
C SER A 874 14.54 -32.88 -20.44
N HIS A 875 15.10 -33.10 -21.63
CA HIS A 875 16.38 -32.50 -22.00
C HIS A 875 16.22 -31.27 -22.89
N THR A 876 14.99 -30.99 -23.31
CA THR A 876 14.70 -29.88 -24.21
C THR A 876 15.24 -28.53 -23.72
N LEU A 877 14.96 -28.19 -22.47
CA LEU A 877 15.41 -26.93 -21.89
C LEU A 877 16.92 -26.83 -21.91
N HIS A 878 17.59 -27.91 -21.51
CA HIS A 878 19.03 -27.96 -21.54
C HIS A 878 19.56 -27.74 -22.94
N GLN A 879 18.91 -28.39 -23.92
CA GLN A 879 19.29 -28.24 -25.32
C GLN A 879 19.04 -26.80 -25.79
N TRP A 880 17.92 -26.22 -25.37
CA TRP A 880 17.54 -24.88 -25.78
C TRP A 880 18.61 -23.86 -25.44
N LEU A 881 19.04 -23.87 -24.19
CA LEU A 881 20.02 -22.90 -23.71
C LEU A 881 21.43 -23.26 -24.14
N LYS A 882 21.63 -24.53 -24.49
CA LYS A 882 22.91 -24.96 -25.03
C LYS A 882 23.12 -24.25 -26.36
N ASP A 883 22.13 -24.37 -27.24
CA ASP A 883 22.18 -23.72 -28.55
C ASP A 883 22.25 -22.20 -28.46
N LYS A 884 21.83 -21.66 -27.32
CA LYS A 884 21.88 -20.21 -27.12
C LYS A 884 23.26 -19.75 -26.64
N ASN A 885 23.96 -20.63 -25.92
CA ASN A 885 25.26 -20.29 -25.34
C ASN A 885 26.40 -21.21 -25.80
N LYS A 886 26.15 -21.97 -26.86
CA LYS A 886 27.10 -23.00 -27.29
C LYS A 886 28.50 -22.46 -27.50
N GLY A 887 29.49 -23.30 -27.21
CA GLY A 887 30.87 -22.89 -27.21
C GLY A 887 31.40 -22.86 -25.79
N GLU A 888 32.43 -22.07 -25.56
CA GLU A 888 33.05 -21.99 -24.24
C GLU A 888 32.28 -21.12 -23.26
N ILE A 889 31.19 -20.49 -23.71
CA ILE A 889 30.42 -19.61 -22.83
C ILE A 889 29.30 -20.37 -22.11
N TYR A 890 29.21 -21.66 -22.43
CA TYR A 890 28.26 -22.59 -21.81
C TYR A 890 28.26 -22.57 -20.28
N ASP A 891 29.45 -22.62 -19.69
CA ASP A 891 29.58 -22.71 -18.24
C ASP A 891 29.16 -21.45 -17.48
N ALA A 892 29.14 -20.31 -18.15
CA ALA A 892 28.64 -19.10 -17.53
C ALA A 892 27.13 -19.15 -17.47
N ALA A 893 26.54 -19.79 -18.48
CA ALA A 893 25.10 -19.85 -18.62
C ALA A 893 24.47 -20.85 -17.66
N ILE A 894 25.10 -22.02 -17.52
CA ILE A 894 24.63 -23.02 -16.57
C ILE A 894 24.76 -22.47 -15.14
N ASP A 895 25.88 -21.80 -14.88
CA ASP A 895 26.13 -21.17 -13.59
C ASP A 895 25.03 -20.17 -13.27
N LEU A 896 24.78 -19.26 -14.20
CA LEU A 896 23.78 -18.22 -14.04
C LEU A 896 22.40 -18.81 -13.77
N PHE A 897 22.03 -19.80 -14.57
CA PHE A 897 20.77 -20.52 -14.41
C PHE A 897 20.64 -21.10 -13.01
N THR A 898 21.70 -21.80 -12.59
CA THR A 898 21.71 -22.46 -11.29
C THR A 898 21.55 -21.45 -10.15
N ARG A 899 22.27 -20.34 -10.23
CA ARG A 899 22.16 -19.30 -9.22
C ARG A 899 20.76 -18.70 -9.17
N SER A 900 20.23 -18.40 -10.35
CA SER A 900 18.89 -17.84 -10.46
C SER A 900 17.84 -18.77 -9.85
N CYS A 901 17.91 -20.05 -10.20
CA CYS A 901 17.01 -21.06 -9.65
C CYS A 901 17.05 -21.08 -8.13
N ALA A 902 18.25 -21.16 -7.58
CA ALA A 902 18.47 -21.17 -6.13
C ALA A 902 17.75 -20.00 -5.43
N GLY A 903 18.01 -18.79 -5.92
CA GLY A 903 17.40 -17.60 -5.37
C GLY A 903 15.88 -17.61 -5.42
N TYR A 904 15.31 -18.01 -6.55
CA TYR A 904 13.85 -18.08 -6.66
C TYR A 904 13.25 -19.23 -5.87
N CYS A 905 13.94 -20.37 -5.82
CA CYS A 905 13.48 -21.49 -5.02
C CYS A 905 13.35 -21.08 -3.55
N VAL A 906 14.38 -20.41 -3.04
CA VAL A 906 14.38 -19.94 -1.66
C VAL A 906 13.38 -18.80 -1.45
N ALA A 907 13.44 -17.80 -2.33
CA ALA A 907 12.59 -16.62 -2.22
C ALA A 907 11.10 -16.95 -2.25
N THR A 908 10.71 -17.85 -3.15
CA THR A 908 9.30 -18.19 -3.31
C THR A 908 8.78 -19.08 -2.18
N PHE A 909 9.64 -19.94 -1.64
CA PHE A 909 9.23 -20.79 -0.52
C PHE A 909 8.95 -19.92 0.70
N ILE A 910 9.81 -18.93 0.93
CA ILE A 910 9.67 -18.02 2.04
C ILE A 910 8.37 -17.20 1.95
N LEU A 911 8.08 -16.71 0.75
CA LEU A 911 6.93 -15.83 0.55
C LEU A 911 5.61 -16.57 0.36
N GLY A 912 5.68 -17.82 -0.09
CA GLY A 912 4.48 -18.60 -0.32
C GLY A 912 3.63 -18.06 -1.45
N ILE A 913 4.28 -17.68 -2.55
CA ILE A 913 3.59 -17.17 -3.73
C ILE A 913 2.82 -18.31 -4.40
N GLY A 914 1.95 -17.94 -5.34
CA GLY A 914 1.17 -18.92 -6.08
C GLY A 914 2.04 -19.93 -6.80
N ASP A 915 1.49 -21.12 -7.03
CA ASP A 915 2.22 -22.22 -7.64
C ASP A 915 2.87 -21.85 -8.97
N ARG A 916 4.09 -22.33 -9.17
CA ARG A 916 4.81 -22.11 -10.42
C ARG A 916 4.43 -23.17 -11.44
N HIS A 917 4.19 -22.72 -12.67
CA HIS A 917 4.06 -23.63 -13.80
C HIS A 917 4.88 -23.07 -14.96
N ASN A 918 4.83 -23.75 -16.10
CA ASN A 918 5.67 -23.40 -17.23
C ASN A 918 5.29 -22.09 -17.91
N SER A 919 4.17 -21.50 -17.48
CA SER A 919 3.79 -20.17 -17.93
C SER A 919 4.16 -19.12 -16.87
N ASN A 920 4.44 -19.61 -15.66
CA ASN A 920 4.84 -18.75 -14.55
C ASN A 920 6.33 -18.43 -14.60
N ILE A 921 7.09 -19.27 -15.28
CA ILE A 921 8.53 -19.23 -15.21
C ILE A 921 9.17 -18.86 -16.56
N MET A 922 10.10 -17.93 -16.54
CA MET A 922 10.77 -17.52 -17.77
C MET A 922 12.29 -17.69 -17.72
N VAL A 923 12.90 -17.81 -18.89
CA VAL A 923 14.35 -17.89 -19.01
C VAL A 923 14.85 -16.84 -19.99
N LYS A 924 16.09 -16.37 -19.79
CA LYS A 924 16.71 -15.48 -20.75
C LYS A 924 17.77 -16.23 -21.55
N ASP A 925 18.20 -15.61 -22.65
CA ASP A 925 19.24 -16.20 -23.51
C ASP A 925 20.48 -16.55 -22.73
N ASP A 926 20.90 -15.64 -21.86
CA ASP A 926 22.14 -15.80 -21.11
C ASP A 926 22.07 -16.89 -20.04
N GLY A 927 20.88 -17.43 -19.82
CA GLY A 927 20.70 -18.55 -18.91
C GLY A 927 19.90 -18.20 -17.66
N GLN A 928 19.74 -16.91 -17.41
CA GLN A 928 19.06 -16.45 -16.20
C GLN A 928 17.58 -16.82 -16.15
N LEU A 929 17.18 -17.53 -15.09
CA LEU A 929 15.78 -17.83 -14.82
C LEU A 929 15.17 -16.80 -13.88
N PHE A 930 13.90 -16.49 -14.07
CA PHE A 930 13.15 -15.66 -13.13
C PHE A 930 11.67 -16.03 -13.16
N HIS A 931 10.91 -15.44 -12.26
CA HIS A 931 9.48 -15.70 -12.17
C HIS A 931 8.66 -14.46 -12.49
N ILE A 932 7.43 -14.69 -12.96
CA ILE A 932 6.48 -13.62 -13.20
C ILE A 932 5.13 -13.99 -12.61
N ASP A 933 4.27 -12.98 -12.46
CA ASP A 933 2.89 -13.19 -12.05
C ASP A 933 2.79 -14.00 -10.75
N PHE A 934 3.21 -13.39 -9.65
CA PHE A 934 3.30 -14.09 -8.38
C PHE A 934 1.93 -14.32 -7.75
N GLY A 935 1.01 -13.40 -8.01
CA GLY A 935 -0.33 -13.47 -7.46
C GLY A 935 -0.31 -13.40 -5.94
N HIS A 936 -1.20 -14.17 -5.31
CA HIS A 936 -1.29 -14.25 -3.86
C HIS A 936 0.04 -14.66 -3.24
N PHE A 937 0.34 -14.07 -2.09
CA PHE A 937 1.51 -14.49 -1.30
C PHE A 937 1.08 -14.87 0.11
N LEU A 938 2.05 -15.35 0.90
CA LEU A 938 1.80 -15.77 2.28
C LEU A 938 0.73 -16.86 2.35
N ASP A 939 0.63 -17.64 1.28
CA ASP A 939 -0.31 -18.75 1.20
C ASP A 939 -1.74 -18.26 1.46
N HIS A 940 -2.30 -17.54 0.50
CA HIS A 940 -3.65 -16.98 0.66
C HIS A 940 -4.74 -17.99 0.33
N LYS A 941 -4.35 -19.08 -0.32
CA LYS A 941 -5.28 -20.16 -0.60
C LYS A 941 -5.20 -21.20 0.52
N LYS A 942 -4.58 -20.80 1.61
CA LYS A 942 -4.44 -21.65 2.80
C LYS A 942 -5.82 -21.94 3.38
N LYS A 943 -6.63 -20.89 3.56
CA LYS A 943 -8.05 -21.06 3.82
C LYS A 943 -8.73 -21.29 2.47
N LYS A 944 -10.01 -21.63 2.49
CA LYS A 944 -10.72 -22.25 1.35
C LYS A 944 -10.19 -23.65 1.09
N PHE A 945 -9.14 -23.99 1.84
CA PHE A 945 -8.74 -25.36 2.12
C PHE A 945 -8.56 -25.33 3.62
N GLY A 946 -8.35 -26.49 4.24
CA GLY A 946 -8.11 -26.53 5.67
C GLY A 946 -6.66 -26.80 5.97
N TYR A 947 -5.93 -27.19 4.94
CA TYR A 947 -4.54 -27.60 5.08
C TYR A 947 -3.67 -26.45 5.60
N LYS A 948 -2.90 -26.73 6.65
CA LYS A 948 -2.16 -25.69 7.37
C LYS A 948 -0.68 -25.71 7.02
N ARG A 949 -0.29 -26.67 6.18
CA ARG A 949 1.10 -26.88 5.80
C ARG A 949 1.67 -25.77 4.91
N GLU A 950 2.98 -25.53 5.02
CA GLU A 950 3.68 -24.65 4.09
C GLU A 950 4.03 -25.41 2.84
N ARG A 951 3.67 -24.86 1.68
CA ARG A 951 3.94 -25.53 0.42
C ARG A 951 5.18 -24.96 -0.26
N VAL A 952 5.58 -25.63 -1.34
CA VAL A 952 6.73 -25.24 -2.13
C VAL A 952 6.28 -24.90 -3.55
N PRO A 953 6.01 -23.62 -3.79
CA PRO A 953 5.49 -23.09 -5.06
C PRO A 953 6.36 -23.47 -6.25
N PHE A 954 7.67 -23.51 -6.03
CA PHE A 954 8.63 -23.72 -7.11
C PHE A 954 9.36 -25.05 -6.92
N VAL A 955 8.85 -26.10 -7.56
CA VAL A 955 9.46 -27.42 -7.49
C VAL A 955 10.30 -27.67 -8.73
N LEU A 956 11.49 -28.23 -8.52
CA LEU A 956 12.43 -28.47 -9.61
C LEU A 956 12.19 -29.80 -10.29
N THR A 957 11.59 -29.76 -11.48
CA THR A 957 11.38 -30.95 -12.28
C THR A 957 12.73 -31.45 -12.80
N GLN A 958 12.72 -32.65 -13.39
CA GLN A 958 13.91 -33.22 -13.98
C GLN A 958 14.50 -32.27 -15.01
N ASP A 959 13.61 -31.58 -15.73
CA ASP A 959 14.00 -30.61 -16.75
C ASP A 959 14.96 -29.57 -16.21
N PHE A 960 14.65 -29.02 -15.05
CA PHE A 960 15.49 -28.01 -14.41
C PHE A 960 16.76 -28.64 -13.83
N LEU A 961 16.61 -29.81 -13.24
CA LEU A 961 17.72 -30.50 -12.60
C LEU A 961 18.81 -30.87 -13.60
N ILE A 962 18.39 -31.28 -14.80
CA ILE A 962 19.31 -31.66 -15.86
C ILE A 962 20.20 -30.49 -16.28
N VAL A 963 19.60 -29.31 -16.36
CA VAL A 963 20.31 -28.10 -16.73
C VAL A 963 21.39 -27.79 -15.70
N ILE A 964 21.02 -27.88 -14.44
CA ILE A 964 21.97 -27.70 -13.35
C ILE A 964 23.02 -28.80 -13.41
N SER A 965 22.61 -29.99 -13.85
CA SER A 965 23.51 -31.13 -13.91
C SER A 965 24.41 -31.10 -15.16
N LYS A 966 24.24 -30.08 -16.00
CA LYS A 966 24.94 -30.02 -17.27
C LYS A 966 24.71 -31.28 -18.10
N GLY A 967 23.52 -31.84 -17.96
CA GLY A 967 23.09 -32.97 -18.76
C GLY A 967 23.15 -34.32 -18.07
N ALA A 968 23.80 -34.37 -16.92
CA ALA A 968 24.06 -35.61 -16.19
C ALA A 968 22.85 -36.54 -16.07
N GLN A 969 23.08 -37.82 -16.31
CA GLN A 969 22.02 -38.82 -16.33
C GLN A 969 21.30 -38.93 -14.99
N GLU A 970 22.07 -39.12 -13.92
CA GLU A 970 21.53 -39.02 -12.58
C GLU A 970 21.76 -37.60 -12.07
N CYS A 971 20.73 -36.77 -12.19
CA CYS A 971 20.88 -35.33 -11.94
C CYS A 971 20.79 -34.90 -10.48
N THR A 972 20.35 -35.80 -9.61
CA THR A 972 20.19 -35.47 -8.21
C THR A 972 21.41 -35.90 -7.39
N LYS A 973 22.34 -36.58 -8.04
CA LYS A 973 23.50 -37.12 -7.33
C LYS A 973 24.81 -36.44 -7.72
N THR A 974 24.73 -35.38 -8.52
CA THR A 974 25.92 -34.73 -9.07
C THR A 974 26.62 -33.79 -8.11
N ARG A 975 27.79 -33.32 -8.52
CA ARG A 975 28.55 -32.33 -7.79
C ARG A 975 27.91 -30.96 -7.98
N GLU A 976 27.30 -30.77 -9.13
CA GLU A 976 26.63 -29.51 -9.45
C GLU A 976 25.34 -29.33 -8.66
N PHE A 977 24.62 -30.41 -8.40
CA PHE A 977 23.36 -30.33 -7.66
C PHE A 977 23.60 -30.14 -6.17
N GLU A 978 24.60 -30.86 -5.64
CA GLU A 978 24.96 -30.76 -4.23
C GLU A 978 25.37 -29.33 -3.91
N ARG A 979 26.12 -28.74 -4.82
CA ARG A 979 26.56 -27.36 -4.69
C ARG A 979 25.37 -26.41 -4.81
N PHE A 980 24.42 -26.76 -5.66
CA PHE A 980 23.19 -25.98 -5.80
C PHE A 980 22.42 -25.96 -4.49
N GLN A 981 22.34 -27.11 -3.83
CA GLN A 981 21.70 -27.22 -2.52
C GLN A 981 22.32 -26.25 -1.53
N GLU A 982 23.65 -26.26 -1.45
CA GLU A 982 24.38 -25.41 -0.53
C GLU A 982 24.09 -23.93 -0.79
N MET A 983 23.89 -23.59 -2.06
CA MET A 983 23.55 -22.23 -2.44
C MET A 983 22.20 -21.82 -1.85
N CYS A 984 21.23 -22.73 -1.93
CA CYS A 984 19.92 -22.49 -1.36
C CYS A 984 20.01 -22.40 0.16
N TYR A 985 20.74 -23.34 0.76
CA TYR A 985 20.90 -23.39 2.22
C TYR A 985 21.48 -22.10 2.77
N LYS A 986 22.38 -21.50 2.01
CA LYS A 986 23.00 -20.24 2.40
C LYS A 986 22.01 -19.08 2.28
N ALA A 987 21.38 -18.97 1.12
CA ALA A 987 20.41 -17.93 0.83
C ALA A 987 19.27 -17.93 1.84
N TYR A 988 18.88 -19.13 2.27
CA TYR A 988 17.81 -19.30 3.23
C TYR A 988 18.19 -18.71 4.59
N LEU A 989 19.36 -19.10 5.10
CA LEU A 989 19.85 -18.64 6.39
C LEU A 989 20.09 -17.13 6.35
N ALA A 990 20.55 -16.64 5.21
CA ALA A 990 20.80 -15.22 4.99
C ALA A 990 19.54 -14.40 5.25
N ILE A 991 18.45 -14.81 4.62
CA ILE A 991 17.16 -14.16 4.79
C ILE A 991 16.66 -14.27 6.23
N ARG A 992 16.88 -15.44 6.82
CA ARG A 992 16.47 -15.67 8.21
C ARG A 992 17.12 -14.67 9.16
N GLN A 993 18.41 -14.40 8.95
CA GLN A 993 19.12 -13.42 9.76
C GLN A 993 18.52 -12.02 9.62
N HIS A 994 17.96 -11.73 8.45
CA HIS A 994 17.37 -10.42 8.18
C HIS A 994 15.84 -10.44 8.26
N ALA A 995 15.32 -11.38 9.06
CA ALA A 995 13.87 -11.60 9.15
C ALA A 995 13.08 -10.37 9.61
N ASN A 996 13.60 -9.67 10.61
CA ASN A 996 12.95 -8.49 11.19
C ASN A 996 12.58 -7.46 10.14
N LEU A 997 13.48 -7.24 9.19
CA LEU A 997 13.27 -6.30 8.10
C LEU A 997 11.99 -6.63 7.34
N PHE A 998 11.87 -7.88 6.93
CA PHE A 998 10.73 -8.33 6.15
C PHE A 998 9.43 -8.35 6.95
N ILE A 999 9.51 -8.73 8.22
CA ILE A 999 8.35 -8.71 9.09
C ILE A 999 7.85 -7.29 9.27
N ASN A 1000 8.79 -6.37 9.51
CA ASN A 1000 8.50 -4.96 9.65
C ASN A 1000 7.81 -4.39 8.42
N LEU A 1001 8.40 -4.66 7.26
CA LEU A 1001 7.86 -4.20 5.98
C LEU A 1001 6.44 -4.69 5.76
N PHE A 1002 6.17 -5.93 6.17
CA PHE A 1002 4.82 -6.49 6.05
C PHE A 1002 3.84 -5.86 7.03
N SER A 1003 4.31 -5.56 8.24
CA SER A 1003 3.47 -4.98 9.28
C SER A 1003 2.96 -3.59 8.87
N MET A 1004 3.81 -2.87 8.15
CA MET A 1004 3.46 -1.53 7.67
C MET A 1004 2.36 -1.56 6.62
N MET A 1005 2.16 -2.71 6.00
CA MET A 1005 1.19 -2.85 4.91
C MET A 1005 -0.19 -3.31 5.36
N LEU A 1006 -0.34 -3.62 6.65
CA LEU A 1006 -1.58 -4.25 7.13
C LEU A 1006 -2.85 -3.42 6.87
N GLY A 1007 -2.70 -2.12 6.67
CA GLY A 1007 -3.81 -1.27 6.35
C GLY A 1007 -4.03 -1.06 4.86
N SER A 1008 -3.15 -1.65 4.04
CA SER A 1008 -3.16 -1.45 2.60
C SER A 1008 -4.52 -1.70 1.94
N GLY A 1009 -5.23 -2.72 2.40
CA GLY A 1009 -6.47 -3.14 1.78
C GLY A 1009 -6.21 -4.39 0.96
N MET A 1010 -4.95 -4.80 0.90
CA MET A 1010 -4.60 -6.06 0.25
C MET A 1010 -5.12 -7.22 1.08
N PRO A 1011 -5.97 -8.04 0.46
CA PRO A 1011 -6.62 -9.17 1.13
C PRO A 1011 -5.63 -10.15 1.75
N GLU A 1012 -4.42 -10.22 1.21
CA GLU A 1012 -3.45 -11.22 1.59
C GLU A 1012 -2.84 -10.93 2.95
N LEU A 1013 -2.92 -9.68 3.38
CA LEU A 1013 -2.52 -9.32 4.74
C LEU A 1013 -3.47 -8.28 5.36
N GLN A 1014 -4.53 -8.77 5.99
CA GLN A 1014 -5.42 -7.92 6.76
C GLN A 1014 -5.07 -8.01 8.24
N SER A 1015 -4.26 -9.01 8.56
CA SER A 1015 -3.99 -9.35 9.95
C SER A 1015 -2.54 -9.75 10.19
N PHE A 1016 -2.14 -9.68 11.46
CA PHE A 1016 -0.83 -10.14 11.87
C PHE A 1016 -0.70 -11.65 11.70
N ASP A 1017 -1.84 -12.34 11.72
CA ASP A 1017 -1.87 -13.78 11.47
C ASP A 1017 -1.39 -14.06 10.05
N ASP A 1018 -1.71 -13.15 9.13
CA ASP A 1018 -1.33 -13.30 7.73
C ASP A 1018 0.18 -13.21 7.56
N ILE A 1019 0.79 -12.21 8.21
CA ILE A 1019 2.23 -12.01 8.14
C ILE A 1019 2.99 -13.20 8.72
N ALA A 1020 2.38 -13.82 9.73
CA ALA A 1020 2.98 -14.93 10.47
C ALA A 1020 3.49 -16.09 9.62
N TYR A 1021 3.04 -16.15 8.37
CA TYR A 1021 3.44 -17.22 7.46
C TYR A 1021 4.95 -17.27 7.25
N ILE A 1022 5.59 -16.12 7.15
CA ILE A 1022 7.04 -16.09 6.95
C ILE A 1022 7.80 -16.46 8.20
N ARG A 1023 7.16 -16.31 9.37
CA ARG A 1023 7.80 -16.72 10.62
C ARG A 1023 7.94 -18.24 10.61
N LYS A 1024 7.02 -18.89 9.90
CA LYS A 1024 6.97 -20.33 9.82
C LYS A 1024 7.99 -20.86 8.80
N THR A 1025 8.03 -20.23 7.63
CA THR A 1025 8.93 -20.65 6.57
C THR A 1025 10.39 -20.35 6.93
N LEU A 1026 10.59 -19.31 7.73
CA LEU A 1026 11.93 -18.97 8.19
C LEU A 1026 12.20 -19.65 9.54
N ALA A 1027 11.20 -20.37 10.05
CA ALA A 1027 11.30 -21.12 11.30
C ALA A 1027 11.90 -20.28 12.43
N LEU A 1028 11.30 -19.11 12.65
CA LEU A 1028 11.87 -18.13 13.58
C LEU A 1028 11.78 -18.56 15.04
N ASP A 1029 10.80 -19.39 15.36
CA ASP A 1029 10.66 -19.92 16.72
C ASP A 1029 11.50 -21.18 16.92
N LYS A 1030 12.31 -21.51 15.91
CA LYS A 1030 13.21 -22.65 16.01
C LYS A 1030 14.65 -22.21 16.17
N THR A 1031 15.53 -23.16 16.44
CA THR A 1031 16.96 -22.93 16.42
C THR A 1031 17.40 -22.82 14.95
N GLU A 1032 18.49 -22.09 14.69
CA GLU A 1032 18.97 -21.89 13.32
C GLU A 1032 19.23 -23.23 12.64
N GLN A 1033 19.91 -24.11 13.36
CA GLN A 1033 20.22 -25.44 12.85
C GLN A 1033 18.93 -26.25 12.67
N GLU A 1034 17.93 -25.96 13.48
CA GLU A 1034 16.63 -26.58 13.32
C GLU A 1034 15.91 -26.03 12.08
N ALA A 1035 16.16 -24.77 11.78
CA ALA A 1035 15.53 -24.11 10.63
C ALA A 1035 15.99 -24.74 9.32
N LEU A 1036 17.29 -24.96 9.20
CA LEU A 1036 17.86 -25.56 7.99
C LEU A 1036 17.29 -26.95 7.76
N GLU A 1037 17.22 -27.74 8.83
CA GLU A 1037 16.64 -29.07 8.78
C GLU A 1037 15.18 -29.02 8.33
N TYR A 1038 14.46 -28.02 8.83
CA TYR A 1038 13.08 -27.77 8.41
C TYR A 1038 13.03 -27.55 6.89
N PHE A 1039 13.90 -26.68 6.41
CA PHE A 1039 13.97 -26.34 4.98
C PHE A 1039 14.20 -27.57 4.10
N MET A 1040 15.27 -28.30 4.40
CA MET A 1040 15.63 -29.52 3.68
C MET A 1040 14.46 -30.48 3.63
N LYS A 1041 13.79 -30.63 4.76
CA LYS A 1041 12.63 -31.50 4.89
C LYS A 1041 11.53 -31.06 3.93
N GLN A 1042 11.22 -29.77 3.94
CA GLN A 1042 10.18 -29.21 3.07
C GLN A 1042 10.50 -29.48 1.60
N MET A 1043 11.79 -29.42 1.27
CA MET A 1043 12.25 -29.65 -0.09
C MET A 1043 12.11 -31.13 -0.45
N ASN A 1044 12.61 -32.00 0.43
CA ASN A 1044 12.57 -33.45 0.23
C ASN A 1044 11.15 -33.93 0.02
N ASP A 1045 10.22 -33.42 0.83
CA ASP A 1045 8.80 -33.77 0.72
C ASP A 1045 8.22 -33.32 -0.61
N ALA A 1046 8.65 -32.16 -1.06
CA ALA A 1046 8.14 -31.57 -2.30
C ALA A 1046 8.77 -32.22 -3.53
N HIS A 1047 10.00 -32.70 -3.40
CA HIS A 1047 10.70 -33.30 -4.52
C HIS A 1047 10.69 -34.82 -4.46
N HIS A 1048 9.86 -35.35 -3.57
CA HIS A 1048 9.66 -36.80 -3.42
C HIS A 1048 10.97 -37.57 -3.26
N GLY A 1049 11.79 -37.13 -2.30
CA GLY A 1049 13.06 -37.76 -2.04
C GLY A 1049 14.19 -37.22 -2.91
N GLY A 1050 13.81 -36.60 -4.02
CA GLY A 1050 14.78 -36.12 -4.99
C GLY A 1050 15.71 -35.01 -4.53
N TRP A 1051 15.46 -34.46 -3.35
CA TRP A 1051 16.30 -33.40 -2.80
C TRP A 1051 17.53 -33.96 -2.10
N THR A 1052 17.62 -35.29 -2.06
CA THR A 1052 18.60 -35.98 -1.22
C THR A 1052 18.43 -35.49 0.23
N THR A 1053 19.53 -35.44 0.97
CA THR A 1053 19.49 -35.14 2.40
C THR A 1053 20.91 -35.06 2.94
N LYS A 1054 21.04 -34.88 4.25
CA LYS A 1054 22.35 -34.90 4.89
C LYS A 1054 23.05 -36.24 4.69
N MET A 1055 22.25 -37.27 4.44
CA MET A 1055 22.75 -38.62 4.26
C MET A 1055 23.20 -38.85 2.82
N ASP A 1056 24.51 -38.88 2.61
CA ASP A 1056 25.09 -39.10 1.30
C ASP A 1056 25.97 -40.36 1.26
N TRP A 1057 26.00 -41.02 0.11
CA TRP A 1057 26.78 -42.25 -0.03
C TRP A 1057 27.92 -42.13 -1.04
N ILE A 1058 29.14 -42.19 -0.55
CA ILE A 1058 30.31 -42.36 -1.41
C ILE A 1058 30.52 -43.85 -1.61
N PHE A 1059 29.58 -44.63 -1.08
CA PHE A 1059 29.82 -46.03 -0.80
C PHE A 1059 29.33 -46.92 -1.95
N MET B 31 -8.80 -37.47 41.04
CA MET B 31 -8.33 -38.19 39.87
C MET B 31 -7.41 -37.31 39.03
N ASN B 32 -7.63 -36.00 39.10
CA ASN B 32 -6.95 -35.02 38.26
C ASN B 32 -5.42 -35.08 38.29
N ASN B 33 -4.85 -34.80 39.44
CA ASN B 33 -3.41 -34.59 39.57
C ASN B 33 -2.49 -35.73 39.13
N ASN B 34 -3.06 -36.91 38.90
CA ASN B 34 -2.25 -38.06 38.47
C ASN B 34 -2.35 -38.32 36.98
N MET B 35 -3.19 -37.54 36.30
CA MET B 35 -3.33 -37.62 34.86
C MET B 35 -2.01 -37.24 34.18
N SER B 36 -1.68 -37.91 33.10
CA SER B 36 -0.50 -37.58 32.33
C SER B 36 -0.72 -36.25 31.61
N LEU B 37 0.35 -35.49 31.43
CA LEU B 37 0.27 -34.22 30.73
C LEU B 37 -0.23 -34.41 29.31
N GLN B 38 0.17 -35.52 28.69
CA GLN B 38 -0.28 -35.84 27.34
C GLN B 38 -1.79 -35.95 27.26
N ASP B 39 -2.40 -36.50 28.31
CA ASP B 39 -3.84 -36.74 28.33
C ASP B 39 -4.65 -35.48 28.66
N ALA B 40 -3.96 -34.45 29.14
CA ALA B 40 -4.62 -33.21 29.54
C ALA B 40 -5.30 -32.53 28.36
N GLU B 41 -6.58 -32.20 28.53
CA GLU B 41 -7.37 -31.57 27.48
C GLU B 41 -6.77 -30.24 27.01
N TRP B 42 -6.15 -29.52 27.94
CA TRP B 42 -5.65 -28.18 27.65
C TRP B 42 -4.19 -28.16 27.17
N TYR B 43 -3.60 -29.34 27.04
CA TYR B 43 -2.24 -29.45 26.54
C TYR B 43 -2.24 -29.79 25.05
N TRP B 44 -1.69 -28.89 24.24
CA TRP B 44 -1.83 -28.98 22.79
C TRP B 44 -0.54 -29.34 22.08
N GLY B 45 0.47 -29.75 22.84
CA GLY B 45 1.76 -30.12 22.28
C GLY B 45 2.48 -28.94 21.66
N ASP B 46 3.23 -29.20 20.59
CA ASP B 46 3.91 -28.13 19.89
C ASP B 46 3.04 -27.53 18.77
N ILE B 47 2.29 -26.49 19.11
CA ILE B 47 1.55 -25.73 18.10
C ILE B 47 1.98 -24.27 18.14
N SER B 48 1.63 -23.53 17.09
CA SER B 48 2.11 -22.17 16.95
C SER B 48 1.36 -21.21 17.87
N ARG B 49 2.02 -20.10 18.20
CA ARG B 49 1.39 -19.04 18.96
C ARG B 49 0.21 -18.51 18.15
N GLU B 50 0.37 -18.54 16.83
CA GLU B 50 -0.68 -18.14 15.89
C GLU B 50 -1.87 -19.09 15.96
N GLU B 51 -1.59 -20.37 16.13
CA GLU B 51 -2.65 -21.35 16.31
C GLU B 51 -3.34 -21.08 17.63
N VAL B 52 -2.55 -20.77 18.66
CA VAL B 52 -3.07 -20.46 19.98
C VAL B 52 -3.95 -19.22 19.92
N ASN B 53 -3.46 -18.20 19.22
CA ASN B 53 -4.17 -16.94 19.06
C ASN B 53 -5.56 -17.09 18.47
N GLU B 54 -5.69 -17.90 17.44
CA GLU B 54 -6.98 -18.11 16.79
C GLU B 54 -7.96 -18.77 17.75
N LYS B 55 -7.45 -19.67 18.58
CA LYS B 55 -8.27 -20.36 19.55
C LYS B 55 -8.78 -19.43 20.64
N LEU B 56 -7.95 -18.46 21.01
CA LEU B 56 -8.27 -17.56 22.10
C LEU B 56 -8.96 -16.28 21.62
N ARG B 57 -9.04 -16.11 20.31
CA ARG B 57 -9.57 -14.88 19.73
C ARG B 57 -10.98 -14.54 20.23
N ASP B 58 -11.11 -13.35 20.81
CA ASP B 58 -12.39 -12.85 21.31
C ASP B 58 -13.05 -13.83 22.30
N THR B 59 -12.37 -14.09 23.41
CA THR B 59 -12.87 -15.06 24.37
C THR B 59 -13.00 -14.47 25.78
N ALA B 60 -13.77 -15.13 26.63
CA ALA B 60 -13.98 -14.69 28.00
C ALA B 60 -12.69 -14.84 28.81
N ASP B 61 -12.54 -14.01 29.83
CA ASP B 61 -11.40 -14.11 30.74
C ASP B 61 -11.38 -15.46 31.43
N GLY B 62 -10.18 -16.00 31.63
CA GLY B 62 -10.03 -17.29 32.27
C GLY B 62 -9.87 -18.41 31.25
N THR B 63 -10.08 -18.09 29.97
CA THR B 63 -9.89 -19.05 28.91
C THR B 63 -8.40 -19.29 28.67
N PHE B 64 -8.00 -20.54 28.57
CA PHE B 64 -6.58 -20.85 28.56
C PHE B 64 -6.22 -22.16 27.83
N LEU B 65 -4.92 -22.34 27.57
CA LEU B 65 -4.37 -23.59 27.08
C LEU B 65 -2.85 -23.58 27.21
N VAL B 66 -2.25 -24.77 27.12
CA VAL B 66 -0.79 -24.91 27.22
C VAL B 66 -0.20 -25.49 25.95
N ARG B 67 0.90 -24.90 25.48
CA ARG B 67 1.67 -25.44 24.37
C ARG B 67 3.14 -25.56 24.78
N ASP B 68 3.91 -26.27 23.94
CA ASP B 68 5.35 -26.38 24.15
C ASP B 68 6.00 -25.02 23.93
N ALA B 69 7.03 -24.71 24.72
CA ALA B 69 7.74 -23.47 24.54
C ALA B 69 8.59 -23.55 23.28
N SER B 70 9.02 -22.40 22.77
CA SER B 70 9.91 -22.36 21.61
C SER B 70 11.20 -23.10 21.94
N THR B 71 11.67 -23.90 20.99
CA THR B 71 12.88 -24.70 21.20
C THR B 71 14.11 -23.83 21.44
N LYS B 72 14.10 -22.63 20.89
CA LYS B 72 15.24 -21.73 20.95
C LYS B 72 15.26 -20.85 22.21
N MET B 73 14.32 -21.09 23.12
CA MET B 73 14.23 -20.28 24.31
C MET B 73 14.28 -21.12 25.59
N HIS B 74 14.68 -20.49 26.69
CA HIS B 74 14.62 -21.12 28.01
C HIS B 74 13.17 -21.34 28.40
N GLY B 75 12.88 -22.45 29.05
CA GLY B 75 11.52 -22.77 29.45
C GLY B 75 10.98 -24.00 28.73
N ASP B 76 9.95 -24.61 29.30
CA ASP B 76 9.41 -25.85 28.77
C ASP B 76 8.06 -25.66 28.08
N TYR B 77 7.12 -25.05 28.79
CA TYR B 77 5.78 -24.87 28.26
C TYR B 77 5.33 -23.42 28.40
N THR B 78 4.42 -23.01 27.52
CA THR B 78 3.87 -21.67 27.58
C THR B 78 2.38 -21.69 27.88
N LEU B 79 2.00 -21.11 29.01
CA LEU B 79 0.60 -20.95 29.35
C LEU B 79 0.08 -19.66 28.73
N THR B 80 -1.07 -19.74 28.06
CA THR B 80 -1.67 -18.55 27.50
C THR B 80 -3.13 -18.43 27.93
N LEU B 81 -3.46 -17.31 28.55
CA LEU B 81 -4.82 -17.08 29.04
C LEU B 81 -5.33 -15.68 28.73
N ARG B 82 -6.65 -15.54 28.68
CA ARG B 82 -7.29 -14.26 28.40
C ARG B 82 -7.52 -13.47 29.67
N LYS B 83 -7.14 -12.19 29.63
CA LYS B 83 -7.44 -11.26 30.70
C LYS B 83 -7.54 -9.85 30.14
N GLY B 84 -8.71 -9.24 30.27
CA GLY B 84 -8.92 -7.89 29.79
C GLY B 84 -8.86 -7.81 28.28
N GLY B 85 -9.36 -8.85 27.62
CA GLY B 85 -9.41 -8.88 26.17
C GLY B 85 -8.06 -9.06 25.51
N ASN B 86 -7.06 -9.45 26.30
CA ASN B 86 -5.71 -9.68 25.80
C ASN B 86 -5.17 -11.06 26.13
N ASN B 87 -4.24 -11.54 25.30
CA ASN B 87 -3.58 -12.81 25.54
C ASN B 87 -2.34 -12.64 26.41
N LYS B 88 -2.29 -13.38 27.52
CA LYS B 88 -1.15 -13.30 28.43
C LYS B 88 -0.33 -14.59 28.35
N LEU B 89 0.95 -14.46 27.99
CA LEU B 89 1.81 -15.62 27.87
C LEU B 89 2.67 -15.77 29.12
N ILE B 90 2.60 -16.93 29.76
CA ILE B 90 3.35 -17.18 30.99
C ILE B 90 4.23 -18.42 30.87
N LYS B 91 5.53 -18.22 30.86
CA LYS B 91 6.46 -19.33 30.71
C LYS B 91 6.44 -20.26 31.92
N ILE B 92 6.50 -21.56 31.65
CA ILE B 92 6.63 -22.57 32.69
C ILE B 92 8.02 -23.21 32.60
N PHE B 93 8.76 -23.19 33.71
CA PHE B 93 10.14 -23.64 33.73
C PHE B 93 10.27 -24.96 34.47
N HIS B 94 11.30 -25.72 34.16
CA HIS B 94 11.60 -26.94 34.91
C HIS B 94 13.02 -26.99 35.44
N ARG B 95 13.16 -27.42 36.67
CA ARG B 95 14.46 -27.76 37.23
C ARG B 95 14.34 -28.82 38.31
N ASP B 96 15.03 -29.94 38.09
CA ASP B 96 15.16 -31.00 39.07
C ASP B 96 13.81 -31.48 39.64
N GLY B 97 12.87 -31.79 38.75
CA GLY B 97 11.60 -32.33 39.15
C GLY B 97 10.52 -31.30 39.43
N LYS B 98 10.89 -30.03 39.50
CA LYS B 98 9.94 -28.98 39.87
C LYS B 98 9.57 -28.06 38.70
N TYR B 99 8.33 -27.59 38.71
CA TYR B 99 7.83 -26.69 37.67
C TYR B 99 7.28 -25.41 38.28
N GLY B 100 7.29 -24.34 37.49
CA GLY B 100 6.74 -23.08 37.94
C GLY B 100 7.01 -21.88 37.05
N PHE B 101 6.49 -20.73 37.44
CA PHE B 101 6.62 -19.51 36.66
C PHE B 101 7.93 -18.80 36.98
N SER B 102 8.42 -19.00 38.19
CA SER B 102 9.62 -18.30 38.66
C SER B 102 10.20 -19.02 39.86
N ASP B 103 11.46 -18.77 40.15
CA ASP B 103 12.10 -19.35 41.32
C ASP B 103 11.46 -18.81 42.59
N PRO B 104 11.18 -19.70 43.56
CA PRO B 104 11.43 -21.15 43.51
C PRO B 104 10.34 -21.91 42.76
N LEU B 105 10.73 -23.02 42.15
CA LEU B 105 9.79 -23.87 41.43
C LEU B 105 9.20 -24.87 42.42
N THR B 106 7.88 -24.83 42.60
CA THR B 106 7.27 -25.56 43.71
C THR B 106 6.33 -26.70 43.29
N PHE B 107 6.10 -26.85 41.99
CA PHE B 107 5.12 -27.81 41.52
C PHE B 107 5.77 -29.10 41.03
N SER B 108 5.10 -30.22 41.29
CA SER B 108 5.64 -31.53 40.99
C SER B 108 5.39 -31.94 39.55
N SER B 109 4.38 -31.33 38.92
CA SER B 109 4.10 -31.57 37.51
C SER B 109 3.31 -30.40 36.94
N VAL B 110 3.20 -30.35 35.62
CA VAL B 110 2.47 -29.28 34.96
C VAL B 110 0.97 -29.39 35.23
N VAL B 111 0.46 -30.61 35.30
CA VAL B 111 -0.95 -30.84 35.59
C VAL B 111 -1.28 -30.32 36.99
N GLU B 112 -0.34 -30.48 37.91
CA GLU B 112 -0.51 -29.98 39.27
C GLU B 112 -0.57 -28.45 39.31
N LEU B 113 0.29 -27.81 38.53
CA LEU B 113 0.33 -26.35 38.44
C LEU B 113 -0.99 -25.81 37.94
N ILE B 114 -1.46 -26.37 36.82
CA ILE B 114 -2.68 -25.88 36.19
C ILE B 114 -3.90 -26.01 37.10
N ASN B 115 -4.11 -27.22 37.60
CA ASN B 115 -5.24 -27.49 38.49
C ASN B 115 -5.26 -26.57 39.70
N HIS B 116 -4.07 -26.21 40.18
CA HIS B 116 -3.95 -25.30 41.30
C HIS B 116 -4.55 -23.94 40.96
N TYR B 117 -4.17 -23.41 39.80
CA TYR B 117 -4.64 -22.10 39.37
C TYR B 117 -6.01 -22.14 38.72
N ARG B 118 -6.54 -23.34 38.52
CA ARG B 118 -7.94 -23.49 38.14
C ARG B 118 -8.80 -23.20 39.36
N ASN B 119 -8.28 -23.57 40.53
CA ASN B 119 -8.99 -23.42 41.79
C ASN B 119 -8.51 -22.24 42.62
N GLU B 120 -7.49 -21.54 42.14
CA GLU B 120 -6.94 -20.41 42.88
C GLU B 120 -6.51 -19.29 41.93
N SER B 121 -6.68 -18.05 42.35
CA SER B 121 -6.31 -16.90 41.53
C SER B 121 -4.81 -16.82 41.29
N LEU B 122 -4.43 -16.39 40.09
CA LEU B 122 -3.04 -16.15 39.74
C LEU B 122 -2.52 -14.88 40.42
N ALA B 123 -3.40 -14.24 41.19
CA ALA B 123 -3.05 -13.09 42.02
C ALA B 123 -1.90 -13.44 42.95
N GLN B 124 -1.89 -14.68 43.40
CA GLN B 124 -0.81 -15.21 44.22
C GLN B 124 0.51 -15.15 43.47
N TYR B 125 0.49 -15.49 42.19
CA TYR B 125 1.67 -15.33 41.36
C TYR B 125 1.91 -13.85 41.12
N ASN B 126 0.88 -13.16 40.65
CA ASN B 126 0.94 -11.72 40.50
C ASN B 126 -0.43 -11.06 40.66
N PRO B 127 -0.54 -10.13 41.62
CA PRO B 127 -1.78 -9.40 41.87
C PRO B 127 -2.26 -8.59 40.66
N LYS B 128 -1.37 -8.20 39.76
CA LYS B 128 -1.76 -7.34 38.64
C LYS B 128 -2.61 -8.09 37.63
N LEU B 129 -2.67 -9.41 37.80
CA LEU B 129 -3.64 -10.22 37.09
C LEU B 129 -4.37 -11.15 38.07
N ASP B 130 -5.56 -10.71 38.51
CA ASP B 130 -6.41 -11.53 39.37
C ASP B 130 -7.40 -12.30 38.52
N VAL B 131 -7.10 -13.57 38.29
CA VAL B 131 -7.91 -14.40 37.44
C VAL B 131 -7.65 -15.87 37.73
N LYS B 132 -8.66 -16.71 37.53
CA LYS B 132 -8.46 -18.15 37.54
C LYS B 132 -8.50 -18.69 36.12
N LEU B 133 -7.97 -19.89 35.94
CA LEU B 133 -8.04 -20.58 34.66
C LEU B 133 -9.37 -21.31 34.60
N LEU B 134 -10.39 -20.64 34.07
CA LEU B 134 -11.75 -21.15 34.13
C LEU B 134 -12.12 -22.06 32.97
N TYR B 135 -11.70 -21.70 31.77
CA TYR B 135 -12.17 -22.39 30.57
C TYR B 135 -11.01 -22.91 29.73
N PRO B 136 -10.65 -24.19 29.92
CA PRO B 136 -9.64 -24.85 29.09
C PRO B 136 -10.11 -25.06 27.65
N VAL B 137 -9.28 -24.66 26.69
CA VAL B 137 -9.55 -24.98 25.29
C VAL B 137 -9.13 -26.42 25.06
N SER B 138 -10.11 -27.28 24.81
CA SER B 138 -9.87 -28.72 24.81
C SER B 138 -9.53 -29.28 23.43
N LYS B 139 -8.62 -30.24 23.40
CA LYS B 139 -8.27 -30.93 22.16
C LYS B 139 -9.25 -32.05 21.87
N TYR B 140 -10.20 -32.27 22.78
CA TYR B 140 -11.22 -33.29 22.60
C TYR B 140 -12.55 -32.65 22.20
N GLN B 141 -12.55 -31.33 22.05
CA GLN B 141 -13.77 -30.57 21.76
C GLN B 141 -14.53 -31.08 20.54
N GLN B 142 -13.80 -31.46 19.50
CA GLN B 142 -14.43 -31.94 18.28
C GLN B 142 -15.19 -33.26 18.52
N ASP B 143 -14.67 -34.09 19.42
CA ASP B 143 -15.34 -35.34 19.79
C ASP B 143 -16.75 -35.08 20.30
N GLN B 144 -16.90 -33.97 21.00
CA GLN B 144 -18.20 -33.50 21.46
C GLN B 144 -19.06 -33.18 20.24
N VAL B 145 -18.44 -32.62 19.21
CA VAL B 145 -19.17 -32.23 18.00
C VAL B 145 -19.42 -33.42 17.08
N VAL B 146 -18.35 -34.04 16.61
CA VAL B 146 -18.48 -35.24 15.79
C VAL B 146 -18.40 -36.48 16.66
N LYS B 147 -19.52 -37.20 16.77
CA LYS B 147 -19.61 -38.38 17.62
C LYS B 147 -19.54 -39.67 16.78
N GLU B 148 -19.55 -39.51 15.47
CA GLU B 148 -19.36 -40.64 14.57
C GLU B 148 -17.92 -41.15 14.70
N ASP B 149 -17.77 -42.44 15.00
CA ASP B 149 -16.46 -43.02 15.29
C ASP B 149 -15.78 -43.64 14.08
N ASN B 150 -16.45 -43.64 12.93
CA ASN B 150 -15.91 -44.26 11.73
C ASN B 150 -15.11 -43.27 10.87
N ILE B 151 -13.83 -43.57 10.66
CA ILE B 151 -12.94 -42.69 9.90
C ILE B 151 -13.52 -42.27 8.54
N GLU B 152 -13.76 -43.26 7.68
CA GLU B 152 -14.25 -43.01 6.33
C GLU B 152 -15.56 -42.25 6.32
N ALA B 153 -16.42 -42.54 7.30
CA ALA B 153 -17.69 -41.85 7.44
C ALA B 153 -17.48 -40.40 7.87
N VAL B 154 -16.58 -40.20 8.83
CA VAL B 154 -16.24 -38.85 9.27
C VAL B 154 -15.61 -38.09 8.12
N GLY B 155 -14.76 -38.79 7.39
CA GLY B 155 -14.13 -38.24 6.21
C GLY B 155 -15.14 -37.96 5.13
N LYS B 156 -16.24 -38.72 5.14
CA LYS B 156 -17.30 -38.50 4.18
C LYS B 156 -18.01 -37.18 4.46
N LYS B 157 -18.42 -36.97 5.71
CA LYS B 157 -19.08 -35.73 6.10
C LYS B 157 -18.21 -34.51 5.83
N LEU B 158 -16.92 -34.64 6.14
CA LEU B 158 -15.96 -33.57 5.91
C LEU B 158 -15.98 -33.13 4.45
N HIS B 159 -16.14 -34.10 3.55
CA HIS B 159 -16.21 -33.84 2.12
C HIS B 159 -17.47 -33.05 1.78
N GLU B 160 -18.59 -33.42 2.41
CA GLU B 160 -19.85 -32.72 2.19
C GLU B 160 -19.78 -31.31 2.76
N TYR B 161 -19.36 -31.22 4.02
CA TYR B 161 -19.21 -29.95 4.72
C TYR B 161 -18.26 -29.01 3.99
N ASN B 162 -17.17 -29.55 3.46
CA ASN B 162 -16.23 -28.77 2.66
C ASN B 162 -16.88 -28.32 1.36
N THR B 163 -17.69 -29.18 0.76
CA THR B 163 -18.34 -28.87 -0.51
C THR B 163 -19.39 -27.78 -0.35
N GLN B 164 -20.22 -27.90 0.68
CA GLN B 164 -21.23 -26.89 0.99
C GLN B 164 -20.57 -25.54 1.27
N PHE B 165 -19.45 -25.58 1.99
CA PHE B 165 -18.74 -24.37 2.39
C PHE B 165 -18.08 -23.69 1.20
N GLN B 166 -17.50 -24.49 0.30
CA GLN B 166 -16.90 -23.94 -0.91
C GLN B 166 -17.96 -23.34 -1.81
N GLU B 167 -19.14 -23.94 -1.82
CA GLU B 167 -20.26 -23.42 -2.58
C GLU B 167 -20.71 -22.06 -2.05
N LYS B 168 -20.96 -21.98 -0.75
CA LYS B 168 -21.37 -20.72 -0.12
C LYS B 168 -20.33 -19.63 -0.29
N SER B 169 -19.06 -20.03 -0.26
CA SER B 169 -17.97 -19.08 -0.42
C SER B 169 -18.00 -18.42 -1.80
N ARG B 170 -18.22 -19.23 -2.84
CA ARG B 170 -18.27 -18.70 -4.20
C ARG B 170 -19.52 -17.85 -4.39
N GLU B 171 -20.60 -18.23 -3.75
CA GLU B 171 -21.84 -17.47 -3.80
C GLU B 171 -21.61 -16.08 -3.21
N TYR B 172 -20.90 -16.04 -2.09
CA TYR B 172 -20.54 -14.80 -1.42
C TYR B 172 -19.59 -13.97 -2.28
N ASP B 173 -18.69 -14.66 -2.98
CA ASP B 173 -17.72 -14.00 -3.85
C ASP B 173 -18.37 -13.22 -4.97
N ARG B 174 -19.30 -13.87 -5.68
CA ARG B 174 -20.01 -13.22 -6.76
C ARG B 174 -20.87 -12.09 -6.21
N LEU B 175 -21.32 -12.25 -4.97
CA LEU B 175 -22.13 -11.23 -4.32
C LEU B 175 -21.30 -10.00 -4.00
N TYR B 176 -20.05 -10.21 -3.59
CA TYR B 176 -19.18 -9.11 -3.27
C TYR B 176 -18.71 -8.39 -4.54
N GLU B 177 -18.58 -9.16 -5.62
CA GLU B 177 -18.19 -8.61 -6.91
C GLU B 177 -19.23 -7.61 -7.39
N GLU B 178 -20.50 -8.03 -7.36
CA GLU B 178 -21.61 -7.17 -7.73
C GLU B 178 -21.70 -5.99 -6.77
N TYR B 179 -21.46 -6.28 -5.49
CA TYR B 179 -21.47 -5.27 -4.43
C TYR B 179 -20.56 -4.09 -4.75
N THR B 180 -19.32 -4.39 -5.14
CA THR B 180 -18.34 -3.36 -5.47
C THR B 180 -18.68 -2.63 -6.77
N ARG B 181 -19.03 -3.39 -7.80
CA ARG B 181 -19.42 -2.82 -9.09
C ARG B 181 -20.58 -1.86 -8.94
N THR B 182 -21.55 -2.24 -8.10
CA THR B 182 -22.72 -1.42 -7.84
C THR B 182 -22.34 -0.16 -7.07
N SER B 183 -21.49 -0.31 -6.06
CA SER B 183 -21.04 0.82 -5.26
C SER B 183 -20.34 1.84 -6.15
N GLN B 184 -19.55 1.33 -7.09
CA GLN B 184 -18.82 2.18 -8.03
C GLN B 184 -19.74 2.91 -9.00
N GLU B 185 -20.74 2.21 -9.52
CA GLU B 185 -21.69 2.82 -10.45
C GLU B 185 -22.64 3.80 -9.75
N ILE B 186 -22.89 3.56 -8.47
CA ILE B 186 -23.67 4.49 -7.66
C ILE B 186 -22.87 5.77 -7.48
N GLN B 187 -21.56 5.63 -7.29
CA GLN B 187 -20.69 6.79 -7.10
C GLN B 187 -20.66 7.66 -8.35
N MET B 188 -20.50 7.03 -9.51
CA MET B 188 -20.49 7.73 -10.80
C MET B 188 -21.76 8.55 -10.98
N LYS B 189 -22.90 7.92 -10.73
CA LYS B 189 -24.21 8.57 -10.89
C LYS B 189 -24.35 9.80 -10.01
N ARG B 190 -23.82 9.72 -8.80
CA ARG B 190 -23.93 10.80 -7.82
C ARG B 190 -23.21 12.08 -8.24
N THR B 191 -21.95 11.97 -8.67
CA THR B 191 -21.23 13.15 -9.14
C THR B 191 -21.83 13.65 -10.44
N ALA B 192 -22.50 12.76 -11.16
CA ALA B 192 -23.21 13.15 -12.38
C ALA B 192 -24.45 13.95 -12.02
N ILE B 193 -25.10 13.57 -10.91
CA ILE B 193 -26.24 14.31 -10.40
C ILE B 193 -25.83 15.73 -10.02
N GLU B 194 -24.67 15.84 -9.38
CA GLU B 194 -24.12 17.14 -9.03
C GLU B 194 -23.77 17.95 -10.29
N ALA B 195 -23.28 17.24 -11.31
CA ALA B 195 -22.93 17.86 -12.58
C ALA B 195 -24.16 18.43 -13.26
N PHE B 196 -25.27 17.69 -13.16
CA PHE B 196 -26.54 18.12 -13.69
C PHE B 196 -27.07 19.35 -12.96
N ASN B 197 -27.01 19.31 -11.62
CA ASN B 197 -27.42 20.43 -10.79
C ASN B 197 -26.67 21.72 -11.15
N GLU B 198 -25.34 21.61 -11.29
CA GLU B 198 -24.51 22.74 -11.66
C GLU B 198 -24.87 23.25 -13.05
N THR B 199 -25.18 22.33 -13.95
CA THR B 199 -25.62 22.68 -15.30
C THR B 199 -26.93 23.47 -15.22
N ILE B 200 -27.89 22.88 -14.51
CA ILE B 200 -29.20 23.49 -14.33
C ILE B 200 -29.09 24.90 -13.71
N LYS B 201 -28.13 25.06 -12.81
CA LYS B 201 -27.90 26.36 -12.18
C LYS B 201 -27.45 27.42 -13.18
N ILE B 202 -26.68 27.01 -14.18
CA ILE B 202 -26.18 27.93 -15.19
C ILE B 202 -27.28 28.37 -16.15
N PHE B 203 -28.07 27.40 -16.63
CA PHE B 203 -29.16 27.69 -17.54
C PHE B 203 -30.25 28.53 -16.86
N GLU B 204 -30.32 28.46 -15.55
CA GLU B 204 -31.18 29.34 -14.78
C GLU B 204 -30.58 30.74 -14.75
N GLU B 205 -29.26 30.80 -14.57
CA GLU B 205 -28.54 32.07 -14.60
C GLU B 205 -28.68 32.76 -15.96
N GLN B 206 -28.81 31.95 -17.01
CA GLN B 206 -28.97 32.48 -18.35
C GLN B 206 -30.38 33.02 -18.55
N CYS B 207 -31.36 32.35 -17.96
CA CYS B 207 -32.73 32.86 -17.93
C CYS B 207 -32.71 34.21 -17.23
N GLN B 208 -31.99 34.27 -16.12
CA GLN B 208 -31.87 35.49 -15.34
C GLN B 208 -31.20 36.62 -16.13
N THR B 209 -30.14 36.28 -16.85
CA THR B 209 -29.42 37.27 -17.64
C THR B 209 -30.32 37.89 -18.71
N GLN B 210 -30.99 37.05 -19.48
CA GLN B 210 -31.79 37.54 -20.59
C GLN B 210 -32.97 38.38 -20.11
N GLU B 211 -33.56 38.01 -18.98
CA GLU B 211 -34.69 38.74 -18.42
C GLU B 211 -34.22 40.05 -17.81
N ARG B 212 -33.05 40.00 -17.17
CA ARG B 212 -32.41 41.17 -16.59
C ARG B 212 -32.24 42.26 -17.64
N TYR B 213 -31.77 41.85 -18.81
CA TYR B 213 -31.43 42.81 -19.86
C TYR B 213 -32.62 43.15 -20.75
N SER B 214 -33.64 42.29 -20.74
CA SER B 214 -34.77 42.47 -21.66
C SER B 214 -35.70 43.60 -21.24
N LYS B 215 -35.95 43.71 -19.93
CA LYS B 215 -36.96 44.63 -19.42
C LYS B 215 -36.79 46.09 -19.85
N GLU B 216 -35.58 46.46 -20.26
CA GLU B 216 -35.34 47.78 -20.83
C GLU B 216 -35.67 47.81 -22.33
N TYR B 217 -34.97 46.99 -23.11
CA TYR B 217 -35.12 46.98 -24.56
C TYR B 217 -36.55 46.73 -25.02
N ILE B 218 -37.13 45.62 -24.57
CA ILE B 218 -38.51 45.28 -24.90
C ILE B 218 -39.48 46.41 -24.56
N GLU B 219 -39.36 46.95 -23.36
CA GLU B 219 -40.24 48.03 -22.90
C GLU B 219 -40.05 49.29 -23.74
N LYS B 220 -38.85 49.48 -24.28
CA LYS B 220 -38.59 50.61 -25.16
C LYS B 220 -39.00 50.27 -26.59
N PHE B 221 -39.04 48.97 -26.89
CA PHE B 221 -39.35 48.51 -28.24
C PHE B 221 -40.79 48.05 -28.45
N LYS B 222 -41.62 48.14 -27.41
CA LYS B 222 -43.06 48.09 -27.64
C LYS B 222 -43.57 49.52 -27.80
N ARG B 223 -42.72 50.46 -27.44
CA ARG B 223 -42.75 51.80 -28.00
C ARG B 223 -42.02 51.61 -29.32
N GLU B 224 -42.15 52.53 -30.26
CA GLU B 224 -41.62 52.35 -31.62
C GLU B 224 -42.23 51.14 -32.33
N GLY B 225 -43.33 50.63 -31.77
CA GLY B 225 -44.17 49.63 -32.39
C GLY B 225 -43.52 48.42 -33.03
N ASN B 226 -42.51 47.86 -32.37
CA ASN B 226 -41.85 46.66 -32.90
C ASN B 226 -42.23 45.40 -32.14
N GLU B 227 -43.10 44.60 -32.73
CA GLU B 227 -43.47 43.31 -32.17
C GLU B 227 -42.66 42.23 -32.88
N LYS B 228 -42.00 42.63 -33.95
CA LYS B 228 -41.13 41.73 -34.70
C LYS B 228 -39.84 41.51 -33.93
N GLU B 229 -39.50 42.47 -33.07
CA GLU B 229 -38.33 42.34 -32.22
C GLU B 229 -38.61 41.36 -31.09
N ILE B 230 -39.86 40.90 -30.99
CA ILE B 230 -40.26 39.96 -29.94
C ILE B 230 -40.12 38.53 -30.43
N GLN B 231 -40.74 38.24 -31.57
CA GLN B 231 -40.73 36.91 -32.16
C GLN B 231 -39.32 36.36 -32.38
N ARG B 232 -38.33 37.23 -32.24
CA ARG B 232 -36.94 36.78 -32.22
C ARG B 232 -36.46 36.63 -30.78
N ILE B 233 -36.72 37.65 -29.96
CA ILE B 233 -36.29 37.63 -28.57
C ILE B 233 -37.05 36.56 -27.79
N MET B 234 -38.35 36.44 -28.05
CA MET B 234 -39.18 35.49 -27.32
C MET B 234 -38.97 34.05 -27.77
N HIS B 235 -38.77 33.84 -29.07
CA HIS B 235 -38.45 32.53 -29.62
C HIS B 235 -37.19 31.97 -28.98
N ASN B 236 -36.33 32.86 -28.52
CA ASN B 236 -35.08 32.47 -27.87
C ASN B 236 -35.29 32.18 -26.39
N TYR B 237 -36.15 32.95 -25.74
CA TYR B 237 -36.45 32.75 -24.32
C TYR B 237 -37.07 31.39 -24.11
N ASP B 238 -37.99 31.03 -25.00
CA ASP B 238 -38.70 29.75 -24.92
C ASP B 238 -37.81 28.61 -25.37
N LYS B 239 -36.86 28.91 -26.25
CA LYS B 239 -35.86 27.93 -26.64
C LYS B 239 -34.99 27.58 -25.43
N LEU B 240 -34.61 28.61 -24.69
CA LEU B 240 -33.83 28.44 -23.48
C LEU B 240 -34.63 27.69 -22.42
N LYS B 241 -35.88 28.09 -22.23
CA LYS B 241 -36.75 27.45 -21.25
C LYS B 241 -37.01 25.98 -21.57
N SER B 242 -37.07 25.67 -22.86
CA SER B 242 -37.29 24.30 -23.31
C SER B 242 -36.10 23.42 -22.96
N ARG B 243 -34.91 23.90 -23.29
CA ARG B 243 -33.67 23.17 -23.01
C ARG B 243 -33.53 22.90 -21.51
N ILE B 244 -33.89 23.89 -20.70
CA ILE B 244 -33.88 23.76 -19.25
C ILE B 244 -34.73 22.57 -18.80
N SER B 245 -35.96 22.52 -19.30
CA SER B 245 -36.90 21.47 -18.95
C SER B 245 -36.34 20.10 -19.28
N GLU B 246 -35.70 20.00 -20.44
CA GLU B 246 -35.10 18.75 -20.88
C GLU B 246 -34.00 18.29 -19.92
N ILE B 247 -33.15 19.23 -19.51
CA ILE B 247 -32.05 18.92 -18.60
C ILE B 247 -32.56 18.47 -17.24
N ILE B 248 -33.56 19.19 -16.73
CA ILE B 248 -34.20 18.83 -15.47
C ILE B 248 -34.86 17.45 -15.57
N ASP B 249 -35.49 17.19 -16.71
CA ASP B 249 -36.10 15.88 -16.95
C ASP B 249 -35.06 14.77 -16.98
N SER B 250 -33.90 15.06 -17.55
CA SER B 250 -32.84 14.06 -17.66
C SER B 250 -32.18 13.73 -16.33
N ARG B 251 -32.09 14.72 -15.44
CA ARG B 251 -31.48 14.52 -14.13
C ARG B 251 -32.51 13.98 -13.16
N ARG B 252 -33.78 14.10 -13.53
CA ARG B 252 -34.84 13.47 -12.78
C ARG B 252 -34.75 11.98 -13.02
N ARG B 253 -34.49 11.63 -14.28
CA ARG B 253 -34.32 10.23 -14.69
C ARG B 253 -33.18 9.57 -13.94
N LEU B 254 -32.03 10.25 -13.93
CA LEU B 254 -30.84 9.73 -13.26
C LEU B 254 -31.08 9.57 -11.76
N GLU B 255 -31.93 10.43 -11.22
CA GLU B 255 -32.29 10.33 -9.80
C GLU B 255 -33.00 9.02 -9.49
N GLU B 256 -33.91 8.61 -10.37
CA GLU B 256 -34.69 7.39 -10.16
C GLU B 256 -33.81 6.16 -10.38
N ASP B 257 -32.98 6.23 -11.42
CA ASP B 257 -32.01 5.17 -11.71
C ASP B 257 -31.11 4.91 -10.51
N LEU B 258 -30.65 6.00 -9.89
CA LEU B 258 -29.79 5.93 -8.72
C LEU B 258 -30.51 5.30 -7.52
N LYS B 259 -31.70 5.80 -7.23
CA LYS B 259 -32.53 5.28 -6.15
C LYS B 259 -32.77 3.79 -6.30
N LYS B 260 -32.94 3.37 -7.56
CA LYS B 260 -33.14 1.97 -7.91
C LYS B 260 -31.89 1.15 -7.64
N GLN B 261 -30.74 1.66 -8.07
CA GLN B 261 -29.49 0.92 -7.91
C GLN B 261 -29.02 0.94 -6.46
N ALA B 262 -29.31 2.03 -5.75
CA ALA B 262 -29.01 2.11 -4.33
C ALA B 262 -29.80 1.07 -3.56
N ALA B 263 -30.99 0.74 -4.08
CA ALA B 263 -31.83 -0.30 -3.51
C ALA B 263 -31.22 -1.67 -3.75
N GLU B 264 -30.69 -1.88 -4.95
CA GLU B 264 -30.03 -3.14 -5.30
C GLU B 264 -28.82 -3.35 -4.38
N TYR B 265 -28.11 -2.25 -4.14
CA TYR B 265 -26.95 -2.26 -3.26
C TYR B 265 -27.31 -2.76 -1.86
N ARG B 266 -28.35 -2.17 -1.28
CA ARG B 266 -28.77 -2.57 0.05
C ARG B 266 -29.32 -3.99 0.06
N GLU B 267 -29.88 -4.41 -1.06
CA GLU B 267 -30.39 -5.77 -1.18
C GLU B 267 -29.25 -6.77 -1.28
N ILE B 268 -28.18 -6.39 -1.97
CA ILE B 268 -27.00 -7.22 -2.06
C ILE B 268 -26.36 -7.34 -0.67
N ASP B 269 -26.35 -6.24 0.06
CA ASP B 269 -25.76 -6.20 1.40
C ASP B 269 -26.51 -7.14 2.34
N LYS B 270 -27.83 -7.16 2.22
CA LYS B 270 -28.67 -8.03 3.03
C LYS B 270 -28.33 -9.49 2.80
N ARG B 271 -28.30 -9.88 1.52
CA ARG B 271 -28.00 -11.24 1.12
C ARG B 271 -26.63 -11.70 1.64
N MET B 272 -25.63 -10.84 1.50
CA MET B 272 -24.29 -11.15 1.99
C MET B 272 -24.28 -11.29 3.50
N ASN B 273 -25.06 -10.46 4.18
CA ASN B 273 -25.20 -10.54 5.63
C ASN B 273 -25.96 -11.79 6.08
N SER B 274 -26.65 -12.43 5.14
CA SER B 274 -27.31 -13.70 5.41
C SER B 274 -26.34 -14.85 5.22
N ILE B 275 -25.45 -14.72 4.22
CA ILE B 275 -24.49 -15.76 3.90
C ILE B 275 -23.36 -15.84 4.94
N LYS B 276 -22.94 -14.68 5.45
CA LYS B 276 -21.85 -14.60 6.41
C LYS B 276 -21.91 -15.56 7.63
N PRO B 277 -23.04 -15.58 8.36
CA PRO B 277 -23.07 -16.49 9.52
C PRO B 277 -22.96 -17.96 9.13
N ASP B 278 -23.63 -18.34 8.05
CA ASP B 278 -23.59 -19.71 7.54
C ASP B 278 -22.17 -20.07 7.13
N LEU B 279 -21.44 -19.09 6.60
CA LEU B 279 -20.07 -19.29 6.17
C LEU B 279 -19.15 -19.67 7.32
N ILE B 280 -19.21 -18.88 8.40
CA ILE B 280 -18.30 -19.06 9.52
C ILE B 280 -18.54 -20.41 10.17
N GLN B 281 -19.82 -20.73 10.37
CA GLN B 281 -20.22 -21.98 11.00
C GLN B 281 -19.77 -23.18 10.16
N LEU B 282 -19.86 -23.05 8.84
CA LEU B 282 -19.46 -24.12 7.93
C LEU B 282 -17.96 -24.35 7.98
N ARG B 283 -17.20 -23.27 8.07
CA ARG B 283 -15.75 -23.36 8.17
C ARG B 283 -15.33 -23.99 9.49
N LYS B 284 -16.03 -23.62 10.56
CA LYS B 284 -15.72 -24.12 11.89
C LYS B 284 -16.05 -25.60 12.03
N THR B 285 -17.16 -26.02 11.40
CA THR B 285 -17.54 -27.43 11.41
C THR B 285 -16.55 -28.24 10.58
N ARG B 286 -16.16 -27.69 9.43
CA ARG B 286 -15.16 -28.32 8.58
C ARG B 286 -13.84 -28.46 9.32
N ASP B 287 -13.49 -27.42 10.06
CA ASP B 287 -12.24 -27.38 10.82
C ASP B 287 -12.20 -28.45 11.90
N GLN B 288 -13.32 -28.62 12.60
CA GLN B 288 -13.42 -29.64 13.64
C GLN B 288 -13.28 -31.04 13.07
N TYR B 289 -13.94 -31.27 11.93
CA TYR B 289 -13.86 -32.56 11.25
C TYR B 289 -12.47 -32.79 10.70
N LEU B 290 -11.73 -31.71 10.47
CA LEU B 290 -10.34 -31.81 10.06
C LEU B 290 -9.52 -32.22 11.27
N MET B 291 -9.80 -31.59 12.40
CA MET B 291 -9.10 -31.86 13.65
C MET B 291 -9.27 -33.33 14.07
N TRP B 292 -10.52 -33.79 14.08
CA TRP B 292 -10.85 -35.15 14.45
C TRP B 292 -10.10 -36.16 13.60
N LEU B 293 -9.99 -35.86 12.30
CA LEU B 293 -9.32 -36.74 11.35
C LEU B 293 -7.81 -36.55 11.32
N THR B 294 -7.35 -35.37 11.76
CA THR B 294 -5.91 -35.11 11.86
C THR B 294 -5.32 -35.87 13.04
N GLN B 295 -6.04 -35.86 14.17
CA GLN B 295 -5.86 -36.90 15.18
C GLN B 295 -6.36 -38.20 14.53
N LYS B 296 -5.91 -39.33 15.05
CA LYS B 296 -6.08 -40.63 14.37
C LYS B 296 -5.15 -40.71 13.15
N GLY B 297 -4.45 -39.61 12.88
CA GLY B 297 -3.40 -39.57 11.87
C GLY B 297 -3.75 -40.05 10.48
N VAL B 298 -4.73 -39.42 9.85
CA VAL B 298 -5.05 -39.72 8.46
C VAL B 298 -3.94 -39.18 7.55
N ARG B 299 -3.50 -40.01 6.61
CA ARG B 299 -2.53 -39.60 5.61
C ARG B 299 -2.96 -38.29 4.95
N GLN B 300 -2.01 -37.38 4.75
CA GLN B 300 -2.30 -36.09 4.13
C GLN B 300 -2.98 -36.26 2.77
N LYS B 301 -2.56 -37.30 2.05
CA LYS B 301 -3.12 -37.60 0.75
C LYS B 301 -4.62 -37.89 0.82
N LYS B 302 -5.00 -38.77 1.74
CA LYS B 302 -6.41 -39.12 1.91
C LYS B 302 -7.24 -37.90 2.29
N LEU B 303 -6.66 -37.02 3.11
CA LEU B 303 -7.33 -35.78 3.50
C LEU B 303 -7.65 -34.94 2.27
N ASN B 304 -6.68 -34.76 1.39
CA ASN B 304 -6.81 -33.85 0.26
C ASN B 304 -7.80 -34.32 -0.80
N GLU B 305 -8.16 -35.59 -0.78
CA GLU B 305 -9.21 -36.10 -1.65
C GLU B 305 -10.55 -35.61 -1.12
N TRP B 306 -10.67 -35.59 0.21
CA TRP B 306 -11.89 -35.20 0.88
C TRP B 306 -12.06 -33.68 0.87
N LEU B 307 -10.95 -32.96 1.02
CA LEU B 307 -10.97 -31.51 1.02
C LEU B 307 -11.17 -30.94 -0.38
#